data_3SO8
# 
_entry.id   3SO8 
# 
_audit_conform.dict_name       mmcif_pdbx.dic 
_audit_conform.dict_version    5.387 
_audit_conform.dict_location   http://mmcif.pdb.org/dictionaries/ascii/mmcif_pdbx.dic 
# 
loop_
_database_2.database_id 
_database_2.database_code 
_database_2.pdbx_database_accession 
_database_2.pdbx_DOI 
PDB   3SO8         pdb_00003so8 10.2210/pdb3so8/pdb 
RCSB  RCSB066446   ?            ?                   
WWPDB D_1000066446 ?            ?                   
# 
loop_
_pdbx_audit_revision_history.ordinal 
_pdbx_audit_revision_history.data_content_type 
_pdbx_audit_revision_history.major_revision 
_pdbx_audit_revision_history.minor_revision 
_pdbx_audit_revision_history.revision_date 
1 'Structure model' 1 0 2011-10-05 
2 'Structure model' 1 1 2012-06-13 
3 'Structure model' 1 2 2018-01-24 
4 'Structure model' 1 3 2024-02-28 
# 
_pdbx_audit_revision_details.ordinal             1 
_pdbx_audit_revision_details.revision_ordinal    1 
_pdbx_audit_revision_details.data_content_type   'Structure model' 
_pdbx_audit_revision_details.provider            repository 
_pdbx_audit_revision_details.type                'Initial release' 
_pdbx_audit_revision_details.description         ? 
_pdbx_audit_revision_details.details             ? 
# 
loop_
_pdbx_audit_revision_group.ordinal 
_pdbx_audit_revision_group.revision_ordinal 
_pdbx_audit_revision_group.data_content_type 
_pdbx_audit_revision_group.group 
1 2 'Structure model' 'Database references' 
2 3 'Structure model' 'Structure summary'   
3 4 'Structure model' 'Data collection'     
4 4 'Structure model' 'Database references' 
# 
loop_
_pdbx_audit_revision_category.ordinal 
_pdbx_audit_revision_category.revision_ordinal 
_pdbx_audit_revision_category.data_content_type 
_pdbx_audit_revision_category.category 
1 3 'Structure model' audit_author   
2 4 'Structure model' chem_comp_atom 
3 4 'Structure model' chem_comp_bond 
4 4 'Structure model' database_2     
# 
loop_
_pdbx_audit_revision_item.ordinal 
_pdbx_audit_revision_item.revision_ordinal 
_pdbx_audit_revision_item.data_content_type 
_pdbx_audit_revision_item.item 
1 3 'Structure model' '_audit_author.name'                  
2 4 'Structure model' '_database_2.pdbx_DOI'                
3 4 'Structure model' '_database_2.pdbx_database_accession' 
# 
_pdbx_database_status.status_code                     REL 
_pdbx_database_status.entry_id                        3SO8 
_pdbx_database_status.recvd_initial_deposition_date   2011-06-30 
_pdbx_database_status.deposit_site                    RCSB 
_pdbx_database_status.process_site                    RCSB 
_pdbx_database_status.status_code_sf                  REL 
_pdbx_database_status.status_code_mr                  ? 
_pdbx_database_status.SG_entry                        Y 
_pdbx_database_status.status_code_cs                  ? 
_pdbx_database_status.pdb_format_compatible           Y 
_pdbx_database_status.methods_development_category    ? 
_pdbx_database_status.status_code_nmr_data            ? 
# 
loop_
_audit_author.name 
_audit_author.pdbx_ordinal 
'Xu, C.'                               1 
'Bochkarev, A.'                        2 
'Bian, C.B.'                           3 
'Min, J.'                              4 
'Structural Genomics Consortium (SGC)' 5 
# 
_citation.id                        primary 
_citation.title                     'Sequence-Specific Recognition of a PxLPxI/L Motif by an Ankyrin Repeat Tumbler Lock.' 
_citation.journal_abbrev            Sci.Signal. 
_citation.journal_volume            5 
_citation.page_first                ra39 
_citation.page_last                 ra39 
_citation.year                      2012 
_citation.journal_id_ASTM           ? 
_citation.country                   US 
_citation.journal_id_ISSN           1937-9145 
_citation.journal_id_CSD            ? 
_citation.book_publisher            ? 
_citation.pdbx_database_id_PubMed   22649097 
_citation.pdbx_database_id_DOI      10.1126/scisignal.2002979 
# 
loop_
_citation_author.citation_id 
_citation_author.name 
_citation_author.ordinal 
_citation_author.identifier_ORCID 
primary 'Xu, C.'           1  ? 
primary 'Jin, J.'          2  ? 
primary 'Bian, C.'         3  ? 
primary 'Lam, R.'          4  ? 
primary 'Tian, R.'         5  ? 
primary 'Weist, R.'        6  ? 
primary 'You, L.'          7  ? 
primary 'Nie, J.'          8  ? 
primary 'Bochkarev, A.'    9  ? 
primary 'Tempel, W.'       10 ? 
primary 'Tan, C.S.'        11 ? 
primary 'Wasney, G.A.'     12 ? 
primary 'Vedadi, M.'       13 ? 
primary 'Gish, G.D.'       14 ? 
primary 'Arrowsmith, C.H.' 15 ? 
primary 'Pawson, T.'       16 ? 
primary 'Yang, X.J.'       17 ? 
primary 'Min, J.'          18 ? 
# 
loop_
_entity.id 
_entity.type 
_entity.src_method 
_entity.pdbx_description 
_entity.formula_weight 
_entity.pdbx_number_of_molecules 
_entity.pdbx_ec 
_entity.pdbx_mutation 
_entity.pdbx_fragment 
_entity.details 
1 polymer man 'Ankyrin repeat family A protein 2' 17671.969 1  ? ? 'UNP residues 149-310' ? 
2 water   nat water                               18.015    49 ? ? ?                      ? 
# 
_entity_name_com.entity_id   1 
_entity_name_com.name        'RFXANK-like protein 2' 
# 
_entity_poly.entity_id                      1 
_entity_poly.type                           'polypeptide(L)' 
_entity_poly.nstd_linkage                   no 
_entity_poly.nstd_monomer                   no 
_entity_poly.pdbx_seq_one_letter_code       
;NSLSVHQLAAQGEMLYLATRIEQENVINHTDEEGFTPLMWAAAHGQIAVVEFLLQNGADPQLLGKGRESALSLACSKGYT
DIVKMLLDCGVDVNEYDWNGGTPLLYAVHGNHVKCVKMLLESGADPTIETDSGYNSMDLAVALGYRSVQQVIESHLLKLL
QN
;
_entity_poly.pdbx_seq_one_letter_code_can   
;NSLSVHQLAAQGEMLYLATRIEQENVINHTDEEGFTPLMWAAAHGQIAVVEFLLQNGADPQLLGKGRESALSLACSKGYT
DIVKMLLDCGVDVNEYDWNGGTPLLYAVHGNHVKCVKMLLESGADPTIETDSGYNSMDLAVALGYRSVQQVIESHLLKLL
QN
;
_entity_poly.pdbx_strand_id                 A 
_entity_poly.pdbx_target_identifier         ? 
# 
_pdbx_entity_nonpoly.entity_id   2 
_pdbx_entity_nonpoly.name        water 
_pdbx_entity_nonpoly.comp_id     HOH 
# 
loop_
_entity_poly_seq.entity_id 
_entity_poly_seq.num 
_entity_poly_seq.mon_id 
_entity_poly_seq.hetero 
1 1   ASN n 
1 2   SER n 
1 3   LEU n 
1 4   SER n 
1 5   VAL n 
1 6   HIS n 
1 7   GLN n 
1 8   LEU n 
1 9   ALA n 
1 10  ALA n 
1 11  GLN n 
1 12  GLY n 
1 13  GLU n 
1 14  MET n 
1 15  LEU n 
1 16  TYR n 
1 17  LEU n 
1 18  ALA n 
1 19  THR n 
1 20  ARG n 
1 21  ILE n 
1 22  GLU n 
1 23  GLN n 
1 24  GLU n 
1 25  ASN n 
1 26  VAL n 
1 27  ILE n 
1 28  ASN n 
1 29  HIS n 
1 30  THR n 
1 31  ASP n 
1 32  GLU n 
1 33  GLU n 
1 34  GLY n 
1 35  PHE n 
1 36  THR n 
1 37  PRO n 
1 38  LEU n 
1 39  MET n 
1 40  TRP n 
1 41  ALA n 
1 42  ALA n 
1 43  ALA n 
1 44  HIS n 
1 45  GLY n 
1 46  GLN n 
1 47  ILE n 
1 48  ALA n 
1 49  VAL n 
1 50  VAL n 
1 51  GLU n 
1 52  PHE n 
1 53  LEU n 
1 54  LEU n 
1 55  GLN n 
1 56  ASN n 
1 57  GLY n 
1 58  ALA n 
1 59  ASP n 
1 60  PRO n 
1 61  GLN n 
1 62  LEU n 
1 63  LEU n 
1 64  GLY n 
1 65  LYS n 
1 66  GLY n 
1 67  ARG n 
1 68  GLU n 
1 69  SER n 
1 70  ALA n 
1 71  LEU n 
1 72  SER n 
1 73  LEU n 
1 74  ALA n 
1 75  CYS n 
1 76  SER n 
1 77  LYS n 
1 78  GLY n 
1 79  TYR n 
1 80  THR n 
1 81  ASP n 
1 82  ILE n 
1 83  VAL n 
1 84  LYS n 
1 85  MET n 
1 86  LEU n 
1 87  LEU n 
1 88  ASP n 
1 89  CYS n 
1 90  GLY n 
1 91  VAL n 
1 92  ASP n 
1 93  VAL n 
1 94  ASN n 
1 95  GLU n 
1 96  TYR n 
1 97  ASP n 
1 98  TRP n 
1 99  ASN n 
1 100 GLY n 
1 101 GLY n 
1 102 THR n 
1 103 PRO n 
1 104 LEU n 
1 105 LEU n 
1 106 TYR n 
1 107 ALA n 
1 108 VAL n 
1 109 HIS n 
1 110 GLY n 
1 111 ASN n 
1 112 HIS n 
1 113 VAL n 
1 114 LYS n 
1 115 CYS n 
1 116 VAL n 
1 117 LYS n 
1 118 MET n 
1 119 LEU n 
1 120 LEU n 
1 121 GLU n 
1 122 SER n 
1 123 GLY n 
1 124 ALA n 
1 125 ASP n 
1 126 PRO n 
1 127 THR n 
1 128 ILE n 
1 129 GLU n 
1 130 THR n 
1 131 ASP n 
1 132 SER n 
1 133 GLY n 
1 134 TYR n 
1 135 ASN n 
1 136 SER n 
1 137 MET n 
1 138 ASP n 
1 139 LEU n 
1 140 ALA n 
1 141 VAL n 
1 142 ALA n 
1 143 LEU n 
1 144 GLY n 
1 145 TYR n 
1 146 ARG n 
1 147 SER n 
1 148 VAL n 
1 149 GLN n 
1 150 GLN n 
1 151 VAL n 
1 152 ILE n 
1 153 GLU n 
1 154 SER n 
1 155 HIS n 
1 156 LEU n 
1 157 LEU n 
1 158 LYS n 
1 159 LEU n 
1 160 LEU n 
1 161 GLN n 
1 162 ASN n 
# 
_entity_src_gen.entity_id                          1 
_entity_src_gen.pdbx_src_id                        1 
_entity_src_gen.pdbx_alt_source_flag               sample 
_entity_src_gen.pdbx_seq_type                      ? 
_entity_src_gen.pdbx_beg_seq_num                   ? 
_entity_src_gen.pdbx_end_seq_num                   ? 
_entity_src_gen.gene_src_common_name               human 
_entity_src_gen.gene_src_genus                     ? 
_entity_src_gen.pdbx_gene_src_gene                 'ANKRA2, ANKRA' 
_entity_src_gen.gene_src_species                   ? 
_entity_src_gen.gene_src_strain                    ? 
_entity_src_gen.gene_src_tissue                    ? 
_entity_src_gen.gene_src_tissue_fraction           ? 
_entity_src_gen.gene_src_details                   ? 
_entity_src_gen.pdbx_gene_src_fragment             ? 
_entity_src_gen.pdbx_gene_src_scientific_name      'Homo sapiens' 
_entity_src_gen.pdbx_gene_src_ncbi_taxonomy_id     9606 
_entity_src_gen.pdbx_gene_src_variant              ? 
_entity_src_gen.pdbx_gene_src_cell_line            ? 
_entity_src_gen.pdbx_gene_src_atcc                 ? 
_entity_src_gen.pdbx_gene_src_organ                ? 
_entity_src_gen.pdbx_gene_src_organelle            ? 
_entity_src_gen.pdbx_gene_src_cell                 ? 
_entity_src_gen.pdbx_gene_src_cellular_location    ? 
_entity_src_gen.host_org_common_name               ? 
_entity_src_gen.pdbx_host_org_scientific_name      'Escherichia coli' 
_entity_src_gen.pdbx_host_org_ncbi_taxonomy_id     562 
_entity_src_gen.host_org_genus                     ? 
_entity_src_gen.pdbx_host_org_gene                 ? 
_entity_src_gen.pdbx_host_org_organ                ? 
_entity_src_gen.host_org_species                   ? 
_entity_src_gen.pdbx_host_org_tissue               ? 
_entity_src_gen.pdbx_host_org_tissue_fraction      ? 
_entity_src_gen.pdbx_host_org_strain               ? 
_entity_src_gen.pdbx_host_org_variant              ? 
_entity_src_gen.pdbx_host_org_cell_line            ? 
_entity_src_gen.pdbx_host_org_atcc                 ? 
_entity_src_gen.pdbx_host_org_culture_collection   ? 
_entity_src_gen.pdbx_host_org_cell                 ? 
_entity_src_gen.pdbx_host_org_organelle            ? 
_entity_src_gen.pdbx_host_org_cellular_location    ? 
_entity_src_gen.pdbx_host_org_vector_type          ? 
_entity_src_gen.pdbx_host_org_vector               ? 
_entity_src_gen.host_org_details                   ? 
_entity_src_gen.expression_system_id               ? 
_entity_src_gen.plasmid_name                       ? 
_entity_src_gen.plasmid_details                    ? 
_entity_src_gen.pdbx_description                   ? 
# 
loop_
_chem_comp.id 
_chem_comp.type 
_chem_comp.mon_nstd_flag 
_chem_comp.name 
_chem_comp.pdbx_synonyms 
_chem_comp.formula 
_chem_comp.formula_weight 
ALA 'L-peptide linking' y ALANINE         ? 'C3 H7 N O2'     89.093  
ARG 'L-peptide linking' y ARGININE        ? 'C6 H15 N4 O2 1' 175.209 
ASN 'L-peptide linking' y ASPARAGINE      ? 'C4 H8 N2 O3'    132.118 
ASP 'L-peptide linking' y 'ASPARTIC ACID' ? 'C4 H7 N O4'     133.103 
CYS 'L-peptide linking' y CYSTEINE        ? 'C3 H7 N O2 S'   121.158 
GLN 'L-peptide linking' y GLUTAMINE       ? 'C5 H10 N2 O3'   146.144 
GLU 'L-peptide linking' y 'GLUTAMIC ACID' ? 'C5 H9 N O4'     147.129 
GLY 'peptide linking'   y GLYCINE         ? 'C2 H5 N O2'     75.067  
HIS 'L-peptide linking' y HISTIDINE       ? 'C6 H10 N3 O2 1' 156.162 
HOH non-polymer         . WATER           ? 'H2 O'           18.015  
ILE 'L-peptide linking' y ISOLEUCINE      ? 'C6 H13 N O2'    131.173 
LEU 'L-peptide linking' y LEUCINE         ? 'C6 H13 N O2'    131.173 
LYS 'L-peptide linking' y LYSINE          ? 'C6 H15 N2 O2 1' 147.195 
MET 'L-peptide linking' y METHIONINE      ? 'C5 H11 N O2 S'  149.211 
PHE 'L-peptide linking' y PHENYLALANINE   ? 'C9 H11 N O2'    165.189 
PRO 'L-peptide linking' y PROLINE         ? 'C5 H9 N O2'     115.130 
SER 'L-peptide linking' y SERINE          ? 'C3 H7 N O3'     105.093 
THR 'L-peptide linking' y THREONINE       ? 'C4 H9 N O3'     119.119 
TRP 'L-peptide linking' y TRYPTOPHAN      ? 'C11 H12 N2 O2'  204.225 
TYR 'L-peptide linking' y TYROSINE        ? 'C9 H11 N O3'    181.189 
VAL 'L-peptide linking' y VALINE          ? 'C5 H11 N O2'    117.146 
# 
loop_
_pdbx_poly_seq_scheme.asym_id 
_pdbx_poly_seq_scheme.entity_id 
_pdbx_poly_seq_scheme.seq_id 
_pdbx_poly_seq_scheme.mon_id 
_pdbx_poly_seq_scheme.ndb_seq_num 
_pdbx_poly_seq_scheme.pdb_seq_num 
_pdbx_poly_seq_scheme.auth_seq_num 
_pdbx_poly_seq_scheme.pdb_mon_id 
_pdbx_poly_seq_scheme.auth_mon_id 
_pdbx_poly_seq_scheme.pdb_strand_id 
_pdbx_poly_seq_scheme.pdb_ins_code 
_pdbx_poly_seq_scheme.hetero 
A 1 1   ASN 1   8   8   ASN ASN A . n 
A 1 2   SER 2   9   9   SER SER A . n 
A 1 3   LEU 3   10  10  LEU LEU A . n 
A 1 4   SER 4   11  11  SER SER A . n 
A 1 5   VAL 5   12  12  VAL VAL A . n 
A 1 6   HIS 6   13  13  HIS HIS A . n 
A 1 7   GLN 7   14  14  GLN GLN A . n 
A 1 8   LEU 8   15  15  LEU LEU A . n 
A 1 9   ALA 9   16  16  ALA ALA A . n 
A 1 10  ALA 10  17  17  ALA ALA A . n 
A 1 11  GLN 11  18  18  GLN GLN A . n 
A 1 12  GLY 12  19  19  GLY GLY A . n 
A 1 13  GLU 13  20  20  GLU GLU A . n 
A 1 14  MET 14  21  21  MET MET A . n 
A 1 15  LEU 15  22  22  LEU LEU A . n 
A 1 16  TYR 16  23  23  TYR TYR A . n 
A 1 17  LEU 17  24  24  LEU LEU A . n 
A 1 18  ALA 18  25  25  ALA ALA A . n 
A 1 19  THR 19  26  26  THR THR A . n 
A 1 20  ARG 20  27  27  ARG ARG A . n 
A 1 21  ILE 21  28  28  ILE ILE A . n 
A 1 22  GLU 22  29  29  GLU GLU A . n 
A 1 23  GLN 23  30  30  GLN GLN A . n 
A 1 24  GLU 24  31  31  GLU GLU A . n 
A 1 25  ASN 25  32  32  ASN ASN A . n 
A 1 26  VAL 26  33  33  VAL VAL A . n 
A 1 27  ILE 27  34  34  ILE ILE A . n 
A 1 28  ASN 28  35  35  ASN ASN A . n 
A 1 29  HIS 29  36  36  HIS HIS A . n 
A 1 30  THR 30  37  37  THR THR A . n 
A 1 31  ASP 31  38  38  ASP ASP A . n 
A 1 32  GLU 32  39  39  GLU GLU A . n 
A 1 33  GLU 33  40  40  GLU GLU A . n 
A 1 34  GLY 34  41  41  GLY GLY A . n 
A 1 35  PHE 35  42  42  PHE PHE A . n 
A 1 36  THR 36  43  43  THR THR A . n 
A 1 37  PRO 37  44  44  PRO PRO A . n 
A 1 38  LEU 38  45  45  LEU LEU A . n 
A 1 39  MET 39  46  46  MET MET A . n 
A 1 40  TRP 40  47  47  TRP TRP A . n 
A 1 41  ALA 41  48  48  ALA ALA A . n 
A 1 42  ALA 42  49  49  ALA ALA A . n 
A 1 43  ALA 43  50  50  ALA ALA A . n 
A 1 44  HIS 44  51  51  HIS HIS A . n 
A 1 45  GLY 45  52  52  GLY GLY A . n 
A 1 46  GLN 46  53  53  GLN GLN A . n 
A 1 47  ILE 47  54  54  ILE ILE A . n 
A 1 48  ALA 48  55  55  ALA ALA A . n 
A 1 49  VAL 49  56  56  VAL VAL A . n 
A 1 50  VAL 50  57  57  VAL VAL A . n 
A 1 51  GLU 51  58  58  GLU GLU A . n 
A 1 52  PHE 52  59  59  PHE PHE A . n 
A 1 53  LEU 53  60  60  LEU LEU A . n 
A 1 54  LEU 54  61  61  LEU LEU A . n 
A 1 55  GLN 55  62  62  GLN GLN A . n 
A 1 56  ASN 56  63  63  ASN ASN A . n 
A 1 57  GLY 57  64  64  GLY GLY A . n 
A 1 58  ALA 58  65  65  ALA ALA A . n 
A 1 59  ASP 59  66  66  ASP ASP A . n 
A 1 60  PRO 60  67  67  PRO PRO A . n 
A 1 61  GLN 61  68  68  GLN GLN A . n 
A 1 62  LEU 62  69  69  LEU LEU A . n 
A 1 63  LEU 63  70  70  LEU LEU A . n 
A 1 64  GLY 64  71  71  GLY GLY A . n 
A 1 65  LYS 65  72  72  LYS LYS A . n 
A 1 66  GLY 66  73  73  GLY GLY A . n 
A 1 67  ARG 67  74  74  ARG ARG A . n 
A 1 68  GLU 68  75  75  GLU GLU A . n 
A 1 69  SER 69  76  76  SER SER A . n 
A 1 70  ALA 70  77  77  ALA ALA A . n 
A 1 71  LEU 71  78  78  LEU LEU A . n 
A 1 72  SER 72  79  79  SER SER A . n 
A 1 73  LEU 73  80  80  LEU LEU A . n 
A 1 74  ALA 74  81  81  ALA ALA A . n 
A 1 75  CYS 75  82  82  CYS CYS A . n 
A 1 76  SER 76  83  83  SER SER A . n 
A 1 77  LYS 77  84  84  LYS LYS A . n 
A 1 78  GLY 78  85  85  GLY GLY A . n 
A 1 79  TYR 79  86  86  TYR TYR A . n 
A 1 80  THR 80  87  87  THR THR A . n 
A 1 81  ASP 81  88  88  ASP ASP A . n 
A 1 82  ILE 82  89  89  ILE ILE A . n 
A 1 83  VAL 83  90  90  VAL VAL A . n 
A 1 84  LYS 84  91  91  LYS LYS A . n 
A 1 85  MET 85  92  92  MET MET A . n 
A 1 86  LEU 86  93  93  LEU LEU A . n 
A 1 87  LEU 87  94  94  LEU LEU A . n 
A 1 88  ASP 88  95  95  ASP ASP A . n 
A 1 89  CYS 89  96  96  CYS CYS A . n 
A 1 90  GLY 90  97  97  GLY GLY A . n 
A 1 91  VAL 91  98  98  VAL VAL A . n 
A 1 92  ASP 92  99  99  ASP ASP A . n 
A 1 93  VAL 93  100 100 VAL VAL A . n 
A 1 94  ASN 94  101 101 ASN ASN A . n 
A 1 95  GLU 95  102 102 GLU GLU A . n 
A 1 96  TYR 96  103 103 TYR TYR A . n 
A 1 97  ASP 97  104 104 ASP ASP A . n 
A 1 98  TRP 98  105 105 TRP TRP A . n 
A 1 99  ASN 99  106 106 ASN ASN A . n 
A 1 100 GLY 100 107 107 GLY GLY A . n 
A 1 101 GLY 101 108 108 GLY GLY A . n 
A 1 102 THR 102 109 109 THR THR A . n 
A 1 103 PRO 103 110 110 PRO PRO A . n 
A 1 104 LEU 104 111 111 LEU LEU A . n 
A 1 105 LEU 105 112 112 LEU LEU A . n 
A 1 106 TYR 106 113 113 TYR TYR A . n 
A 1 107 ALA 107 114 114 ALA ALA A . n 
A 1 108 VAL 108 115 115 VAL VAL A . n 
A 1 109 HIS 109 116 116 HIS HIS A . n 
A 1 110 GLY 110 117 117 GLY GLY A . n 
A 1 111 ASN 111 118 118 ASN ASN A . n 
A 1 112 HIS 112 119 119 HIS HIS A . n 
A 1 113 VAL 113 120 120 VAL VAL A . n 
A 1 114 LYS 114 121 121 LYS LYS A . n 
A 1 115 CYS 115 122 122 CYS CYS A . n 
A 1 116 VAL 116 123 123 VAL VAL A . n 
A 1 117 LYS 117 124 124 LYS LYS A . n 
A 1 118 MET 118 125 125 MET MET A . n 
A 1 119 LEU 119 126 126 LEU LEU A . n 
A 1 120 LEU 120 127 127 LEU LEU A . n 
A 1 121 GLU 121 128 128 GLU GLU A . n 
A 1 122 SER 122 129 129 SER SER A . n 
A 1 123 GLY 123 130 130 GLY GLY A . n 
A 1 124 ALA 124 131 131 ALA ALA A . n 
A 1 125 ASP 125 132 132 ASP ASP A . n 
A 1 126 PRO 126 133 133 PRO PRO A . n 
A 1 127 THR 127 134 134 THR THR A . n 
A 1 128 ILE 128 135 135 ILE ILE A . n 
A 1 129 GLU 129 136 136 GLU GLU A . n 
A 1 130 THR 130 137 137 THR THR A . n 
A 1 131 ASP 131 138 138 ASP ASP A . n 
A 1 132 SER 132 139 139 SER SER A . n 
A 1 133 GLY 133 140 140 GLY GLY A . n 
A 1 134 TYR 134 141 141 TYR TYR A . n 
A 1 135 ASN 135 142 142 ASN ASN A . n 
A 1 136 SER 136 143 143 SER SER A . n 
A 1 137 MET 137 144 144 MET MET A . n 
A 1 138 ASP 138 145 145 ASP ASP A . n 
A 1 139 LEU 139 146 146 LEU LEU A . n 
A 1 140 ALA 140 147 147 ALA ALA A . n 
A 1 141 VAL 141 148 148 VAL VAL A . n 
A 1 142 ALA 142 149 149 ALA ALA A . n 
A 1 143 LEU 143 150 150 LEU LEU A . n 
A 1 144 GLY 144 151 151 GLY GLY A . n 
A 1 145 TYR 145 152 152 TYR TYR A . n 
A 1 146 ARG 146 153 153 ARG ARG A . n 
A 1 147 SER 147 154 154 SER SER A . n 
A 1 148 VAL 148 155 155 VAL VAL A . n 
A 1 149 GLN 149 156 156 GLN GLN A . n 
A 1 150 GLN 150 157 157 GLN GLN A . n 
A 1 151 VAL 151 158 158 VAL VAL A . n 
A 1 152 ILE 152 159 159 ILE ILE A . n 
A 1 153 GLU 153 160 160 GLU GLU A . n 
A 1 154 SER 154 161 161 SER SER A . n 
A 1 155 HIS 155 162 162 HIS HIS A . n 
A 1 156 LEU 156 163 163 LEU LEU A . n 
A 1 157 LEU 157 164 164 LEU LEU A . n 
A 1 158 LYS 158 165 165 LYS LYS A . n 
A 1 159 LEU 159 166 166 LEU LEU A . n 
A 1 160 LEU 160 167 167 LEU LEU A . n 
A 1 161 GLN 161 168 168 GLN GLN A . n 
A 1 162 ASN 162 169 169 ASN ASN A . n 
# 
loop_
_pdbx_nonpoly_scheme.asym_id 
_pdbx_nonpoly_scheme.entity_id 
_pdbx_nonpoly_scheme.mon_id 
_pdbx_nonpoly_scheme.ndb_seq_num 
_pdbx_nonpoly_scheme.pdb_seq_num 
_pdbx_nonpoly_scheme.auth_seq_num 
_pdbx_nonpoly_scheme.pdb_mon_id 
_pdbx_nonpoly_scheme.auth_mon_id 
_pdbx_nonpoly_scheme.pdb_strand_id 
_pdbx_nonpoly_scheme.pdb_ins_code 
B 2 HOH 1  2   2  HOH HOH A . 
B 2 HOH 2  3   3  HOH HOH A . 
B 2 HOH 3  4   4  HOH HOH A . 
B 2 HOH 4  5   5  HOH HOH A . 
B 2 HOH 5  6   6  HOH HOH A . 
B 2 HOH 6  170 8  HOH HOH A . 
B 2 HOH 7  171 9  HOH HOH A . 
B 2 HOH 8  172 10 HOH HOH A . 
B 2 HOH 9  173 11 HOH HOH A . 
B 2 HOH 10 174 12 HOH HOH A . 
B 2 HOH 11 175 13 HOH HOH A . 
B 2 HOH 12 176 14 HOH HOH A . 
B 2 HOH 13 177 16 HOH HOH A . 
B 2 HOH 14 178 17 HOH HOH A . 
B 2 HOH 15 179 18 HOH HOH A . 
B 2 HOH 16 180 19 HOH HOH A . 
B 2 HOH 17 181 20 HOH HOH A . 
B 2 HOH 18 182 21 HOH HOH A . 
B 2 HOH 19 183 22 HOH HOH A . 
B 2 HOH 20 184 23 HOH HOH A . 
B 2 HOH 21 185 24 HOH HOH A . 
B 2 HOH 22 186 25 HOH HOH A . 
B 2 HOH 23 187 27 HOH HOH A . 
B 2 HOH 24 188 29 HOH HOH A . 
B 2 HOH 25 189 30 HOH HOH A . 
B 2 HOH 26 190 31 HOH HOH A . 
B 2 HOH 27 191 32 HOH HOH A . 
B 2 HOH 28 192 33 HOH HOH A . 
B 2 HOH 29 193 34 HOH HOH A . 
B 2 HOH 30 194 36 HOH HOH A . 
B 2 HOH 31 195 37 HOH HOH A . 
B 2 HOH 32 196 38 HOH HOH A . 
B 2 HOH 33 197 40 HOH HOH A . 
B 2 HOH 34 198 42 HOH HOH A . 
B 2 HOH 35 199 43 HOH HOH A . 
B 2 HOH 36 200 44 HOH HOH A . 
B 2 HOH 37 201 45 HOH HOH A . 
B 2 HOH 38 202 46 HOH HOH A . 
B 2 HOH 39 203 48 HOH HOH A . 
B 2 HOH 40 204 50 HOH HOH A . 
B 2 HOH 41 205 51 HOH HOH A . 
B 2 HOH 42 206 53 HOH HOH A . 
B 2 HOH 43 207 54 HOH HOH A . 
B 2 HOH 44 208 55 HOH HOH A . 
B 2 HOH 45 209 56 HOH HOH A . 
B 2 HOH 46 210 58 HOH HOH A . 
B 2 HOH 47 211 59 HOH HOH A . 
B 2 HOH 48 212 60 HOH HOH A . 
B 2 HOH 49 213 62 HOH HOH A . 
# 
loop_
_pdbx_unobs_or_zero_occ_atoms.id 
_pdbx_unobs_or_zero_occ_atoms.PDB_model_num 
_pdbx_unobs_or_zero_occ_atoms.polymer_flag 
_pdbx_unobs_or_zero_occ_atoms.occupancy_flag 
_pdbx_unobs_or_zero_occ_atoms.auth_asym_id 
_pdbx_unobs_or_zero_occ_atoms.auth_comp_id 
_pdbx_unobs_or_zero_occ_atoms.auth_seq_id 
_pdbx_unobs_or_zero_occ_atoms.PDB_ins_code 
_pdbx_unobs_or_zero_occ_atoms.auth_atom_id 
_pdbx_unobs_or_zero_occ_atoms.label_alt_id 
_pdbx_unobs_or_zero_occ_atoms.label_asym_id 
_pdbx_unobs_or_zero_occ_atoms.label_comp_id 
_pdbx_unobs_or_zero_occ_atoms.label_seq_id 
_pdbx_unobs_or_zero_occ_atoms.label_atom_id 
1  1 Y 1 A SER 9   ? OG  ? A SER 2   OG  
2  1 Y 1 A GLN 14  ? CG  ? A GLN 7   CG  
3  1 Y 1 A GLN 14  ? CD  ? A GLN 7   CD  
4  1 Y 1 A GLN 14  ? OE1 ? A GLN 7   OE1 
5  1 Y 1 A GLN 14  ? NE2 ? A GLN 7   NE2 
6  1 Y 1 A GLN 30  ? CD  ? A GLN 23  CD  
7  1 Y 1 A GLN 30  ? OE1 ? A GLN 23  OE1 
8  1 Y 1 A GLN 30  ? NE2 ? A GLN 23  NE2 
9  1 Y 1 A GLU 31  ? CG  ? A GLU 24  CG  
10 1 Y 1 A GLU 31  ? CD  ? A GLU 24  CD  
11 1 Y 1 A GLU 31  ? OE1 ? A GLU 24  OE1 
12 1 Y 1 A GLU 31  ? OE2 ? A GLU 24  OE2 
13 1 Y 1 A GLU 39  ? CG  ? A GLU 32  CG  
14 1 Y 1 A GLU 39  ? CD  ? A GLU 32  CD  
15 1 Y 1 A GLU 39  ? OE1 ? A GLU 32  OE1 
16 1 Y 1 A GLU 39  ? OE2 ? A GLU 32  OE2 
17 1 Y 1 A TYR 103 ? CG  ? A TYR 96  CG  
18 1 Y 1 A TYR 103 ? CD1 ? A TYR 96  CD1 
19 1 Y 1 A TYR 103 ? CD2 ? A TYR 96  CD2 
20 1 Y 1 A TYR 103 ? CE1 ? A TYR 96  CE1 
21 1 Y 1 A TYR 103 ? CE2 ? A TYR 96  CE2 
22 1 Y 1 A TYR 103 ? CZ  ? A TYR 96  CZ  
23 1 Y 1 A TYR 103 ? OH  ? A TYR 96  OH  
24 1 Y 1 A ASN 106 ? CG  ? A ASN 99  CG  
25 1 Y 1 A ASN 106 ? OD1 ? A ASN 99  OD1 
26 1 Y 1 A ASN 106 ? ND2 ? A ASN 99  ND2 
27 1 Y 1 A LEU 112 ? CG  ? A LEU 105 CG  
28 1 Y 1 A LEU 112 ? CD1 ? A LEU 105 CD1 
29 1 Y 1 A LEU 112 ? CD2 ? A LEU 105 CD2 
30 1 Y 1 A LYS 121 ? CE  ? A LYS 114 CE  
31 1 Y 1 A LYS 121 ? NZ  ? A LYS 114 NZ  
32 1 Y 1 A GLN 157 ? CD  ? A GLN 150 CD  
33 1 Y 1 A GLN 157 ? OE1 ? A GLN 150 OE1 
34 1 Y 1 A GLN 157 ? NE2 ? A GLN 150 NE2 
35 1 Y 1 A LYS 165 ? CE  ? A LYS 158 CE  
36 1 Y 1 A LYS 165 ? NZ  ? A LYS 158 NZ  
37 1 Y 1 A GLN 168 ? CG  ? A GLN 161 CG  
38 1 Y 1 A GLN 168 ? CD  ? A GLN 161 CD  
39 1 Y 1 A GLN 168 ? OE1 ? A GLN 161 OE1 
40 1 Y 1 A GLN 168 ? NE2 ? A GLN 161 NE2 
# 
loop_
_software.name 
_software.classification 
_software.version 
_software.citation_id 
_software.pdbx_ordinal 
HKL-2000 'data collection' .        ? 1 
SOLVE    phasing           .        ? 2 
REFMAC   refinement        5.5.0102 ? 3 
HKL-2000 'data reduction'  .        ? 4 
HKL-2000 'data scaling'    .        ? 5 
# 
_cell.entry_id           3SO8 
_cell.length_a           39.147 
_cell.length_b           40.776 
_cell.length_c           99.061 
_cell.angle_alpha        90.00 
_cell.angle_beta         90.00 
_cell.angle_gamma        90.00 
_cell.Z_PDB              4 
_cell.pdbx_unique_axis   ? 
_cell.length_a_esd       ? 
_cell.length_b_esd       ? 
_cell.length_c_esd       ? 
_cell.angle_alpha_esd    ? 
_cell.angle_beta_esd     ? 
_cell.angle_gamma_esd    ? 
# 
_symmetry.entry_id                         3SO8 
_symmetry.space_group_name_H-M             'P 21 21 21' 
_symmetry.pdbx_full_space_group_name_H-M   ? 
_symmetry.cell_setting                     ? 
_symmetry.Int_Tables_number                19 
_symmetry.space_group_name_Hall            ? 
# 
_exptl.entry_id          3SO8 
_exptl.method            'X-RAY DIFFRACTION' 
_exptl.crystals_number   1 
# 
_exptl_crystal.id                    1 
_exptl_crystal.density_meas          ? 
_exptl_crystal.density_Matthews      2.24 
_exptl_crystal.density_percent_sol   45.01 
_exptl_crystal.description           ? 
_exptl_crystal.F_000                 ? 
_exptl_crystal.preparation           ? 
# 
_exptl_crystal_grow.crystal_id      1 
_exptl_crystal_grow.method          'VAPOR DIFFUSION, SITTING DROP' 
_exptl_crystal_grow.temp            300 
_exptl_crystal_grow.temp_details    ? 
_exptl_crystal_grow.pH              6 
_exptl_crystal_grow.pdbx_details    'Peg 3350, pH 6, VAPOR DIFFUSION, SITTING DROP, temperature 300K' 
_exptl_crystal_grow.pdbx_pH_range   ? 
# 
_diffrn.id                     1 
_diffrn.ambient_temp           100 
_diffrn.ambient_temp_details   ? 
_diffrn.crystal_id             1 
# 
_diffrn_detector.diffrn_id              1 
_diffrn_detector.detector               'IMAGE PLATE' 
_diffrn_detector.type                   'RIGAKU RAXIS IIC' 
_diffrn_detector.pdbx_collection_date   2010-01-04 
_diffrn_detector.details                si 
# 
_diffrn_radiation.diffrn_id                        1 
_diffrn_radiation.wavelength_id                    1 
_diffrn_radiation.pdbx_monochromatic_or_laue_m_l   M 
_diffrn_radiation.monochromator                    ? 
_diffrn_radiation.pdbx_diffrn_protocol             'SINGLE WAVELENGTH' 
_diffrn_radiation.pdbx_scattering_type             x-ray 
# 
_diffrn_radiation_wavelength.id           1 
_diffrn_radiation_wavelength.wavelength   1.54 
_diffrn_radiation_wavelength.wt           1.0 
# 
_diffrn_source.diffrn_id                   1 
_diffrn_source.source                      'ROTATING ANODE' 
_diffrn_source.type                        'RIGAKU FR-E+ DW' 
_diffrn_source.pdbx_synchrotron_site       ? 
_diffrn_source.pdbx_synchrotron_beamline   ? 
_diffrn_source.pdbx_wavelength             ? 
_diffrn_source.pdbx_wavelength_list        1.54 
# 
_reflns.entry_id                     3SO8 
_reflns.observed_criterion_sigma_I   0 
_reflns.observed_criterion_sigma_F   0 
_reflns.d_resolution_low             50 
_reflns.d_resolution_high            1.9 
_reflns.number_obs                   13040 
_reflns.number_all                   13040 
_reflns.percent_possible_obs         99.3 
_reflns.pdbx_Rmerge_I_obs            ? 
_reflns.pdbx_Rsym_value              ? 
_reflns.pdbx_netI_over_sigmaI        ? 
_reflns.B_iso_Wilson_estimate        ? 
_reflns.pdbx_redundancy              ? 
_reflns.R_free_details               ? 
_reflns.limit_h_max                  ? 
_reflns.limit_h_min                  ? 
_reflns.limit_k_max                  ? 
_reflns.limit_k_min                  ? 
_reflns.limit_l_max                  ? 
_reflns.limit_l_min                  ? 
_reflns.observed_criterion_F_max     ? 
_reflns.observed_criterion_F_min     ? 
_reflns.pdbx_chi_squared             ? 
_reflns.pdbx_scaling_rejects         ? 
_reflns.pdbx_ordinal                 1 
_reflns.pdbx_diffrn_id               1 
# 
_refine.entry_id                                 3SO8 
_refine.ls_number_reflns_obs                     12360 
_refine.ls_number_reflns_all                     12360 
_refine.pdbx_ls_sigma_I                          0 
_refine.pdbx_ls_sigma_F                          0 
_refine.pdbx_data_cutoff_high_absF               ? 
_refine.pdbx_data_cutoff_low_absF                ? 
_refine.pdbx_data_cutoff_high_rms_absF           ? 
_refine.ls_d_res_low                             49.53 
_refine.ls_d_res_high                            1.90 
_refine.ls_percent_reflns_obs                    99.25 
_refine.ls_R_factor_obs                          0.21971 
_refine.ls_R_factor_all                          0.21971 
_refine.ls_R_factor_R_work                       0.21794 
_refine.ls_R_factor_R_free                       0.25534 
_refine.ls_R_factor_R_free_error                 ? 
_refine.ls_R_factor_R_free_error_details         ? 
_refine.ls_percent_reflns_R_free                 4.9 
_refine.ls_number_reflns_R_free                  637 
_refine.ls_number_parameters                     ? 
_refine.ls_number_restraints                     ? 
_refine.occupancy_min                            ? 
_refine.occupancy_max                            ? 
_refine.correlation_coeff_Fo_to_Fc               0.942 
_refine.correlation_coeff_Fo_to_Fc_free          0.923 
_refine.B_iso_mean                               25.097 
_refine.aniso_B[1][1]                            -0.15 
_refine.aniso_B[2][2]                            0.80 
_refine.aniso_B[3][3]                            -0.65 
_refine.aniso_B[1][2]                            0.00 
_refine.aniso_B[1][3]                            0.00 
_refine.aniso_B[2][3]                            0.00 
_refine.solvent_model_details                    MASK 
_refine.solvent_model_param_ksol                 ? 
_refine.solvent_model_param_bsol                 ? 
_refine.pdbx_solvent_vdw_probe_radii             1.40 
_refine.pdbx_solvent_ion_probe_radii             0.80 
_refine.pdbx_solvent_shrinkage_radii             0.80 
_refine.pdbx_ls_cross_valid_method               THROUGHOUT 
_refine.details                                  'HYDROGENS HAVE BEEN ADDED IN THE RIDING POSITIONS' 
_refine.pdbx_starting_model                      ? 
_refine.pdbx_method_to_determine_struct          SAD 
_refine.pdbx_isotropic_thermal_model             ? 
_refine.pdbx_stereochemistry_target_values       'MAXIMUM LIKELIHOOD' 
_refine.pdbx_stereochem_target_val_spec_case     ? 
_refine.pdbx_R_Free_selection_details            RANDOM 
_refine.pdbx_overall_ESU_R_Free                  0.158 
_refine.overall_SU_ML                            0.111 
_refine.pdbx_overall_phase_error                 ? 
_refine.overall_SU_B                             3.686 
_refine.overall_SU_R_Cruickshank_DPI             ? 
_refine.ls_redundancy_reflns_obs                 ? 
_refine.B_iso_min                                ? 
_refine.B_iso_max                                ? 
_refine.overall_SU_R_free                        ? 
_refine.ls_wR_factor_R_free                      ? 
_refine.ls_wR_factor_R_work                      ? 
_refine.overall_FOM_free_R_set                   ? 
_refine.overall_FOM_work_R_set                   ? 
_refine.pdbx_diffrn_id                           1 
_refine.pdbx_refine_id                           'X-RAY DIFFRACTION' 
_refine.pdbx_overall_ESU_R                       ? 
_refine.pdbx_TLS_residual_ADP_flag               ? 
_refine.pdbx_overall_SU_R_free_Cruickshank_DPI   ? 
_refine.pdbx_overall_SU_R_Blow_DPI               ? 
_refine.pdbx_overall_SU_R_free_Blow_DPI          ? 
# 
_refine_hist.pdbx_refine_id                   'X-RAY DIFFRACTION' 
_refine_hist.cycle_id                         LAST 
_refine_hist.pdbx_number_atoms_protein        1197 
_refine_hist.pdbx_number_atoms_nucleic_acid   0 
_refine_hist.pdbx_number_atoms_ligand         0 
_refine_hist.number_atoms_solvent             49 
_refine_hist.number_atoms_total               1246 
_refine_hist.d_res_high                       1.90 
_refine_hist.d_res_low                        49.53 
# 
loop_
_refine_ls_restr.type 
_refine_ls_restr.dev_ideal 
_refine_ls_restr.dev_ideal_target 
_refine_ls_restr.weight 
_refine_ls_restr.number 
_refine_ls_restr.pdbx_restraint_function 
_refine_ls_restr.pdbx_refine_id 
r_bond_refined_d             0.022  0.021  ? 1229 ? 'X-RAY DIFFRACTION' 
r_bond_other_d               ?      ?      ? ?    ? 'X-RAY DIFFRACTION' 
r_angle_refined_deg          1.827  1.956  ? 1674 ? 'X-RAY DIFFRACTION' 
r_angle_other_deg            ?      ?      ? ?    ? 'X-RAY DIFFRACTION' 
r_dihedral_angle_1_deg       6.104  5.000  ? 163  ? 'X-RAY DIFFRACTION' 
r_dihedral_angle_2_deg       40.480 25.600 ? 50   ? 'X-RAY DIFFRACTION' 
r_dihedral_angle_3_deg       15.977 15.000 ? 195  ? 'X-RAY DIFFRACTION' 
r_dihedral_angle_4_deg       14.979 15.000 ? 3    ? 'X-RAY DIFFRACTION' 
r_chiral_restr               0.132  0.200  ? 197  ? 'X-RAY DIFFRACTION' 
r_gen_planes_refined         0.009  0.021  ? 923  ? 'X-RAY DIFFRACTION' 
r_gen_planes_other           ?      ?      ? ?    ? 'X-RAY DIFFRACTION' 
r_nbd_refined                ?      ?      ? ?    ? 'X-RAY DIFFRACTION' 
r_nbd_other                  ?      ?      ? ?    ? 'X-RAY DIFFRACTION' 
r_nbtor_refined              ?      ?      ? ?    ? 'X-RAY DIFFRACTION' 
r_nbtor_other                ?      ?      ? ?    ? 'X-RAY DIFFRACTION' 
r_xyhbond_nbd_refined        ?      ?      ? ?    ? 'X-RAY DIFFRACTION' 
r_xyhbond_nbd_other          ?      ?      ? ?    ? 'X-RAY DIFFRACTION' 
r_metal_ion_refined          ?      ?      ? ?    ? 'X-RAY DIFFRACTION' 
r_metal_ion_other            ?      ?      ? ?    ? 'X-RAY DIFFRACTION' 
r_symmetry_vdw_refined       ?      ?      ? ?    ? 'X-RAY DIFFRACTION' 
r_symmetry_vdw_other         ?      ?      ? ?    ? 'X-RAY DIFFRACTION' 
r_symmetry_hbond_refined     ?      ?      ? ?    ? 'X-RAY DIFFRACTION' 
r_symmetry_hbond_other       ?      ?      ? ?    ? 'X-RAY DIFFRACTION' 
r_symmetry_metal_ion_refined ?      ?      ? ?    ? 'X-RAY DIFFRACTION' 
r_symmetry_metal_ion_other   ?      ?      ? ?    ? 'X-RAY DIFFRACTION' 
r_mcbond_it                  1.231  1.500  ? 805  ? 'X-RAY DIFFRACTION' 
r_mcbond_other               ?      ?      ? ?    ? 'X-RAY DIFFRACTION' 
r_mcangle_it                 2.200  2.000  ? 1278 ? 'X-RAY DIFFRACTION' 
r_scbond_it                  3.568  3.000  ? 424  ? 'X-RAY DIFFRACTION' 
r_scangle_it                 5.454  4.500  ? 396  ? 'X-RAY DIFFRACTION' 
r_rigid_bond_restr           ?      ?      ? ?    ? 'X-RAY DIFFRACTION' 
r_sphericity_free            ?      ?      ? ?    ? 'X-RAY DIFFRACTION' 
r_sphericity_bonded          ?      ?      ? ?    ? 'X-RAY DIFFRACTION' 
# 
_refine_ls_shell.pdbx_total_number_of_bins_used   20 
_refine_ls_shell.d_res_high                       1.900 
_refine_ls_shell.d_res_low                        1.949 
_refine_ls_shell.number_reflns_R_work             852 
_refine_ls_shell.R_factor_R_work                  0.305 
_refine_ls_shell.percent_reflns_obs               91.44 
_refine_ls_shell.R_factor_R_free                  0.360 
_refine_ls_shell.R_factor_R_free_error            ? 
_refine_ls_shell.percent_reflns_R_free            ? 
_refine_ls_shell.number_reflns_R_free             45 
_refine_ls_shell.number_reflns_all                ? 
_refine_ls_shell.R_factor_all                     ? 
_refine_ls_shell.number_reflns_obs                ? 
_refine_ls_shell.redundancy_reflns_obs            ? 
_refine_ls_shell.pdbx_refine_id                   'X-RAY DIFFRACTION' 
# 
_struct.entry_id                  3SO8 
_struct.title                     'Crystal Structure of ANKRA' 
_struct.pdbx_model_details        ? 
_struct.pdbx_CASP_flag            Y 
_struct.pdbx_model_type_details   ? 
# 
_struct_keywords.entry_id        3SO8 
_struct_keywords.pdbx_keywords   'PROTEIN BINDING' 
_struct_keywords.text            'Structural Genomics, Structural Genomics Consortium, SGC, ANK, PROTEIN BINDING' 
# 
loop_
_struct_asym.id 
_struct_asym.pdbx_blank_PDB_chainid_flag 
_struct_asym.pdbx_modified 
_struct_asym.entity_id 
_struct_asym.details 
A N N 1 ? 
B N N 2 ? 
# 
_struct_ref.id                         1 
_struct_ref.db_name                    UNP 
_struct_ref.db_code                    ANRA2_HUMAN 
_struct_ref.pdbx_db_accession          Q9H9E1 
_struct_ref.entity_id                  1 
_struct_ref.pdbx_seq_one_letter_code   
;NSLSVHQLAAQGEMLYLATRIEQENVINHTDEEGFTPLMWAAAHGQIAVVEFLLQNGADPQLLGKGRESALSLACSKGYT
DIVKMLLDCGVDVNEYDWNGGTPLLYAVHGNHVKCVKMLLESGADPTIETDSGYNSMDLAVALGYRSVQQVIESHLLKLL
QN
;
_struct_ref.pdbx_align_begin           149 
_struct_ref.pdbx_db_isoform            ? 
# 
_struct_ref_seq.align_id                      1 
_struct_ref_seq.ref_id                        1 
_struct_ref_seq.pdbx_PDB_id_code              3SO8 
_struct_ref_seq.pdbx_strand_id                A 
_struct_ref_seq.seq_align_beg                 1 
_struct_ref_seq.pdbx_seq_align_beg_ins_code   ? 
_struct_ref_seq.seq_align_end                 162 
_struct_ref_seq.pdbx_seq_align_end_ins_code   ? 
_struct_ref_seq.pdbx_db_accession             Q9H9E1 
_struct_ref_seq.db_align_beg                  149 
_struct_ref_seq.pdbx_db_align_beg_ins_code    ? 
_struct_ref_seq.db_align_end                  310 
_struct_ref_seq.pdbx_db_align_end_ins_code    ? 
_struct_ref_seq.pdbx_auth_seq_align_beg       8 
_struct_ref_seq.pdbx_auth_seq_align_end       169 
# 
_pdbx_struct_assembly.id                   1 
_pdbx_struct_assembly.details              author_and_software_defined_assembly 
_pdbx_struct_assembly.method_details       PISA 
_pdbx_struct_assembly.oligomeric_details   monomeric 
_pdbx_struct_assembly.oligomeric_count     1 
# 
_pdbx_struct_assembly_gen.assembly_id       1 
_pdbx_struct_assembly_gen.oper_expression   1 
_pdbx_struct_assembly_gen.asym_id_list      A,B 
# 
_pdbx_struct_oper_list.id                   1 
_pdbx_struct_oper_list.type                 'identity operation' 
_pdbx_struct_oper_list.name                 1_555 
_pdbx_struct_oper_list.symmetry_operation   x,y,z 
_pdbx_struct_oper_list.matrix[1][1]         1.0000000000 
_pdbx_struct_oper_list.matrix[1][2]         0.0000000000 
_pdbx_struct_oper_list.matrix[1][3]         0.0000000000 
_pdbx_struct_oper_list.vector[1]            0.0000000000 
_pdbx_struct_oper_list.matrix[2][1]         0.0000000000 
_pdbx_struct_oper_list.matrix[2][2]         1.0000000000 
_pdbx_struct_oper_list.matrix[2][3]         0.0000000000 
_pdbx_struct_oper_list.vector[2]            0.0000000000 
_pdbx_struct_oper_list.matrix[3][1]         0.0000000000 
_pdbx_struct_oper_list.matrix[3][2]         0.0000000000 
_pdbx_struct_oper_list.matrix[3][3]         1.0000000000 
_pdbx_struct_oper_list.vector[3]            0.0000000000 
# 
_struct_biol.id        1 
_struct_biol.details   ? 
# 
loop_
_struct_conf.conf_type_id 
_struct_conf.id 
_struct_conf.pdbx_PDB_helix_id 
_struct_conf.beg_label_comp_id 
_struct_conf.beg_label_asym_id 
_struct_conf.beg_label_seq_id 
_struct_conf.pdbx_beg_PDB_ins_code 
_struct_conf.end_label_comp_id 
_struct_conf.end_label_asym_id 
_struct_conf.end_label_seq_id 
_struct_conf.pdbx_end_PDB_ins_code 
_struct_conf.beg_auth_comp_id 
_struct_conf.beg_auth_asym_id 
_struct_conf.beg_auth_seq_id 
_struct_conf.end_auth_comp_id 
_struct_conf.end_auth_asym_id 
_struct_conf.end_auth_seq_id 
_struct_conf.pdbx_PDB_helix_class 
_struct_conf.details 
_struct_conf.pdbx_PDB_helix_length 
HELX_P HELX_P1  1  SER A 4   ? GLY A 12  ? SER A 11  GLY A 19  1 ? 9  
HELX_P HELX_P2  2  GLU A 13  ? GLU A 24  ? GLU A 20  GLU A 31  1 ? 12 
HELX_P HELX_P3  3  THR A 36  ? HIS A 44  ? THR A 43  HIS A 51  1 ? 9  
HELX_P HELX_P4  4  GLN A 46  ? ASN A 56  ? GLN A 53  ASN A 63  1 ? 11 
HELX_P HELX_P5  5  SER A 69  ? LYS A 77  ? SER A 76  LYS A 84  1 ? 9  
HELX_P HELX_P6  6  TYR A 79  ? CYS A 89  ? TYR A 86  CYS A 96  1 ? 11 
HELX_P HELX_P7  7  THR A 102 ? GLY A 110 ? THR A 109 GLY A 117 1 ? 9  
HELX_P HELX_P8  8  HIS A 112 ? SER A 122 ? HIS A 119 SER A 129 1 ? 11 
HELX_P HELX_P9  9  ASN A 135 ? GLY A 144 ? ASN A 142 GLY A 151 1 ? 10 
HELX_P HELX_P10 10 TYR A 145 ? LEU A 160 ? TYR A 152 LEU A 167 1 ? 16 
# 
_struct_conf_type.id          HELX_P 
_struct_conf_type.criteria    ? 
_struct_conf_type.reference   ? 
# 
_struct_mon_prot_cis.pdbx_id                1 
_struct_mon_prot_cis.label_comp_id          GLN 
_struct_mon_prot_cis.label_seq_id           161 
_struct_mon_prot_cis.label_asym_id          A 
_struct_mon_prot_cis.label_alt_id           . 
_struct_mon_prot_cis.pdbx_PDB_ins_code      ? 
_struct_mon_prot_cis.auth_comp_id           GLN 
_struct_mon_prot_cis.auth_seq_id            168 
_struct_mon_prot_cis.auth_asym_id           A 
_struct_mon_prot_cis.pdbx_label_comp_id_2   ASN 
_struct_mon_prot_cis.pdbx_label_seq_id_2    162 
_struct_mon_prot_cis.pdbx_label_asym_id_2   A 
_struct_mon_prot_cis.pdbx_PDB_ins_code_2    ? 
_struct_mon_prot_cis.pdbx_auth_comp_id_2    ASN 
_struct_mon_prot_cis.pdbx_auth_seq_id_2     169 
_struct_mon_prot_cis.pdbx_auth_asym_id_2    A 
_struct_mon_prot_cis.pdbx_PDB_model_num     1 
_struct_mon_prot_cis.pdbx_omega_angle       -1.00 
# 
_pdbx_validate_symm_contact.id                1 
_pdbx_validate_symm_contact.PDB_model_num     1 
_pdbx_validate_symm_contact.auth_atom_id_1    O 
_pdbx_validate_symm_contact.auth_asym_id_1    A 
_pdbx_validate_symm_contact.auth_comp_id_1    HOH 
_pdbx_validate_symm_contact.auth_seq_id_1     177 
_pdbx_validate_symm_contact.PDB_ins_code_1    ? 
_pdbx_validate_symm_contact.label_alt_id_1    ? 
_pdbx_validate_symm_contact.site_symmetry_1   1_555 
_pdbx_validate_symm_contact.auth_atom_id_2    O 
_pdbx_validate_symm_contact.auth_asym_id_2    A 
_pdbx_validate_symm_contact.auth_comp_id_2    HOH 
_pdbx_validate_symm_contact.auth_seq_id_2     207 
_pdbx_validate_symm_contact.PDB_ins_code_2    ? 
_pdbx_validate_symm_contact.label_alt_id_2    ? 
_pdbx_validate_symm_contact.site_symmetry_2   2_664 
_pdbx_validate_symm_contact.dist              2.05 
# 
_pdbx_SG_project.id                    1 
_pdbx_SG_project.project_name          ? 
_pdbx_SG_project.full_name_of_center   'Structural Genomics Consortium' 
_pdbx_SG_project.initial_of_center     SGC 
# 
loop_
_chem_comp_atom.comp_id 
_chem_comp_atom.atom_id 
_chem_comp_atom.type_symbol 
_chem_comp_atom.pdbx_aromatic_flag 
_chem_comp_atom.pdbx_stereo_config 
_chem_comp_atom.pdbx_ordinal 
ALA N    N N N 1   
ALA CA   C N S 2   
ALA C    C N N 3   
ALA O    O N N 4   
ALA CB   C N N 5   
ALA OXT  O N N 6   
ALA H    H N N 7   
ALA H2   H N N 8   
ALA HA   H N N 9   
ALA HB1  H N N 10  
ALA HB2  H N N 11  
ALA HB3  H N N 12  
ALA HXT  H N N 13  
ARG N    N N N 14  
ARG CA   C N S 15  
ARG C    C N N 16  
ARG O    O N N 17  
ARG CB   C N N 18  
ARG CG   C N N 19  
ARG CD   C N N 20  
ARG NE   N N N 21  
ARG CZ   C N N 22  
ARG NH1  N N N 23  
ARG NH2  N N N 24  
ARG OXT  O N N 25  
ARG H    H N N 26  
ARG H2   H N N 27  
ARG HA   H N N 28  
ARG HB2  H N N 29  
ARG HB3  H N N 30  
ARG HG2  H N N 31  
ARG HG3  H N N 32  
ARG HD2  H N N 33  
ARG HD3  H N N 34  
ARG HE   H N N 35  
ARG HH11 H N N 36  
ARG HH12 H N N 37  
ARG HH21 H N N 38  
ARG HH22 H N N 39  
ARG HXT  H N N 40  
ASN N    N N N 41  
ASN CA   C N S 42  
ASN C    C N N 43  
ASN O    O N N 44  
ASN CB   C N N 45  
ASN CG   C N N 46  
ASN OD1  O N N 47  
ASN ND2  N N N 48  
ASN OXT  O N N 49  
ASN H    H N N 50  
ASN H2   H N N 51  
ASN HA   H N N 52  
ASN HB2  H N N 53  
ASN HB3  H N N 54  
ASN HD21 H N N 55  
ASN HD22 H N N 56  
ASN HXT  H N N 57  
ASP N    N N N 58  
ASP CA   C N S 59  
ASP C    C N N 60  
ASP O    O N N 61  
ASP CB   C N N 62  
ASP CG   C N N 63  
ASP OD1  O N N 64  
ASP OD2  O N N 65  
ASP OXT  O N N 66  
ASP H    H N N 67  
ASP H2   H N N 68  
ASP HA   H N N 69  
ASP HB2  H N N 70  
ASP HB3  H N N 71  
ASP HD2  H N N 72  
ASP HXT  H N N 73  
CYS N    N N N 74  
CYS CA   C N R 75  
CYS C    C N N 76  
CYS O    O N N 77  
CYS CB   C N N 78  
CYS SG   S N N 79  
CYS OXT  O N N 80  
CYS H    H N N 81  
CYS H2   H N N 82  
CYS HA   H N N 83  
CYS HB2  H N N 84  
CYS HB3  H N N 85  
CYS HG   H N N 86  
CYS HXT  H N N 87  
GLN N    N N N 88  
GLN CA   C N S 89  
GLN C    C N N 90  
GLN O    O N N 91  
GLN CB   C N N 92  
GLN CG   C N N 93  
GLN CD   C N N 94  
GLN OE1  O N N 95  
GLN NE2  N N N 96  
GLN OXT  O N N 97  
GLN H    H N N 98  
GLN H2   H N N 99  
GLN HA   H N N 100 
GLN HB2  H N N 101 
GLN HB3  H N N 102 
GLN HG2  H N N 103 
GLN HG3  H N N 104 
GLN HE21 H N N 105 
GLN HE22 H N N 106 
GLN HXT  H N N 107 
GLU N    N N N 108 
GLU CA   C N S 109 
GLU C    C N N 110 
GLU O    O N N 111 
GLU CB   C N N 112 
GLU CG   C N N 113 
GLU CD   C N N 114 
GLU OE1  O N N 115 
GLU OE2  O N N 116 
GLU OXT  O N N 117 
GLU H    H N N 118 
GLU H2   H N N 119 
GLU HA   H N N 120 
GLU HB2  H N N 121 
GLU HB3  H N N 122 
GLU HG2  H N N 123 
GLU HG3  H N N 124 
GLU HE2  H N N 125 
GLU HXT  H N N 126 
GLY N    N N N 127 
GLY CA   C N N 128 
GLY C    C N N 129 
GLY O    O N N 130 
GLY OXT  O N N 131 
GLY H    H N N 132 
GLY H2   H N N 133 
GLY HA2  H N N 134 
GLY HA3  H N N 135 
GLY HXT  H N N 136 
HIS N    N N N 137 
HIS CA   C N S 138 
HIS C    C N N 139 
HIS O    O N N 140 
HIS CB   C N N 141 
HIS CG   C Y N 142 
HIS ND1  N Y N 143 
HIS CD2  C Y N 144 
HIS CE1  C Y N 145 
HIS NE2  N Y N 146 
HIS OXT  O N N 147 
HIS H    H N N 148 
HIS H2   H N N 149 
HIS HA   H N N 150 
HIS HB2  H N N 151 
HIS HB3  H N N 152 
HIS HD1  H N N 153 
HIS HD2  H N N 154 
HIS HE1  H N N 155 
HIS HE2  H N N 156 
HIS HXT  H N N 157 
HOH O    O N N 158 
HOH H1   H N N 159 
HOH H2   H N N 160 
ILE N    N N N 161 
ILE CA   C N S 162 
ILE C    C N N 163 
ILE O    O N N 164 
ILE CB   C N S 165 
ILE CG1  C N N 166 
ILE CG2  C N N 167 
ILE CD1  C N N 168 
ILE OXT  O N N 169 
ILE H    H N N 170 
ILE H2   H N N 171 
ILE HA   H N N 172 
ILE HB   H N N 173 
ILE HG12 H N N 174 
ILE HG13 H N N 175 
ILE HG21 H N N 176 
ILE HG22 H N N 177 
ILE HG23 H N N 178 
ILE HD11 H N N 179 
ILE HD12 H N N 180 
ILE HD13 H N N 181 
ILE HXT  H N N 182 
LEU N    N N N 183 
LEU CA   C N S 184 
LEU C    C N N 185 
LEU O    O N N 186 
LEU CB   C N N 187 
LEU CG   C N N 188 
LEU CD1  C N N 189 
LEU CD2  C N N 190 
LEU OXT  O N N 191 
LEU H    H N N 192 
LEU H2   H N N 193 
LEU HA   H N N 194 
LEU HB2  H N N 195 
LEU HB3  H N N 196 
LEU HG   H N N 197 
LEU HD11 H N N 198 
LEU HD12 H N N 199 
LEU HD13 H N N 200 
LEU HD21 H N N 201 
LEU HD22 H N N 202 
LEU HD23 H N N 203 
LEU HXT  H N N 204 
LYS N    N N N 205 
LYS CA   C N S 206 
LYS C    C N N 207 
LYS O    O N N 208 
LYS CB   C N N 209 
LYS CG   C N N 210 
LYS CD   C N N 211 
LYS CE   C N N 212 
LYS NZ   N N N 213 
LYS OXT  O N N 214 
LYS H    H N N 215 
LYS H2   H N N 216 
LYS HA   H N N 217 
LYS HB2  H N N 218 
LYS HB3  H N N 219 
LYS HG2  H N N 220 
LYS HG3  H N N 221 
LYS HD2  H N N 222 
LYS HD3  H N N 223 
LYS HE2  H N N 224 
LYS HE3  H N N 225 
LYS HZ1  H N N 226 
LYS HZ2  H N N 227 
LYS HZ3  H N N 228 
LYS HXT  H N N 229 
MET N    N N N 230 
MET CA   C N S 231 
MET C    C N N 232 
MET O    O N N 233 
MET CB   C N N 234 
MET CG   C N N 235 
MET SD   S N N 236 
MET CE   C N N 237 
MET OXT  O N N 238 
MET H    H N N 239 
MET H2   H N N 240 
MET HA   H N N 241 
MET HB2  H N N 242 
MET HB3  H N N 243 
MET HG2  H N N 244 
MET HG3  H N N 245 
MET HE1  H N N 246 
MET HE2  H N N 247 
MET HE3  H N N 248 
MET HXT  H N N 249 
PHE N    N N N 250 
PHE CA   C N S 251 
PHE C    C N N 252 
PHE O    O N N 253 
PHE CB   C N N 254 
PHE CG   C Y N 255 
PHE CD1  C Y N 256 
PHE CD2  C Y N 257 
PHE CE1  C Y N 258 
PHE CE2  C Y N 259 
PHE CZ   C Y N 260 
PHE OXT  O N N 261 
PHE H    H N N 262 
PHE H2   H N N 263 
PHE HA   H N N 264 
PHE HB2  H N N 265 
PHE HB3  H N N 266 
PHE HD1  H N N 267 
PHE HD2  H N N 268 
PHE HE1  H N N 269 
PHE HE2  H N N 270 
PHE HZ   H N N 271 
PHE HXT  H N N 272 
PRO N    N N N 273 
PRO CA   C N S 274 
PRO C    C N N 275 
PRO O    O N N 276 
PRO CB   C N N 277 
PRO CG   C N N 278 
PRO CD   C N N 279 
PRO OXT  O N N 280 
PRO H    H N N 281 
PRO HA   H N N 282 
PRO HB2  H N N 283 
PRO HB3  H N N 284 
PRO HG2  H N N 285 
PRO HG3  H N N 286 
PRO HD2  H N N 287 
PRO HD3  H N N 288 
PRO HXT  H N N 289 
SER N    N N N 290 
SER CA   C N S 291 
SER C    C N N 292 
SER O    O N N 293 
SER CB   C N N 294 
SER OG   O N N 295 
SER OXT  O N N 296 
SER H    H N N 297 
SER H2   H N N 298 
SER HA   H N N 299 
SER HB2  H N N 300 
SER HB3  H N N 301 
SER HG   H N N 302 
SER HXT  H N N 303 
THR N    N N N 304 
THR CA   C N S 305 
THR C    C N N 306 
THR O    O N N 307 
THR CB   C N R 308 
THR OG1  O N N 309 
THR CG2  C N N 310 
THR OXT  O N N 311 
THR H    H N N 312 
THR H2   H N N 313 
THR HA   H N N 314 
THR HB   H N N 315 
THR HG1  H N N 316 
THR HG21 H N N 317 
THR HG22 H N N 318 
THR HG23 H N N 319 
THR HXT  H N N 320 
TRP N    N N N 321 
TRP CA   C N S 322 
TRP C    C N N 323 
TRP O    O N N 324 
TRP CB   C N N 325 
TRP CG   C Y N 326 
TRP CD1  C Y N 327 
TRP CD2  C Y N 328 
TRP NE1  N Y N 329 
TRP CE2  C Y N 330 
TRP CE3  C Y N 331 
TRP CZ2  C Y N 332 
TRP CZ3  C Y N 333 
TRP CH2  C Y N 334 
TRP OXT  O N N 335 
TRP H    H N N 336 
TRP H2   H N N 337 
TRP HA   H N N 338 
TRP HB2  H N N 339 
TRP HB3  H N N 340 
TRP HD1  H N N 341 
TRP HE1  H N N 342 
TRP HE3  H N N 343 
TRP HZ2  H N N 344 
TRP HZ3  H N N 345 
TRP HH2  H N N 346 
TRP HXT  H N N 347 
TYR N    N N N 348 
TYR CA   C N S 349 
TYR C    C N N 350 
TYR O    O N N 351 
TYR CB   C N N 352 
TYR CG   C Y N 353 
TYR CD1  C Y N 354 
TYR CD2  C Y N 355 
TYR CE1  C Y N 356 
TYR CE2  C Y N 357 
TYR CZ   C Y N 358 
TYR OH   O N N 359 
TYR OXT  O N N 360 
TYR H    H N N 361 
TYR H2   H N N 362 
TYR HA   H N N 363 
TYR HB2  H N N 364 
TYR HB3  H N N 365 
TYR HD1  H N N 366 
TYR HD2  H N N 367 
TYR HE1  H N N 368 
TYR HE2  H N N 369 
TYR HH   H N N 370 
TYR HXT  H N N 371 
VAL N    N N N 372 
VAL CA   C N S 373 
VAL C    C N N 374 
VAL O    O N N 375 
VAL CB   C N N 376 
VAL CG1  C N N 377 
VAL CG2  C N N 378 
VAL OXT  O N N 379 
VAL H    H N N 380 
VAL H2   H N N 381 
VAL HA   H N N 382 
VAL HB   H N N 383 
VAL HG11 H N N 384 
VAL HG12 H N N 385 
VAL HG13 H N N 386 
VAL HG21 H N N 387 
VAL HG22 H N N 388 
VAL HG23 H N N 389 
VAL HXT  H N N 390 
# 
loop_
_chem_comp_bond.comp_id 
_chem_comp_bond.atom_id_1 
_chem_comp_bond.atom_id_2 
_chem_comp_bond.value_order 
_chem_comp_bond.pdbx_aromatic_flag 
_chem_comp_bond.pdbx_stereo_config 
_chem_comp_bond.pdbx_ordinal 
ALA N   CA   sing N N 1   
ALA N   H    sing N N 2   
ALA N   H2   sing N N 3   
ALA CA  C    sing N N 4   
ALA CA  CB   sing N N 5   
ALA CA  HA   sing N N 6   
ALA C   O    doub N N 7   
ALA C   OXT  sing N N 8   
ALA CB  HB1  sing N N 9   
ALA CB  HB2  sing N N 10  
ALA CB  HB3  sing N N 11  
ALA OXT HXT  sing N N 12  
ARG N   CA   sing N N 13  
ARG N   H    sing N N 14  
ARG N   H2   sing N N 15  
ARG CA  C    sing N N 16  
ARG CA  CB   sing N N 17  
ARG CA  HA   sing N N 18  
ARG C   O    doub N N 19  
ARG C   OXT  sing N N 20  
ARG CB  CG   sing N N 21  
ARG CB  HB2  sing N N 22  
ARG CB  HB3  sing N N 23  
ARG CG  CD   sing N N 24  
ARG CG  HG2  sing N N 25  
ARG CG  HG3  sing N N 26  
ARG CD  NE   sing N N 27  
ARG CD  HD2  sing N N 28  
ARG CD  HD3  sing N N 29  
ARG NE  CZ   sing N N 30  
ARG NE  HE   sing N N 31  
ARG CZ  NH1  sing N N 32  
ARG CZ  NH2  doub N N 33  
ARG NH1 HH11 sing N N 34  
ARG NH1 HH12 sing N N 35  
ARG NH2 HH21 sing N N 36  
ARG NH2 HH22 sing N N 37  
ARG OXT HXT  sing N N 38  
ASN N   CA   sing N N 39  
ASN N   H    sing N N 40  
ASN N   H2   sing N N 41  
ASN CA  C    sing N N 42  
ASN CA  CB   sing N N 43  
ASN CA  HA   sing N N 44  
ASN C   O    doub N N 45  
ASN C   OXT  sing N N 46  
ASN CB  CG   sing N N 47  
ASN CB  HB2  sing N N 48  
ASN CB  HB3  sing N N 49  
ASN CG  OD1  doub N N 50  
ASN CG  ND2  sing N N 51  
ASN ND2 HD21 sing N N 52  
ASN ND2 HD22 sing N N 53  
ASN OXT HXT  sing N N 54  
ASP N   CA   sing N N 55  
ASP N   H    sing N N 56  
ASP N   H2   sing N N 57  
ASP CA  C    sing N N 58  
ASP CA  CB   sing N N 59  
ASP CA  HA   sing N N 60  
ASP C   O    doub N N 61  
ASP C   OXT  sing N N 62  
ASP CB  CG   sing N N 63  
ASP CB  HB2  sing N N 64  
ASP CB  HB3  sing N N 65  
ASP CG  OD1  doub N N 66  
ASP CG  OD2  sing N N 67  
ASP OD2 HD2  sing N N 68  
ASP OXT HXT  sing N N 69  
CYS N   CA   sing N N 70  
CYS N   H    sing N N 71  
CYS N   H2   sing N N 72  
CYS CA  C    sing N N 73  
CYS CA  CB   sing N N 74  
CYS CA  HA   sing N N 75  
CYS C   O    doub N N 76  
CYS C   OXT  sing N N 77  
CYS CB  SG   sing N N 78  
CYS CB  HB2  sing N N 79  
CYS CB  HB3  sing N N 80  
CYS SG  HG   sing N N 81  
CYS OXT HXT  sing N N 82  
GLN N   CA   sing N N 83  
GLN N   H    sing N N 84  
GLN N   H2   sing N N 85  
GLN CA  C    sing N N 86  
GLN CA  CB   sing N N 87  
GLN CA  HA   sing N N 88  
GLN C   O    doub N N 89  
GLN C   OXT  sing N N 90  
GLN CB  CG   sing N N 91  
GLN CB  HB2  sing N N 92  
GLN CB  HB3  sing N N 93  
GLN CG  CD   sing N N 94  
GLN CG  HG2  sing N N 95  
GLN CG  HG3  sing N N 96  
GLN CD  OE1  doub N N 97  
GLN CD  NE2  sing N N 98  
GLN NE2 HE21 sing N N 99  
GLN NE2 HE22 sing N N 100 
GLN OXT HXT  sing N N 101 
GLU N   CA   sing N N 102 
GLU N   H    sing N N 103 
GLU N   H2   sing N N 104 
GLU CA  C    sing N N 105 
GLU CA  CB   sing N N 106 
GLU CA  HA   sing N N 107 
GLU C   O    doub N N 108 
GLU C   OXT  sing N N 109 
GLU CB  CG   sing N N 110 
GLU CB  HB2  sing N N 111 
GLU CB  HB3  sing N N 112 
GLU CG  CD   sing N N 113 
GLU CG  HG2  sing N N 114 
GLU CG  HG3  sing N N 115 
GLU CD  OE1  doub N N 116 
GLU CD  OE2  sing N N 117 
GLU OE2 HE2  sing N N 118 
GLU OXT HXT  sing N N 119 
GLY N   CA   sing N N 120 
GLY N   H    sing N N 121 
GLY N   H2   sing N N 122 
GLY CA  C    sing N N 123 
GLY CA  HA2  sing N N 124 
GLY CA  HA3  sing N N 125 
GLY C   O    doub N N 126 
GLY C   OXT  sing N N 127 
GLY OXT HXT  sing N N 128 
HIS N   CA   sing N N 129 
HIS N   H    sing N N 130 
HIS N   H2   sing N N 131 
HIS CA  C    sing N N 132 
HIS CA  CB   sing N N 133 
HIS CA  HA   sing N N 134 
HIS C   O    doub N N 135 
HIS C   OXT  sing N N 136 
HIS CB  CG   sing N N 137 
HIS CB  HB2  sing N N 138 
HIS CB  HB3  sing N N 139 
HIS CG  ND1  sing Y N 140 
HIS CG  CD2  doub Y N 141 
HIS ND1 CE1  doub Y N 142 
HIS ND1 HD1  sing N N 143 
HIS CD2 NE2  sing Y N 144 
HIS CD2 HD2  sing N N 145 
HIS CE1 NE2  sing Y N 146 
HIS CE1 HE1  sing N N 147 
HIS NE2 HE2  sing N N 148 
HIS OXT HXT  sing N N 149 
HOH O   H1   sing N N 150 
HOH O   H2   sing N N 151 
ILE N   CA   sing N N 152 
ILE N   H    sing N N 153 
ILE N   H2   sing N N 154 
ILE CA  C    sing N N 155 
ILE CA  CB   sing N N 156 
ILE CA  HA   sing N N 157 
ILE C   O    doub N N 158 
ILE C   OXT  sing N N 159 
ILE CB  CG1  sing N N 160 
ILE CB  CG2  sing N N 161 
ILE CB  HB   sing N N 162 
ILE CG1 CD1  sing N N 163 
ILE CG1 HG12 sing N N 164 
ILE CG1 HG13 sing N N 165 
ILE CG2 HG21 sing N N 166 
ILE CG2 HG22 sing N N 167 
ILE CG2 HG23 sing N N 168 
ILE CD1 HD11 sing N N 169 
ILE CD1 HD12 sing N N 170 
ILE CD1 HD13 sing N N 171 
ILE OXT HXT  sing N N 172 
LEU N   CA   sing N N 173 
LEU N   H    sing N N 174 
LEU N   H2   sing N N 175 
LEU CA  C    sing N N 176 
LEU CA  CB   sing N N 177 
LEU CA  HA   sing N N 178 
LEU C   O    doub N N 179 
LEU C   OXT  sing N N 180 
LEU CB  CG   sing N N 181 
LEU CB  HB2  sing N N 182 
LEU CB  HB3  sing N N 183 
LEU CG  CD1  sing N N 184 
LEU CG  CD2  sing N N 185 
LEU CG  HG   sing N N 186 
LEU CD1 HD11 sing N N 187 
LEU CD1 HD12 sing N N 188 
LEU CD1 HD13 sing N N 189 
LEU CD2 HD21 sing N N 190 
LEU CD2 HD22 sing N N 191 
LEU CD2 HD23 sing N N 192 
LEU OXT HXT  sing N N 193 
LYS N   CA   sing N N 194 
LYS N   H    sing N N 195 
LYS N   H2   sing N N 196 
LYS CA  C    sing N N 197 
LYS CA  CB   sing N N 198 
LYS CA  HA   sing N N 199 
LYS C   O    doub N N 200 
LYS C   OXT  sing N N 201 
LYS CB  CG   sing N N 202 
LYS CB  HB2  sing N N 203 
LYS CB  HB3  sing N N 204 
LYS CG  CD   sing N N 205 
LYS CG  HG2  sing N N 206 
LYS CG  HG3  sing N N 207 
LYS CD  CE   sing N N 208 
LYS CD  HD2  sing N N 209 
LYS CD  HD3  sing N N 210 
LYS CE  NZ   sing N N 211 
LYS CE  HE2  sing N N 212 
LYS CE  HE3  sing N N 213 
LYS NZ  HZ1  sing N N 214 
LYS NZ  HZ2  sing N N 215 
LYS NZ  HZ3  sing N N 216 
LYS OXT HXT  sing N N 217 
MET N   CA   sing N N 218 
MET N   H    sing N N 219 
MET N   H2   sing N N 220 
MET CA  C    sing N N 221 
MET CA  CB   sing N N 222 
MET CA  HA   sing N N 223 
MET C   O    doub N N 224 
MET C   OXT  sing N N 225 
MET CB  CG   sing N N 226 
MET CB  HB2  sing N N 227 
MET CB  HB3  sing N N 228 
MET CG  SD   sing N N 229 
MET CG  HG2  sing N N 230 
MET CG  HG3  sing N N 231 
MET SD  CE   sing N N 232 
MET CE  HE1  sing N N 233 
MET CE  HE2  sing N N 234 
MET CE  HE3  sing N N 235 
MET OXT HXT  sing N N 236 
PHE N   CA   sing N N 237 
PHE N   H    sing N N 238 
PHE N   H2   sing N N 239 
PHE CA  C    sing N N 240 
PHE CA  CB   sing N N 241 
PHE CA  HA   sing N N 242 
PHE C   O    doub N N 243 
PHE C   OXT  sing N N 244 
PHE CB  CG   sing N N 245 
PHE CB  HB2  sing N N 246 
PHE CB  HB3  sing N N 247 
PHE CG  CD1  doub Y N 248 
PHE CG  CD2  sing Y N 249 
PHE CD1 CE1  sing Y N 250 
PHE CD1 HD1  sing N N 251 
PHE CD2 CE2  doub Y N 252 
PHE CD2 HD2  sing N N 253 
PHE CE1 CZ   doub Y N 254 
PHE CE1 HE1  sing N N 255 
PHE CE2 CZ   sing Y N 256 
PHE CE2 HE2  sing N N 257 
PHE CZ  HZ   sing N N 258 
PHE OXT HXT  sing N N 259 
PRO N   CA   sing N N 260 
PRO N   CD   sing N N 261 
PRO N   H    sing N N 262 
PRO CA  C    sing N N 263 
PRO CA  CB   sing N N 264 
PRO CA  HA   sing N N 265 
PRO C   O    doub N N 266 
PRO C   OXT  sing N N 267 
PRO CB  CG   sing N N 268 
PRO CB  HB2  sing N N 269 
PRO CB  HB3  sing N N 270 
PRO CG  CD   sing N N 271 
PRO CG  HG2  sing N N 272 
PRO CG  HG3  sing N N 273 
PRO CD  HD2  sing N N 274 
PRO CD  HD3  sing N N 275 
PRO OXT HXT  sing N N 276 
SER N   CA   sing N N 277 
SER N   H    sing N N 278 
SER N   H2   sing N N 279 
SER CA  C    sing N N 280 
SER CA  CB   sing N N 281 
SER CA  HA   sing N N 282 
SER C   O    doub N N 283 
SER C   OXT  sing N N 284 
SER CB  OG   sing N N 285 
SER CB  HB2  sing N N 286 
SER CB  HB3  sing N N 287 
SER OG  HG   sing N N 288 
SER OXT HXT  sing N N 289 
THR N   CA   sing N N 290 
THR N   H    sing N N 291 
THR N   H2   sing N N 292 
THR CA  C    sing N N 293 
THR CA  CB   sing N N 294 
THR CA  HA   sing N N 295 
THR C   O    doub N N 296 
THR C   OXT  sing N N 297 
THR CB  OG1  sing N N 298 
THR CB  CG2  sing N N 299 
THR CB  HB   sing N N 300 
THR OG1 HG1  sing N N 301 
THR CG2 HG21 sing N N 302 
THR CG2 HG22 sing N N 303 
THR CG2 HG23 sing N N 304 
THR OXT HXT  sing N N 305 
TRP N   CA   sing N N 306 
TRP N   H    sing N N 307 
TRP N   H2   sing N N 308 
TRP CA  C    sing N N 309 
TRP CA  CB   sing N N 310 
TRP CA  HA   sing N N 311 
TRP C   O    doub N N 312 
TRP C   OXT  sing N N 313 
TRP CB  CG   sing N N 314 
TRP CB  HB2  sing N N 315 
TRP CB  HB3  sing N N 316 
TRP CG  CD1  doub Y N 317 
TRP CG  CD2  sing Y N 318 
TRP CD1 NE1  sing Y N 319 
TRP CD1 HD1  sing N N 320 
TRP CD2 CE2  doub Y N 321 
TRP CD2 CE3  sing Y N 322 
TRP NE1 CE2  sing Y N 323 
TRP NE1 HE1  sing N N 324 
TRP CE2 CZ2  sing Y N 325 
TRP CE3 CZ3  doub Y N 326 
TRP CE3 HE3  sing N N 327 
TRP CZ2 CH2  doub Y N 328 
TRP CZ2 HZ2  sing N N 329 
TRP CZ3 CH2  sing Y N 330 
TRP CZ3 HZ3  sing N N 331 
TRP CH2 HH2  sing N N 332 
TRP OXT HXT  sing N N 333 
TYR N   CA   sing N N 334 
TYR N   H    sing N N 335 
TYR N   H2   sing N N 336 
TYR CA  C    sing N N 337 
TYR CA  CB   sing N N 338 
TYR CA  HA   sing N N 339 
TYR C   O    doub N N 340 
TYR C   OXT  sing N N 341 
TYR CB  CG   sing N N 342 
TYR CB  HB2  sing N N 343 
TYR CB  HB3  sing N N 344 
TYR CG  CD1  doub Y N 345 
TYR CG  CD2  sing Y N 346 
TYR CD1 CE1  sing Y N 347 
TYR CD1 HD1  sing N N 348 
TYR CD2 CE2  doub Y N 349 
TYR CD2 HD2  sing N N 350 
TYR CE1 CZ   doub Y N 351 
TYR CE1 HE1  sing N N 352 
TYR CE2 CZ   sing Y N 353 
TYR CE2 HE2  sing N N 354 
TYR CZ  OH   sing N N 355 
TYR OH  HH   sing N N 356 
TYR OXT HXT  sing N N 357 
VAL N   CA   sing N N 358 
VAL N   H    sing N N 359 
VAL N   H2   sing N N 360 
VAL CA  C    sing N N 361 
VAL CA  CB   sing N N 362 
VAL CA  HA   sing N N 363 
VAL C   O    doub N N 364 
VAL C   OXT  sing N N 365 
VAL CB  CG1  sing N N 366 
VAL CB  CG2  sing N N 367 
VAL CB  HB   sing N N 368 
VAL CG1 HG11 sing N N 369 
VAL CG1 HG12 sing N N 370 
VAL CG1 HG13 sing N N 371 
VAL CG2 HG21 sing N N 372 
VAL CG2 HG22 sing N N 373 
VAL CG2 HG23 sing N N 374 
VAL OXT HXT  sing N N 375 
# 
_atom_sites.entry_id                    3SO8 
_atom_sites.fract_transf_matrix[1][1]   -0.02198529 
_atom_sites.fract_transf_matrix[1][2]   0.00745018 
_atom_sites.fract_transf_matrix[1][3]   0.01066249 
_atom_sites.fract_transf_matrix[2][1]   0.00101027 
_atom_sites.fract_transf_matrix[2][2]   0.02101498 
_atom_sites.fract_transf_matrix[2][3]   -0.01260066 
_atom_sites.fract_transf_matrix[3][1]   -0.00512350 
_atom_sites.fract_transf_matrix[3][2]   -0.00429052 
_atom_sites.fract_transf_matrix[3][3]   -0.00756638 
_atom_sites.fract_transf_vector[1]      0.675889 
_atom_sites.fract_transf_vector[2]      0.467303 
_atom_sites.fract_transf_vector[3]      0.141034 
# 
loop_
_atom_type.symbol 
C 
N 
O 
S 
# 
loop_
_atom_site.group_PDB 
_atom_site.id 
_atom_site.type_symbol 
_atom_site.label_atom_id 
_atom_site.label_alt_id 
_atom_site.label_comp_id 
_atom_site.label_asym_id 
_atom_site.label_entity_id 
_atom_site.label_seq_id 
_atom_site.pdbx_PDB_ins_code 
_atom_site.Cartn_x 
_atom_site.Cartn_y 
_atom_site.Cartn_z 
_atom_site.occupancy 
_atom_site.B_iso_or_equiv 
_atom_site.pdbx_formal_charge 
_atom_site.auth_seq_id 
_atom_site.auth_comp_id 
_atom_site.auth_asym_id 
_atom_site.auth_atom_id 
_atom_site.pdbx_PDB_model_num 
ATOM   1    N N   . ASN A 1 1   ? -29.643 -8.758  -4.223  1.00 45.38 ? 8   ASN A N   1 
ATOM   2    C CA  . ASN A 1 1   ? -28.250 -8.754  -3.611  1.00 45.67 ? 8   ASN A CA  1 
ATOM   3    C C   . ASN A 1 1   ? -27.119 -8.428  -4.605  1.00 44.05 ? 8   ASN A C   1 
ATOM   4    O O   . ASN A 1 1   ? -26.240 -9.264  -4.888  1.00 44.15 ? 8   ASN A O   1 
ATOM   5    C CB  . ASN A 1 1   ? -27.993 -10.096 -2.942  1.00 46.46 ? 8   ASN A CB  1 
ATOM   6    C CG  . ASN A 1 1   ? -27.067 -9.980  -1.737  1.00 48.99 ? 8   ASN A CG  1 
ATOM   7    O OD1 . ASN A 1 1   ? -26.363 -8.965  -1.561  1.00 48.42 ? 8   ASN A OD1 1 
ATOM   8    N ND2 . ASN A 1 1   ? -27.064 -11.039 -0.890  1.00 48.20 ? 8   ASN A ND2 1 
ATOM   9    N N   . SER A 1 2   ? -27.149 -7.185  -5.083  1.00 41.58 ? 9   SER A N   1 
ATOM   10   C CA  . SER A 1 2   ? -26.612 -6.789  -6.398  1.00 39.05 ? 9   SER A CA  1 
ATOM   11   C C   . SER A 1 2   ? -25.187 -6.174  -6.406  1.00 36.87 ? 9   SER A C   1 
ATOM   12   O O   . SER A 1 2   ? -24.700 -5.761  -7.465  1.00 36.90 ? 9   SER A O   1 
ATOM   13   C CB  . SER A 1 2   ? -27.569 -5.747  -7.000  1.00 38.73 ? 9   SER A CB  1 
ATOM   14   N N   . LEU A 1 3   ? -24.559 -6.090  -5.235  1.00 33.14 ? 10  LEU A N   1 
ATOM   15   C CA  . LEU A 1 3   ? -23.252 -5.415  -5.055  1.00 31.12 ? 10  LEU A CA  1 
ATOM   16   C C   . LEU A 1 3   ? -22.041 -6.238  -5.511  1.00 28.63 ? 10  LEU A C   1 
ATOM   17   O O   . LEU A 1 3   ? -22.025 -7.455  -5.331  1.00 27.86 ? 10  LEU A O   1 
ATOM   18   C CB  . LEU A 1 3   ? -23.070 -5.118  -3.568  1.00 31.30 ? 10  LEU A CB  1 
ATOM   19   C CG  . LEU A 1 3   ? -23.827 -3.985  -2.915  1.00 34.76 ? 10  LEU A CG  1 
ATOM   20   C CD1 . LEU A 1 3   ? -23.456 -4.018  -1.448  1.00 36.89 ? 10  LEU A CD1 1 
ATOM   21   C CD2 . LEU A 1 3   ? -23.391 -2.654  -3.525  1.00 38.76 ? 10  LEU A CD2 1 
ATOM   22   N N   . SER A 1 4   ? -21.003 -5.562  -6.036  1.00 26.40 ? 11  SER A N   1 
ATOM   23   C CA  . SER A 1 4   ? -19.804 -6.250  -6.517  1.00 25.06 ? 11  SER A CA  1 
ATOM   24   C C   . SER A 1 4   ? -19.040 -6.848  -5.341  1.00 23.20 ? 11  SER A C   1 
ATOM   25   O O   . SER A 1 4   ? -19.193 -6.388  -4.235  1.00 22.56 ? 11  SER A O   1 
ATOM   26   C CB  . SER A 1 4   ? -18.880 -5.271  -7.263  1.00 25.27 ? 11  SER A CB  1 
ATOM   27   O OG  . SER A 1 4   ? -18.563 -4.161  -6.447  1.00 23.71 ? 11  SER A OG  1 
ATOM   28   N N   . VAL A 1 5   ? -18.210 -7.854  -5.576  1.00 22.23 ? 12  VAL A N   1 
ATOM   29   C CA  . VAL A 1 5   ? -17.275 -8.327  -4.535  1.00 21.62 ? 12  VAL A CA  1 
ATOM   30   C C   . VAL A 1 5   ? -16.381 -7.163  -4.005  1.00 20.40 ? 12  VAL A C   1 
ATOM   31   O O   . VAL A 1 5   ? -16.081 -7.098  -2.800  1.00 18.15 ? 12  VAL A O   1 
ATOM   32   C CB  . VAL A 1 5   ? -16.446 -9.496  -5.092  1.00 23.38 ? 12  VAL A CB  1 
ATOM   33   C CG1 . VAL A 1 5   ? -15.760 -9.092  -6.437  1.00 27.01 ? 12  VAL A CG1 1 
ATOM   34   C CG2 . VAL A 1 5   ? -15.423 -10.012 -4.103  1.00 23.95 ? 12  VAL A CG2 1 
ATOM   35   N N   . HIS A 1 6   ? -16.000 -6.242  -4.913  1.00 18.48 ? 13  HIS A N   1 
ATOM   36   C CA  . HIS A 1 6   ? -15.218 -5.051  -4.562  1.00 19.58 ? 13  HIS A CA  1 
ATOM   37   C C   . HIS A 1 6   ? -15.915 -4.187  -3.507  1.00 18.40 ? 13  HIS A C   1 
ATOM   38   O O   . HIS A 1 6   ? -15.275 -3.736  -2.524  1.00 18.78 ? 13  HIS A O   1 
ATOM   39   C CB  . HIS A 1 6   ? -14.956 -4.229  -5.829  1.00 18.55 ? 13  HIS A CB  1 
ATOM   40   C CG  . HIS A 1 6   ? -14.299 -5.035  -6.910  1.00 18.96 ? 13  HIS A CG  1 
ATOM   41   N ND1 . HIS A 1 6   ? -15.020 -5.808  -7.791  1.00 22.06 ? 13  HIS A ND1 1 
ATOM   42   C CD2 . HIS A 1 6   ? -12.996 -5.266  -7.184  1.00 19.11 ? 13  HIS A CD2 1 
ATOM   43   C CE1 . HIS A 1 6   ? -14.184 -6.445  -8.595  1.00 22.48 ? 13  HIS A CE1 1 
ATOM   44   N NE2 . HIS A 1 6   ? -12.946 -6.142  -8.236  1.00 18.64 ? 13  HIS A NE2 1 
ATOM   45   N N   . GLN A 1 7   ? -17.222 -3.942  -3.719  1.00 18.74 ? 14  GLN A N   1 
ATOM   46   C CA  . GLN A 1 7   ? -18.001 -3.108  -2.762  1.00 17.91 ? 14  GLN A CA  1 
ATOM   47   C C   . GLN A 1 7   ? -18.262 -3.873  -1.467  1.00 16.65 ? 14  GLN A C   1 
ATOM   48   O O   . GLN A 1 7   ? -18.202 -3.276  -0.376  1.00 16.65 ? 14  GLN A O   1 
ATOM   49   C CB  . GLN A 1 7   ? -19.329 -2.590  -3.402  1.00 18.92 ? 14  GLN A CB  1 
ATOM   50   N N   . LEU A 1 8   ? -18.466 -5.194  -1.570  1.00 16.13 ? 15  LEU A N   1 
ATOM   51   C CA  . LEU A 1 8   ? -18.654 -6.007  -0.350  1.00 18.01 ? 15  LEU A CA  1 
ATOM   52   C C   . LEU A 1 8   ? -17.372 -5.931  0.509   1.00 17.45 ? 15  LEU A C   1 
ATOM   53   O O   . LEU A 1 8   ? -17.455 -5.803  1.730   1.00 16.32 ? 15  LEU A O   1 
ATOM   54   C CB  . LEU A 1 8   ? -18.930 -7.471  -0.642  1.00 17.81 ? 15  LEU A CB  1 
ATOM   55   C CG  . LEU A 1 8   ? -20.290 -7.700  -1.300  1.00 21.91 ? 15  LEU A CG  1 
ATOM   56   C CD1 . LEU A 1 8   ? -20.347 -9.179  -1.739  1.00 16.47 ? 15  LEU A CD1 1 
ATOM   57   C CD2 . LEU A 1 8   ? -21.458 -7.340  -0.382  1.00 23.88 ? 15  LEU A CD2 1 
ATOM   58   N N   . ALA A 1 9   ? -16.209 -5.991  -0.152  1.00 17.35 ? 16  ALA A N   1 
ATOM   59   C CA  . ALA A 1 9   ? -14.938 -5.914  0.572   1.00 17.65 ? 16  ALA A CA  1 
ATOM   60   C C   . ALA A 1 9   ? -14.736 -4.523  1.211   1.00 18.18 ? 16  ALA A C   1 
ATOM   61   O O   . ALA A 1 9   ? -14.305 -4.434  2.359   1.00 19.61 ? 16  ALA A O   1 
ATOM   62   C CB  . ALA A 1 9   ? -13.796 -6.258  -0.369  1.00 18.16 ? 16  ALA A CB  1 
ATOM   63   N N   . ALA A 1 10  ? -15.070 -3.469  0.482   1.00 18.50 ? 17  ALA A N   1 
ATOM   64   C CA  . ALA A 1 10  ? -14.945 -2.107  0.968   1.00 20.27 ? 17  ALA A CA  1 
ATOM   65   C C   . ALA A 1 10  ? -15.859 -1.870  2.194   1.00 21.32 ? 17  ALA A C   1 
ATOM   66   O O   . ALA A 1 10  ? -15.475 -1.153  3.162   1.00 22.02 ? 17  ALA A O   1 
ATOM   67   C CB  . ALA A 1 10  ? -15.235 -1.115  -0.174  1.00 20.29 ? 17  ALA A CB  1 
ATOM   68   N N   . GLN A 1 11  ? -17.002 -2.540  2.197   1.00 22.08 ? 18  GLN A N   1 
ATOM   69   C CA  . GLN A 1 11  ? -18.009 -2.339  3.238   1.00 23.60 ? 18  GLN A CA  1 
ATOM   70   C C   . GLN A 1 11  ? -17.819 -3.243  4.447   1.00 23.38 ? 18  GLN A C   1 
ATOM   71   O O   . GLN A 1 11  ? -18.470 -3.047  5.442   1.00 24.74 ? 18  GLN A O   1 
ATOM   72   C CB  . GLN A 1 11  ? -19.401 -2.483  2.644   1.00 25.28 ? 18  GLN A CB  1 
ATOM   73   C CG  . GLN A 1 11  ? -19.790 -1.273  1.807   1.00 28.71 ? 18  GLN A CG  1 
ATOM   74   C CD  . GLN A 1 11  ? -21.139 -1.480  1.161   1.00 37.04 ? 18  GLN A CD  1 
ATOM   75   O OE1 . GLN A 1 11  ? -22.052 -2.109  1.750   1.00 38.41 ? 18  GLN A OE1 1 
ATOM   76   N NE2 . GLN A 1 11  ? -21.279 -0.989  -0.068  1.00 38.59 ? 18  GLN A NE2 1 
ATOM   77   N N   . GLY A 1 12  ? -16.878 -4.189  4.389   1.00 21.17 ? 19  GLY A N   1 
ATOM   78   C CA  . GLY A 1 12  ? -16.667 -5.184  5.457   1.00 21.11 ? 19  GLY A CA  1 
ATOM   79   C C   . GLY A 1 12  ? -17.878 -6.102  5.631   1.00 22.64 ? 19  GLY A C   1 
ATOM   80   O O   . GLY A 1 12  ? -18.177 -6.564  6.735   1.00 23.49 ? 19  GLY A O   1 
ATOM   81   N N   . GLU A 1 13  ? -18.568 -6.413  4.543   1.00 23.29 ? 20  GLU A N   1 
ATOM   82   C CA  . GLU A 1 13  ? -19.718 -7.322  4.616   1.00 24.83 ? 20  GLU A CA  1 
ATOM   83   C C   . GLU A 1 13  ? -19.197 -8.763  4.602   1.00 24.06 ? 20  GLU A C   1 
ATOM   84   O O   . GLU A 1 13  ? -19.138 -9.391  3.542   1.00 22.59 ? 20  GLU A O   1 
ATOM   85   C CB  . GLU A 1 13  ? -20.646 -7.027  3.446   1.00 25.47 ? 20  GLU A CB  1 
ATOM   86   C CG  . GLU A 1 13  ? -21.400 -5.679  3.638   1.00 31.32 ? 20  GLU A CG  1 
ATOM   87   C CD  . GLU A 1 13  ? -22.633 -5.885  4.534   1.00 42.53 ? 20  GLU A CD  1 
ATOM   88   O OE1 . GLU A 1 13  ? -22.517 -5.859  5.780   1.00 47.33 ? 20  GLU A OE1 1 
ATOM   89   O OE2 . GLU A 1 13  ? -23.718 -6.144  3.967   1.00 48.11 ? 20  GLU A OE2 1 
ATOM   90   N N   . MET A 1 14  ? -18.728 -9.236  5.763   1.00 22.97 ? 21  MET A N   1 
ATOM   91   C CA  . MET A 1 14  ? -17.909 -10.447 5.802   1.00 23.52 ? 21  MET A CA  1 
ATOM   92   C C   . MET A 1 14  ? -18.612 -11.707 5.295   1.00 20.51 ? 21  MET A C   1 
ATOM   93   O O   . MET A 1 14  ? -18.045 -12.470 4.494   1.00 17.99 ? 21  MET A O   1 
ATOM   94   C CB  . MET A 1 14  ? -17.394 -10.662 7.218   1.00 25.63 ? 21  MET A CB  1 
ATOM   95   C CG  . MET A 1 14  ? -16.047 -11.307 7.351   1.00 31.34 ? 21  MET A CG  1 
ATOM   96   S SD  . MET A 1 14  ? -14.587 -10.384 6.726   1.00 39.47 ? 21  MET A SD  1 
ATOM   97   C CE  . MET A 1 14  ? -15.241 -8.714  6.904   1.00 26.98 ? 21  MET A CE  1 
ATOM   98   N N   . LEU A 1 15  ? -19.842 -11.921 5.759   1.00 18.90 ? 22  LEU A N   1 
ATOM   99   C CA  . LEU A 1 15  ? -20.537 -13.113 5.360   1.00 18.83 ? 22  LEU A CA  1 
ATOM   100  C C   . LEU A 1 15  ? -20.803 -13.097 3.863   1.00 18.39 ? 22  LEU A C   1 
ATOM   101  O O   . LEU A 1 15  ? -20.537 -14.092 3.220   1.00 16.94 ? 22  LEU A O   1 
ATOM   102  C CB  . LEU A 1 15  ? -21.824 -13.328 6.163   1.00 19.71 ? 22  LEU A CB  1 
ATOM   103  C CG  . LEU A 1 15  ? -22.772 -14.441 5.633   1.00 19.33 ? 22  LEU A CG  1 
ATOM   104  C CD1 . LEU A 1 15  ? -22.099 -15.812 5.590   1.00 18.22 ? 22  LEU A CD1 1 
ATOM   105  C CD2 . LEU A 1 15  ? -23.939 -14.564 6.580   1.00 25.08 ? 22  LEU A CD2 1 
ATOM   106  N N   . TYR A 1 16  ? -21.344 -11.994 3.305   1.00 18.38 ? 23  TYR A N   1 
ATOM   107  C CA  . TYR A 1 16  ? -21.622 -11.947 1.820   1.00 19.10 ? 23  TYR A CA  1 
ATOM   108  C C   . TYR A 1 16  ? -20.367 -12.089 0.969   1.00 19.46 ? 23  TYR A C   1 
ATOM   109  O O   . TYR A 1 16  ? -20.356 -12.756 -0.096  1.00 16.87 ? 23  TYR A O   1 
ATOM   110  C CB  . TYR A 1 16  ? -22.315 -10.643 1.459   1.00 19.46 ? 23  TYR A CB  1 
ATOM   111  C CG  . TYR A 1 16  ? -23.700 -10.577 2.109   1.00 23.98 ? 23  TYR A CG  1 
ATOM   112  C CD1 . TYR A 1 16  ? -24.621 -11.645 1.918   1.00 31.53 ? 23  TYR A CD1 1 
ATOM   113  C CD2 . TYR A 1 16  ? -24.085 -9.515  2.883   1.00 26.59 ? 23  TYR A CD2 1 
ATOM   114  C CE1 . TYR A 1 16  ? -25.897 -11.643 2.522   1.00 34.58 ? 23  TYR A CE1 1 
ATOM   115  C CE2 . TYR A 1 16  ? -25.393 -9.475  3.471   1.00 33.39 ? 23  TYR A CE2 1 
ATOM   116  C CZ  . TYR A 1 16  ? -26.277 -10.540 3.279   1.00 35.00 ? 23  TYR A CZ  1 
ATOM   117  O OH  . TYR A 1 16  ? -27.531 -10.547 3.848   1.00 37.25 ? 23  TYR A OH  1 
ATOM   118  N N   . LEU A 1 17  ? -19.314 -11.418 1.417   1.00 19.31 ? 24  LEU A N   1 
ATOM   119  C CA  . LEU A 1 17  ? -17.985 -11.564 0.773   1.00 19.88 ? 24  LEU A CA  1 
ATOM   120  C C   . LEU A 1 17  ? -17.506 -13.011 0.797   1.00 19.17 ? 24  LEU A C   1 
ATOM   121  O O   . LEU A 1 17  ? -17.109 -13.580 -0.214  1.00 19.17 ? 24  LEU A O   1 
ATOM   122  C CB  . LEU A 1 17  ? -16.980 -10.696 1.514   1.00 19.79 ? 24  LEU A CB  1 
ATOM   123  C CG  . LEU A 1 17  ? -15.540 -10.820 0.998   1.00 20.30 ? 24  LEU A CG  1 
ATOM   124  C CD1 . LEU A 1 17  ? -15.537 -10.471 -0.509  1.00 19.69 ? 24  LEU A CD1 1 
ATOM   125  C CD2 . LEU A 1 17  ? -14.665 -9.807  1.847   1.00 17.98 ? 24  LEU A CD2 1 
ATOM   126  N N   . ALA A 1 18  ? -17.536 -13.621 1.969   1.00 19.67 ? 25  ALA A N   1 
ATOM   127  C CA  . ALA A 1 18  ? -17.085 -14.989 2.074   1.00 19.63 ? 25  ALA A CA  1 
ATOM   128  C C   . ALA A 1 18  ? -17.888 -15.966 1.157   1.00 21.35 ? 25  ALA A C   1 
ATOM   129  O O   . ALA A 1 18  ? -17.356 -16.844 0.486   1.00 18.84 ? 25  ALA A O   1 
ATOM   130  C CB  . ALA A 1 18  ? -17.140 -15.416 3.546   1.00 19.40 ? 25  ALA A CB  1 
ATOM   131  N N   . THR A 1 19  ? -19.198 -15.797 1.154   1.00 21.16 ? 26  THR A N   1 
ATOM   132  C CA  . THR A 1 19  ? -20.060 -16.549 0.273   1.00 23.12 ? 26  THR A CA  1 
ATOM   133  C C   . THR A 1 19  ? -19.665 -16.396 -1.228  1.00 23.05 ? 26  THR A C   1 
ATOM   134  O O   . THR A 1 19  ? -19.508 -17.388 -1.943  1.00 22.68 ? 26  THR A O   1 
ATOM   135  C CB  . THR A 1 19  ? -21.492 -16.017 0.653   1.00 24.16 ? 26  THR A CB  1 
ATOM   136  O OG1 . THR A 1 19  ? -21.865 -16.669 1.896   1.00 26.84 ? 26  THR A OG1 1 
ATOM   137  C CG2 . THR A 1 19  ? -22.435 -16.184 -0.350  1.00 24.51 ? 26  THR A CG2 1 
ATOM   138  N N   . ARG A 1 20  ? -19.520 -15.150 -1.692  1.00 23.25 ? 27  ARG A N   1 
ATOM   139  C CA  . ARG A 1 20  ? -19.127 -14.859 -3.080  1.00 24.35 ? 27  ARG A CA  1 
ATOM   140  C C   . ARG A 1 20  ? -17.790 -15.526 -3.513  1.00 24.28 ? 27  ARG A C   1 
ATOM   141  O O   . ARG A 1 20  ? -17.675 -16.117 -4.608  1.00 23.47 ? 27  ARG A O   1 
ATOM   142  C CB  . ARG A 1 20  ? -19.151 -13.312 -3.258  1.00 25.04 ? 27  ARG A CB  1 
ATOM   143  C CG  . ARG A 1 20  ? -19.425 -12.802 -4.652  1.00 31.68 ? 27  ARG A CG  1 
ATOM   144  C CD  . ARG A 1 20  ? -20.900 -13.052 -5.119  1.00 33.91 ? 27  ARG A CD  1 
ATOM   145  N NE  . ARG A 1 20  ? -21.855 -12.111 -4.539  1.00 34.10 ? 27  ARG A NE  1 
ATOM   146  C CZ  . ARG A 1 20  ? -21.961 -10.832 -4.899  1.00 29.24 ? 27  ARG A CZ  1 
ATOM   147  N NH1 . ARG A 1 20  ? -21.168 -10.312 -5.824  1.00 30.34 ? 27  ARG A NH1 1 
ATOM   148  N NH2 . ARG A 1 20  ? -22.868 -10.064 -4.323  1.00 36.25 ? 27  ARG A NH2 1 
ATOM   149  N N   . ILE A 1 21  ? -16.802 -15.459 -2.633  1.00 23.33 ? 28  ILE A N   1 
ATOM   150  C CA  . ILE A 1 21  ? -15.422 -15.952 -2.889  1.00 25.04 ? 28  ILE A CA  1 
ATOM   151  C C   . ILE A 1 21  ? -15.370 -17.474 -2.942  1.00 24.81 ? 28  ILE A C   1 
ATOM   152  O O   . ILE A 1 21  ? -14.563 -18.048 -3.689  1.00 23.30 ? 28  ILE A O   1 
ATOM   153  C CB  . ILE A 1 21  ? -14.480 -15.446 -1.734  1.00 24.99 ? 28  ILE A CB  1 
ATOM   154  C CG1 . ILE A 1 21  ? -14.405 -13.896 -1.698  1.00 27.97 ? 28  ILE A CG1 1 
ATOM   155  C CG2 . ILE A 1 21  ? -13.110 -16.124 -1.714  1.00 29.21 ? 28  ILE A CG2 1 
ATOM   156  C CD1 . ILE A 1 21  ? -14.172 -13.336 -2.950  1.00 26.66 ? 28  ILE A CD1 1 
ATOM   157  N N   . GLU A 1 22  ? -16.241 -18.113 -2.161  1.00 24.74 ? 29  GLU A N   1 
ATOM   158  C CA  . GLU A 1 22  ? -16.387 -19.582 -2.104  1.00 27.40 ? 29  GLU A CA  1 
ATOM   159  C C   . GLU A 1 22  ? -17.067 -20.169 -3.380  1.00 28.67 ? 29  GLU A C   1 
ATOM   160  O O   . GLU A 1 22  ? -16.603 -21.206 -3.924  1.00 27.32 ? 29  GLU A O   1 
ATOM   161  C CB  . GLU A 1 22  ? -17.172 -19.945 -0.827  1.00 28.87 ? 29  GLU A CB  1 
ATOM   162  C CG  . GLU A 1 22  ? -17.370 -21.445 -0.512  1.00 34.35 ? 29  GLU A CG  1 
ATOM   163  C CD  . GLU A 1 22  ? -16.084 -22.260 -0.573  1.00 42.22 ? 29  GLU A CD  1 
ATOM   164  O OE1 . GLU A 1 22  ? -14.984 -21.737 -0.268  1.00 43.29 ? 29  GLU A OE1 1 
ATOM   165  O OE2 . GLU A 1 22  ? -16.172 -23.459 -0.929  1.00 48.16 ? 29  GLU A OE2 1 
ATOM   166  N N   . GLN A 1 23  ? -18.126 -19.486 -3.836  1.00 28.65 ? 30  GLN A N   1 
ATOM   167  C CA  . GLN A 1 23  ? -18.944 -19.864 -4.989  1.00 30.52 ? 30  GLN A CA  1 
ATOM   168  C C   . GLN A 1 23  ? -18.174 -19.844 -6.317  1.00 31.18 ? 30  GLN A C   1 
ATOM   169  O O   . GLN A 1 23  ? -18.330 -20.756 -7.146  1.00 31.90 ? 30  GLN A O   1 
ATOM   170  C CB  . GLN A 1 23  ? -20.116 -18.902 -5.146  1.00 30.22 ? 30  GLN A CB  1 
ATOM   171  C CG  . GLN A 1 23  ? -21.357 -19.222 -4.341  1.00 35.08 ? 30  GLN A CG  1 
ATOM   172  N N   . GLU A 1 24  ? -17.375 -18.800 -6.541  1.00 29.97 ? 31  GLU A N   1 
ATOM   173  C CA  . GLU A 1 24  ? -16.709 -18.610 -7.833  1.00 28.30 ? 31  GLU A CA  1 
ATOM   174  C C   . GLU A 1 24  ? -15.303 -18.098 -7.585  1.00 29.00 ? 31  GLU A C   1 
ATOM   175  O O   . GLU A 1 24  ? -15.018 -17.592 -6.507  1.00 27.42 ? 31  GLU A O   1 
ATOM   176  C CB  . GLU A 1 24  ? -17.473 -17.601 -8.681  1.00 28.96 ? 31  GLU A CB  1 
ATOM   177  N N   . ASN A 1 25  ? -14.432 -18.205 -8.583  1.00 27.88 ? 32  ASN A N   1 
ATOM   178  C CA  . ASN A 1 25  ? -13.026 -17.870 -8.368  1.00 28.80 ? 32  ASN A CA  1 
ATOM   179  C C   . ASN A 1 25  ? -12.783 -16.382 -8.624  1.00 27.73 ? 32  ASN A C   1 
ATOM   180  O O   . ASN A 1 25  ? -12.059 -16.058 -9.559  1.00 28.20 ? 32  ASN A O   1 
ATOM   181  C CB  . ASN A 1 25  ? -12.144 -18.804 -9.229  1.00 29.71 ? 32  ASN A CB  1 
ATOM   182  C CG  . ASN A 1 25  ? -11.867 -20.172 -8.547  1.00 35.91 ? 32  ASN A CG  1 
ATOM   183  O OD1 . ASN A 1 25  ? -12.182 -21.267 -9.089  1.00 39.49 ? 32  ASN A OD1 1 
ATOM   184  N ND2 . ASN A 1 25  ? -11.262 -20.113 -7.357  1.00 37.72 ? 32  ASN A ND2 1 
ATOM   185  N N   . VAL A 1 26  ? -13.399 -15.491 -7.795  1.00 24.22 ? 33  VAL A N   1 
ATOM   186  C CA  . VAL A 1 26  ? -13.459 -14.046 -8.054  1.00 23.57 ? 33  VAL A CA  1 
ATOM   187  C C   . VAL A 1 26  ? -12.604 -13.236 -7.067  1.00 22.40 ? 33  VAL A C   1 
ATOM   188  O O   . VAL A 1 26  ? -12.599 -11.991 -7.119  1.00 23.21 ? 33  VAL A O   1 
ATOM   189  C CB  . VAL A 1 26  ? -14.908 -13.439 -7.961  1.00 25.11 ? 33  VAL A CB  1 
ATOM   190  C CG1 . VAL A 1 26  ? -15.824 -13.953 -9.088  1.00 29.08 ? 33  VAL A CG1 1 
ATOM   191  C CG2 . VAL A 1 26  ? -15.527 -13.700 -6.599  1.00 22.81 ? 33  VAL A CG2 1 
ATOM   192  N N   . ILE A 1 27  ? -11.888 -13.914 -6.183  1.00 20.83 ? 34  ILE A N   1 
ATOM   193  C CA  . ILE A 1 27  ? -11.087 -13.218 -5.180  1.00 20.80 ? 34  ILE A CA  1 
ATOM   194  C C   . ILE A 1 27  ? -10.071 -12.201 -5.764  1.00 21.54 ? 34  ILE A C   1 
ATOM   195  O O   . ILE A 1 27  ? -9.857  -11.137 -5.176  1.00 20.17 ? 34  ILE A O   1 
ATOM   196  C CB  . ILE A 1 27  ? -10.477 -14.178 -4.151  1.00 21.95 ? 34  ILE A CB  1 
ATOM   197  C CG1 . ILE A 1 27  ? -10.004 -13.382 -2.889  1.00 20.68 ? 34  ILE A CG1 1 
ATOM   198  C CG2 . ILE A 1 27  ? -9.423  -15.070 -4.785  1.00 21.29 ? 34  ILE A CG2 1 
ATOM   199  C CD1 . ILE A 1 27  ? -9.916  -14.244 -1.636  1.00 23.50 ? 34  ILE A CD1 1 
ATOM   200  N N   . ASN A 1 28  ? -9.509  -12.536 -6.933  1.00 19.68 ? 35  ASN A N   1 
ATOM   201  C CA  . ASN A 1 28  ? -8.566  -11.719 -7.678  1.00 21.44 ? 35  ASN A CA  1 
ATOM   202  C C   . ASN A 1 28  ? -9.113  -11.035 -8.921  1.00 21.44 ? 35  ASN A C   1 
ATOM   203  O O   . ASN A 1 28  ? -8.352  -10.398 -9.621  1.00 21.26 ? 35  ASN A O   1 
ATOM   204  C CB  . ASN A 1 28  ? -7.321  -12.572 -8.063  1.00 20.60 ? 35  ASN A CB  1 
ATOM   205  C CG  . ASN A 1 28  ? -6.537  -12.938 -6.857  1.00 23.49 ? 35  ASN A CG  1 
ATOM   206  O OD1 . ASN A 1 28  ? -6.227  -12.075 -6.012  1.00 25.55 ? 35  ASN A OD1 1 
ATOM   207  N ND2 . ASN A 1 28  ? -6.307  -14.221 -6.677  1.00 23.60 ? 35  ASN A ND2 1 
ATOM   208  N N   . HIS A 1 29  ? -10.423 -11.089 -9.161  1.00 23.30 ? 36  HIS A N   1 
ATOM   209  C CA  . HIS A 1 29  ? -11.007 -10.417 -10.313 1.00 25.33 ? 36  HIS A CA  1 
ATOM   210  C C   . HIS A 1 29  ? -10.971 -8.901  -10.238 1.00 25.27 ? 36  HIS A C   1 
ATOM   211  O O   . HIS A 1 29  ? -11.212 -8.285  -9.205  1.00 23.45 ? 36  HIS A O   1 
ATOM   212  C CB  . HIS A 1 29  ? -12.412 -10.993 -10.690 1.00 27.80 ? 36  HIS A CB  1 
ATOM   213  C CG  . HIS A 1 29  ? -12.311 -12.343 -11.359 1.00 30.74 ? 36  HIS A CG  1 
ATOM   214  N ND1 . HIS A 1 29  ? -13.407 -13.065 -11.786 1.00 36.24 ? 36  HIS A ND1 1 
ATOM   215  C CD2 . HIS A 1 29  ? -11.226 -13.097 -11.668 1.00 33.80 ? 36  HIS A CD2 1 
ATOM   216  C CE1 . HIS A 1 29  ? -13.000 -14.203 -12.328 1.00 37.73 ? 36  HIS A CE1 1 
ATOM   217  N NE2 . HIS A 1 29  ? -11.679 -14.242 -12.281 1.00 36.06 ? 36  HIS A NE2 1 
ATOM   218  N N   . THR A 1 30  ? -10.628 -8.286  -11.358 1.00 24.63 ? 37  THR A N   1 
ATOM   219  C CA  . THR A 1 30  ? -10.427 -6.841  -11.384 1.00 24.83 ? 37  THR A CA  1 
ATOM   220  C C   . THR A 1 30  ? -11.665 -6.152  -11.869 1.00 26.68 ? 37  THR A C   1 
ATOM   221  O O   . THR A 1 30  ? -12.403 -6.731  -12.689 1.00 27.25 ? 37  THR A O   1 
ATOM   222  C CB  . THR A 1 30  ? -9.236  -6.466  -12.309 1.00 25.34 ? 37  THR A CB  1 
ATOM   223  O OG1 . THR A 1 30  ? -9.470  -7.018  -13.622 1.00 24.55 ? 37  THR A OG1 1 
ATOM   224  C CG2 . THR A 1 30  ? -7.989  -7.062  -11.748 1.00 22.66 ? 37  THR A CG2 1 
ATOM   225  N N   . ASP A 1 31  ? -11.923 -4.958  -11.331 1.00 26.05 ? 38  ASP A N   1 
ATOM   226  C CA  . ASP A 1 31  ? -13.023 -4.108  -11.755 1.00 27.57 ? 38  ASP A CA  1 
ATOM   227  C C   . ASP A 1 31  ? -12.696 -3.367  -13.064 1.00 28.89 ? 38  ASP A C   1 
ATOM   228  O O   . ASP A 1 31  ? -11.608 -3.506  -13.607 1.00 26.43 ? 38  ASP A O   1 
ATOM   229  C CB  . ASP A 1 31  ? -13.491 -3.160  -10.625 1.00 27.20 ? 38  ASP A CB  1 
ATOM   230  C CG  . ASP A 1 31  ? -12.513 -2.029  -10.308 1.00 29.89 ? 38  ASP A CG  1 
ATOM   231  O OD1 . ASP A 1 31  ? -11.466 -1.802  -11.031 1.00 27.05 ? 38  ASP A OD1 1 
ATOM   232  O OD2 . ASP A 1 31  ? -12.829 -1.314  -9.326  1.00 25.53 ? 38  ASP A OD2 1 
ATOM   233  N N   . GLU A 1 32  ? -13.648 -2.598  -13.564 1.00 31.62 ? 39  GLU A N   1 
ATOM   234  C CA  . GLU A 1 32  ? -13.401 -1.856  -14.826 1.00 33.18 ? 39  GLU A CA  1 
ATOM   235  C C   . GLU A 1 32  ? -12.113 -0.992  -14.796 1.00 33.28 ? 39  GLU A C   1 
ATOM   236  O O   . GLU A 1 32  ? -11.449 -0.897  -15.812 1.00 33.88 ? 39  GLU A O   1 
ATOM   237  C CB  . GLU A 1 32  ? -14.671 -1.093  -15.270 1.00 33.27 ? 39  GLU A CB  1 
ATOM   238  N N   . GLU A 1 33  ? -11.682 -0.459  -13.636 1.00 31.70 ? 40  GLU A N   1 
ATOM   239  C CA  . GLU A 1 33  ? -10.398 0.268   -13.558 1.00 31.52 ? 40  GLU A CA  1 
ATOM   240  C C   . GLU A 1 33  ? -9.140  -0.552  -13.172 1.00 29.95 ? 40  GLU A C   1 
ATOM   241  O O   . GLU A 1 33  ? -8.038  0.024   -12.925 1.00 31.39 ? 40  GLU A O   1 
ATOM   242  C CB  . GLU A 1 33  ? -10.478 1.518   -12.646 1.00 32.58 ? 40  GLU A CB  1 
ATOM   243  C CG  . GLU A 1 33  ? -11.709 2.419   -12.718 1.00 37.35 ? 40  GLU A CG  1 
ATOM   244  C CD  . GLU A 1 33  ? -12.745 2.110   -11.583 1.00 45.11 ? 40  GLU A CD  1 
ATOM   245  O OE1 . GLU A 1 33  ? -12.456 2.251   -10.329 1.00 43.82 ? 40  GLU A OE1 1 
ATOM   246  O OE2 . GLU A 1 33  ? -13.866 1.701   -11.983 1.00 46.74 ? 40  GLU A OE2 1 
ATOM   247  N N   . GLY A 1 34  ? -9.276  -1.880  -13.086 1.00 27.08 ? 41  GLY A N   1 
ATOM   248  C CA  . GLY A 1 34  ? -8.135  -2.743  -12.847 1.00 25.09 ? 41  GLY A CA  1 
ATOM   249  C C   . GLY A 1 34  ? -7.888  -3.124  -11.396 1.00 23.15 ? 41  GLY A C   1 
ATOM   250  O O   . GLY A 1 34  ? -6.983  -3.890  -11.098 1.00 23.65 ? 41  GLY A O   1 
ATOM   251  N N   . PHE A 1 35  ? -8.745  -2.633  -10.496 1.00 22.80 ? 42  PHE A N   1 
ATOM   252  C CA  . PHE A 1 35  ? -8.625  -2.872  -9.021  1.00 20.43 ? 42  PHE A CA  1 
ATOM   253  C C   . PHE A 1 35  ? -9.254  -4.167  -8.540  1.00 19.37 ? 42  PHE A C   1 
ATOM   254  O O   . PHE A 1 35  ? -10.274 -4.600  -9.066  1.00 19.89 ? 42  PHE A O   1 
ATOM   255  C CB  . PHE A 1 35  ? -9.258  -1.713  -8.226  1.00 17.89 ? 42  PHE A CB  1 
ATOM   256  C CG  . PHE A 1 35  ? -8.608  -0.368  -8.475  1.00 23.61 ? 42  PHE A CG  1 
ATOM   257  C CD1 . PHE A 1 35  ? -7.312  -0.105  -8.030  1.00 25.29 ? 42  PHE A CD1 1 
ATOM   258  C CD2 . PHE A 1 35  ? -9.296  0.647   -9.154  1.00 21.58 ? 42  PHE A CD2 1 
ATOM   259  C CE1 . PHE A 1 35  ? -6.701  1.153   -8.251  1.00 27.00 ? 42  PHE A CE1 1 
ATOM   260  C CE2 . PHE A 1 35  ? -8.671  1.909   -9.397  1.00 24.98 ? 42  PHE A CE2 1 
ATOM   261  C CZ  . PHE A 1 35  ? -7.381  2.145   -8.945  1.00 26.19 ? 42  PHE A CZ  1 
ATOM   262  N N   . THR A 1 36  ? -8.615  -4.795  -7.551  1.00 18.51 ? 43  THR A N   1 
ATOM   263  C CA  . THR A 1 36  ? -9.022  -6.061  -7.028  1.00 17.38 ? 43  THR A CA  1 
ATOM   264  C C   . THR A 1 36  ? -9.811  -5.793  -5.741  1.00 16.39 ? 43  THR A C   1 
ATOM   265  O O   . THR A 1 36  ? -9.807  -4.664  -5.203  1.00 16.14 ? 43  THR A O   1 
ATOM   266  C CB  . THR A 1 36  ? -7.800  -6.897  -6.681  1.00 17.53 ? 43  THR A CB  1 
ATOM   267  O OG1 . THR A 1 36  ? -7.055  -6.174  -5.680  1.00 18.88 ? 43  THR A OG1 1 
ATOM   268  C CG2 . THR A 1 36  ? -6.925  -7.106  -7.969  1.00 17.67 ? 43  THR A CG2 1 
ATOM   269  N N   . PRO A 1 37  ? -10.492 -6.825  -5.233  1.00 16.95 ? 44  PRO A N   1 
ATOM   270  C CA  . PRO A 1 37  ? -11.174 -6.626  -3.946  1.00 16.13 ? 44  PRO A CA  1 
ATOM   271  C C   . PRO A 1 37  ? -10.196 -6.245  -2.834  1.00 16.54 ? 44  PRO A C   1 
ATOM   272  O O   . PRO A 1 37  ? -10.563 -5.467  -1.930  1.00 14.86 ? 44  PRO A O   1 
ATOM   273  C CB  . PRO A 1 37  ? -11.758 -7.992  -3.668  1.00 15.66 ? 44  PRO A CB  1 
ATOM   274  C CG  . PRO A 1 37  ? -12.149 -8.530  -5.083  1.00 18.12 ? 44  PRO A CG  1 
ATOM   275  C CD  . PRO A 1 37  ? -10.931 -8.044  -5.958  1.00 16.43 ? 44  PRO A CD  1 
ATOM   276  N N   . LEU A 1 38  ? -8.991  -6.832  -2.856  1.00 14.40 ? 45  LEU A N   1 
ATOM   277  C CA  . LEU A 1 38  ? -7.978  -6.455  -1.843  1.00 16.91 ? 45  LEU A CA  1 
ATOM   278  C C   . LEU A 1 38  ? -7.638  -4.935  -1.864  1.00 14.80 ? 45  LEU A C   1 
ATOM   279  O O   . LEU A 1 38  ? -7.554  -4.322  -0.784  1.00 14.57 ? 45  LEU A O   1 
ATOM   280  C CB  . LEU A 1 38  ? -6.673  -7.275  -1.997  1.00 16.14 ? 45  LEU A CB  1 
ATOM   281  C CG  . LEU A 1 38  ? -5.584  -7.014  -0.963  1.00 17.39 ? 45  LEU A CG  1 
ATOM   282  C CD1 . LEU A 1 38  ? -6.008  -7.559  0.482   1.00 17.61 ? 45  LEU A CD1 1 
ATOM   283  C CD2 . LEU A 1 38  ? -4.222  -7.647  -1.462  1.00 14.42 ? 45  LEU A CD2 1 
ATOM   284  N N   . MET A 1 39  ? -7.461  -4.361  -3.047  1.00 14.21 ? 46  MET A N   1 
ATOM   285  C CA  . MET A 1 39  ? -7.212  -2.926  -3.231  1.00 14.97 ? 46  MET A CA  1 
ATOM   286  C C   . MET A 1 39  ? -8.375  -2.116  -2.694  1.00 15.36 ? 46  MET A C   1 
ATOM   287  O O   . MET A 1 39  ? -8.165  -1.129  -1.981  1.00 15.83 ? 46  MET A O   1 
ATOM   288  C CB  . MET A 1 39  ? -6.934  -2.572  -4.698  1.00 14.97 ? 46  MET A CB  1 
ATOM   289  C CG  . MET A 1 39  ? -5.540  -3.155  -5.123  1.00 18.03 ? 46  MET A CG  1 
ATOM   290  S SD  . MET A 1 39  ? -5.501  -2.969  -6.937  1.00 22.05 ? 46  MET A SD  1 
ATOM   291  C CE  . MET A 1 39  ? -4.416  -4.279  -7.369  1.00 22.23 ? 46  MET A CE  1 
ATOM   292  N N   . TRP A 1 40  ? -9.594  -2.549  -2.981  1.00 14.60 ? 47  TRP A N   1 
ATOM   293  C CA  . TRP A 1 40  ? -10.797 -1.867  -2.397  1.00 16.62 ? 47  TRP A CA  1 
ATOM   294  C C   . TRP A 1 40  ? -10.772 -1.906  -0.862  1.00 15.22 ? 47  TRP A C   1 
ATOM   295  O O   . TRP A 1 40  ? -11.076 -0.927  -0.227  1.00 15.17 ? 47  TRP A O   1 
ATOM   296  C CB  . TRP A 1 40  ? -12.129 -2.468  -2.920  1.00 14.29 ? 47  TRP A CB  1 
ATOM   297  C CG  . TRP A 1 40  ? -12.536 -1.876  -4.244  1.00 17.67 ? 47  TRP A CG  1 
ATOM   298  C CD1 . TRP A 1 40  ? -11.957 -2.137  -5.440  1.00 17.88 ? 47  TRP A CD1 1 
ATOM   299  C CD2 . TRP A 1 40  ? -13.593 -0.950  -4.501  1.00 18.59 ? 47  TRP A CD2 1 
ATOM   300  N NE1 . TRP A 1 40  ? -12.579 -1.444  -6.418  1.00 18.06 ? 47  TRP A NE1 1 
ATOM   301  C CE2 . TRP A 1 40  ? -13.573 -0.678  -5.874  1.00 19.14 ? 47  TRP A CE2 1 
ATOM   302  C CE3 . TRP A 1 40  ? -14.532 -0.289  -3.693  1.00 21.13 ? 47  TRP A CE3 1 
ATOM   303  C CZ2 . TRP A 1 40  ? -14.493 0.212   -6.513  1.00 20.33 ? 47  TRP A CZ2 1 
ATOM   304  C CZ3 . TRP A 1 40  ? -15.458 0.619   -4.323  1.00 22.99 ? 47  TRP A CZ3 1 
ATOM   305  C CH2 . TRP A 1 40  ? -15.425 0.850   -5.724  1.00 20.03 ? 47  TRP A CH2 1 
ATOM   306  N N   . ALA A 1 41  ? -10.430 -3.049  -0.280  1.00 14.78 ? 48  ALA A N   1 
ATOM   307  C CA  . ALA A 1 41  ? -10.438 -3.177  1.200   1.00 14.94 ? 48  ALA A CA  1 
ATOM   308  C C   . ALA A 1 41  ? -9.307  -2.371  1.794   1.00 14.95 ? 48  ALA A C   1 
ATOM   309  O O   . ALA A 1 41  ? -9.492  -1.652  2.825   1.00 15.70 ? 48  ALA A O   1 
ATOM   310  C CB  . ALA A 1 41  ? -10.291 -4.670  1.577   1.00 14.20 ? 48  ALA A CB  1 
ATOM   311  N N   . ALA A 1 42  ? -8.111  -2.447  1.173   1.00 14.72 ? 49  ALA A N   1 
ATOM   312  C CA  . ALA A 1 42  ? -6.997  -1.642  1.661   1.00 15.84 ? 49  ALA A CA  1 
ATOM   313  C C   . ALA A 1 42  ? -7.319  -0.167  1.591   1.00 16.83 ? 49  ALA A C   1 
ATOM   314  O O   . ALA A 1 42  ? -7.035  0.553   2.545   1.00 17.72 ? 49  ALA A O   1 
ATOM   315  C CB  . ALA A 1 42  ? -5.613  -1.947  0.884   1.00 15.15 ? 49  ALA A CB  1 
ATOM   316  N N   . ALA A 1 43  ? -7.892  0.319   0.491   1.00 16.94 ? 50  ALA A N   1 
ATOM   317  C CA  . ALA A 1 43  ? -8.085  1.777   0.367   1.00 17.54 ? 50  ALA A CA  1 
ATOM   318  C C   . ALA A 1 43  ? -9.131  2.273   1.336   1.00 18.23 ? 50  ALA A C   1 
ATOM   319  O O   . ALA A 1 43  ? -9.111  3.467   1.700   1.00 17.40 ? 50  ALA A O   1 
ATOM   320  C CB  . ALA A 1 43  ? -8.517  2.131   -1.032  1.00 18.96 ? 50  ALA A CB  1 
ATOM   321  N N   . HIS A 1 44  ? -10.066 1.375   1.702   1.00 17.13 ? 51  HIS A N   1 
ATOM   322  C CA  . HIS A 1 44  ? -11.075 1.652   2.710   1.00 17.44 ? 51  HIS A CA  1 
ATOM   323  C C   . HIS A 1 44  ? -10.683 1.332   4.175   1.00 17.38 ? 51  HIS A C   1 
ATOM   324  O O   . HIS A 1 44  ? -11.543 1.447   5.093   1.00 18.73 ? 51  HIS A O   1 
ATOM   325  C CB  . HIS A 1 44  ? -12.391 0.908   2.354   1.00 17.37 ? 51  HIS A CB  1 
ATOM   326  C CG  . HIS A 1 44  ? -13.143 1.520   1.207   1.00 17.97 ? 51  HIS A CG  1 
ATOM   327  N ND1 . HIS A 1 44  ? -12.817 1.302   -0.116  1.00 17.79 ? 51  HIS A ND1 1 
ATOM   328  C CD2 . HIS A 1 44  ? -14.228 2.332   1.200   1.00 19.63 ? 51  HIS A CD2 1 
ATOM   329  C CE1 . HIS A 1 44  ? -13.660 1.969   -0.890  1.00 18.96 ? 51  HIS A CE1 1 
ATOM   330  N NE2 . HIS A 1 44  ? -14.555 2.558   -0.116  1.00 20.11 ? 51  HIS A NE2 1 
ATOM   331  N N   . GLY A 1 45  ? -9.430  0.936   4.423   1.00 16.45 ? 52  GLY A N   1 
ATOM   332  C CA  . GLY A 1 45  ? -8.979  0.628   5.770   1.00 17.22 ? 52  GLY A CA  1 
ATOM   333  C C   . GLY A 1 45  ? -9.683  -0.523  6.443   1.00 19.73 ? 52  GLY A C   1 
ATOM   334  O O   . GLY A 1 45  ? -9.841  -0.508  7.685   1.00 18.49 ? 52  GLY A O   1 
ATOM   335  N N   . GLN A 1 46  ? -10.147 -1.515  5.663   1.00 17.72 ? 53  GLN A N   1 
ATOM   336  C CA  . GLN A 1 46  ? -10.902 -2.629  6.240   1.00 18.11 ? 53  GLN A CA  1 
ATOM   337  C C   . GLN A 1 46  ? -9.982  -3.716  6.672   1.00 19.56 ? 53  GLN A C   1 
ATOM   338  O O   . GLN A 1 46  ? -9.717  -4.699  5.954   1.00 18.94 ? 53  GLN A O   1 
ATOM   339  C CB  . GLN A 1 46  ? -11.944 -3.178  5.277   1.00 19.41 ? 53  GLN A CB  1 
ATOM   340  C CG  . GLN A 1 46  ? -12.964 -2.173  4.923   1.00 18.00 ? 53  GLN A CG  1 
ATOM   341  C CD  . GLN A 1 46  ? -13.988 -2.052  6.027   1.00 24.82 ? 53  GLN A CD  1 
ATOM   342  O OE1 . GLN A 1 46  ? -14.041 -2.866  6.945   1.00 24.66 ? 53  GLN A OE1 1 
ATOM   343  N NE2 . GLN A 1 46  ? -14.855 -1.094  5.892   1.00 31.83 ? 53  GLN A NE2 1 
ATOM   344  N N   . ILE A 1 47  ? -9.493  -3.584  7.898   1.00 18.21 ? 54  ILE A N   1 
ATOM   345  C CA  . ILE A 1 47  ? -8.421  -4.473  8.317   1.00 19.20 ? 54  ILE A CA  1 
ATOM   346  C C   . ILE A 1 47  ? -8.858  -5.927  8.337   1.00 18.97 ? 54  ILE A C   1 
ATOM   347  O O   . ILE A 1 47  ? -8.133  -6.788  7.911   1.00 19.84 ? 54  ILE A O   1 
ATOM   348  C CB  . ILE A 1 47  ? -7.911  -4.126  9.740   1.00 19.12 ? 54  ILE A CB  1 
ATOM   349  C CG1 . ILE A 1 47  ? -7.542  -2.636  9.814   1.00 21.55 ? 54  ILE A CG1 1 
ATOM   350  C CG2 . ILE A 1 47  ? -6.762  -5.044  10.092  1.00 21.61 ? 54  ILE A CG2 1 
ATOM   351  C CD1 . ILE A 1 47  ? -7.260  -2.122  11.227  1.00 25.90 ? 54  ILE A CD1 1 
ATOM   352  N N   . ALA A 1 48  ? -10.020 -6.216  8.882   1.00 19.74 ? 55  ALA A N   1 
ATOM   353  C CA  . ALA A 1 48  ? -10.466 -7.612  8.948   1.00 20.15 ? 55  ALA A CA  1 
ATOM   354  C C   . ALA A 1 48  ? -10.624 -8.224  7.534   1.00 19.84 ? 55  ALA A C   1 
ATOM   355  O O   . ALA A 1 48  ? -10.331 -9.408  7.332   1.00 18.01 ? 55  ALA A O   1 
ATOM   356  C CB  . ALA A 1 48  ? -11.783 -7.722  9.756   1.00 22.70 ? 55  ALA A CB  1 
ATOM   357  N N   . VAL A 1 49  ? -11.127 -7.418  6.598   1.00 19.49 ? 56  VAL A N   1 
ATOM   358  C CA  . VAL A 1 49  ? -11.349 -7.875  5.200   1.00 19.50 ? 56  VAL A CA  1 
ATOM   359  C C   . VAL A 1 49  ? -10.033 -8.226  4.550   1.00 19.67 ? 56  VAL A C   1 
ATOM   360  O O   . VAL A 1 49  ? -9.882  -9.305  3.948   1.00 18.71 ? 56  VAL A O   1 
ATOM   361  C CB  . VAL A 1 49  ? -12.157 -6.819  4.385   1.00 20.08 ? 56  VAL A CB  1 
ATOM   362  C CG1 . VAL A 1 49  ? -12.294 -7.267  2.883   1.00 19.64 ? 56  VAL A CG1 1 
ATOM   363  C CG2 . VAL A 1 49  ? -13.589 -6.728  4.975   1.00 21.16 ? 56  VAL A CG2 1 
ATOM   364  N N   . VAL A 1 50  ? -9.041  -7.342  4.747   1.00 18.00 ? 57  VAL A N   1 
ATOM   365  C CA  . VAL A 1 50  ? -7.716  -7.602  4.230   1.00 17.22 ? 57  VAL A CA  1 
ATOM   366  C C   . VAL A 1 50  ? -7.174  -8.937  4.769   1.00 18.85 ? 57  VAL A C   1 
ATOM   367  O O   . VAL A 1 50  ? -6.751  -9.782  3.989   1.00 18.08 ? 57  VAL A O   1 
ATOM   368  C CB  . VAL A 1 50  ? -6.738  -6.425  4.494   1.00 15.98 ? 57  VAL A CB  1 
ATOM   369  C CG1 . VAL A 1 50  ? -5.310  -6.837  4.207   1.00 19.13 ? 57  VAL A CG1 1 
ATOM   370  C CG2 . VAL A 1 50  ? -7.157  -5.151  3.688   1.00 14.04 ? 57  VAL A CG2 1 
ATOM   371  N N   . GLU A 1 51  ? -7.198  -9.114  6.090   1.00 20.59 ? 58  GLU A N   1 
ATOM   372  C CA  . GLU A 1 51  ? -6.772  -10.373 6.678   1.00 22.56 ? 58  GLU A CA  1 
ATOM   373  C C   . GLU A 1 51  ? -7.465  -11.581 6.028   1.00 21.75 ? 58  GLU A C   1 
ATOM   374  O O   . GLU A 1 51  ? -6.809  -12.524 5.660   1.00 21.17 ? 58  GLU A O   1 
ATOM   375  C CB  . GLU A 1 51  ? -7.064  -10.403 8.162   1.00 23.95 ? 58  GLU A CB  1 
ATOM   376  C CG  . GLU A 1 51  ? -6.540  -11.629 8.821   1.00 29.58 ? 58  GLU A CG  1 
ATOM   377  C CD  . GLU A 1 51  ? -6.731  -11.601 10.337  1.00 35.42 ? 58  GLU A CD  1 
ATOM   378  O OE1 . GLU A 1 51  ? -7.870  -11.336 10.796  1.00 41.21 ? 58  GLU A OE1 1 
ATOM   379  O OE2 . GLU A 1 51  ? -5.754  -11.890 11.061  1.00 41.28 ? 58  GLU A OE2 1 
ATOM   380  N N   . PHE A 1 52  ? -8.785  -11.514 5.905   1.00 19.87 ? 59  PHE A N   1 
ATOM   381  C CA  . PHE A 1 52  ? -9.576  -12.606 5.326   1.00 19.18 ? 59  PHE A CA  1 
ATOM   382  C C   . PHE A 1 52  ? -9.187  -12.857 3.853   1.00 17.66 ? 59  PHE A C   1 
ATOM   383  O O   . PHE A 1 52  ? -8.848  -13.987 3.477   1.00 17.16 ? 59  PHE A O   1 
ATOM   384  C CB  . PHE A 1 52  ? -11.085 -12.269 5.484   1.00 18.93 ? 59  PHE A CB  1 
ATOM   385  C CG  . PHE A 1 52  ? -11.993 -13.207 4.681   1.00 22.22 ? 59  PHE A CG  1 
ATOM   386  C CD1 . PHE A 1 52  ? -12.395 -14.417 5.214   1.00 20.69 ? 59  PHE A CD1 1 
ATOM   387  C CD2 . PHE A 1 52  ? -12.370 -12.888 3.354   1.00 20.61 ? 59  PHE A CD2 1 
ATOM   388  C CE1 . PHE A 1 52  ? -13.196 -15.316 4.442   1.00 24.37 ? 59  PHE A CE1 1 
ATOM   389  C CE2 . PHE A 1 52  ? -13.163 -13.771 2.594   1.00 26.49 ? 59  PHE A CE2 1 
ATOM   390  C CZ  . PHE A 1 52  ? -13.574 -14.984 3.148   1.00 23.74 ? 59  PHE A CZ  1 
ATOM   391  N N   . LEU A 1 53  ? -9.146  -11.795 3.032   1.00 15.29 ? 60  LEU A N   1 
ATOM   392  C CA  . LEU A 1 53  ? -8.740  -11.940 1.614   1.00 17.13 ? 60  LEU A CA  1 
ATOM   393  C C   . LEU A 1 53  ? -7.331  -12.542 1.484   1.00 17.27 ? 60  LEU A C   1 
ATOM   394  O O   . LEU A 1 53  ? -7.092  -13.444 0.686   1.00 17.56 ? 60  LEU A O   1 
ATOM   395  C CB  . LEU A 1 53  ? -8.778  -10.603 0.927   1.00 15.43 ? 60  LEU A CB  1 
ATOM   396  C CG  . LEU A 1 53  ? -10.231 -10.067 0.733   1.00 18.00 ? 60  LEU A CG  1 
ATOM   397  C CD1 . LEU A 1 53  ? -10.136 -8.649  0.158   1.00 17.38 ? 60  LEU A CD1 1 
ATOM   398  C CD2 . LEU A 1 53  ? -11.095 -11.035 -0.170  1.00 18.50 ? 60  LEU A CD2 1 
ATOM   399  N N   . LEU A 1 54  ? -6.392  -12.075 2.296   1.00 18.38 ? 61  LEU A N   1 
ATOM   400  C CA  . LEU A 1 54  ? -5.069  -12.706 2.256   1.00 20.95 ? 61  LEU A CA  1 
ATOM   401  C C   . LEU A 1 54  ? -5.078  -14.216 2.628   1.00 23.72 ? 61  LEU A C   1 
ATOM   402  O O   . LEU A 1 54  ? -4.415  -15.031 1.941   1.00 24.31 ? 61  LEU A O   1 
ATOM   403  C CB  . LEU A 1 54  ? -4.060  -11.935 3.135   1.00 20.53 ? 61  LEU A CB  1 
ATOM   404  C CG  . LEU A 1 54  ? -3.758  -10.521 2.646   1.00 19.00 ? 61  LEU A CG  1 
ATOM   405  C CD1 . LEU A 1 54  ? -2.921  -9.716  3.737   1.00 18.87 ? 61  LEU A CD1 1 
ATOM   406  C CD2 . LEU A 1 54  ? -3.171  -10.438 1.264   1.00 19.42 ? 61  LEU A CD2 1 
ATOM   407  N N   . GLN A 1 55  ? -5.810  -14.579 3.684   1.00 25.55 ? 62  GLN A N   1 
ATOM   408  C CA  . GLN A 1 55  ? -5.913  -16.013 4.079   1.00 27.74 ? 62  GLN A CA  1 
ATOM   409  C C   . GLN A 1 55  ? -6.533  -16.899 3.028   1.00 27.62 ? 62  GLN A C   1 
ATOM   410  O O   . GLN A 1 55  ? -6.367  -18.133 3.042   1.00 27.53 ? 62  GLN A O   1 
ATOM   411  C CB  . GLN A 1 55  ? -6.795  -16.194 5.326   1.00 27.85 ? 62  GLN A CB  1 
ATOM   412  C CG  . GLN A 1 55  ? -6.257  -15.621 6.597   1.00 33.42 ? 62  GLN A CG  1 
ATOM   413  C CD  . GLN A 1 55  ? -7.323  -15.630 7.704   1.00 40.20 ? 62  GLN A CD  1 
ATOM   414  O OE1 . GLN A 1 55  ? -8.544  -15.801 7.434   1.00 40.16 ? 62  GLN A OE1 1 
ATOM   415  N NE2 . GLN A 1 55  ? -6.877  -15.408 8.946   1.00 41.40 ? 62  GLN A NE2 1 
ATOM   416  N N   . ASN A 1 56  ? -7.325  -16.296 2.158   1.00 27.15 ? 63  ASN A N   1 
ATOM   417  C CA  . ASN A 1 56  ? -8.007  -17.044 1.108   1.00 26.90 ? 63  ASN A CA  1 
ATOM   418  C C   . ASN A 1 56  ? -7.485  -16.892 -0.316  1.00 26.42 ? 63  ASN A C   1 
ATOM   419  O O   . ASN A 1 56  ? -8.203  -17.171 -1.276  1.00 25.60 ? 63  ASN A O   1 
ATOM   420  C CB  . ASN A 1 56  ? -9.522  -16.786 1.181   1.00 27.05 ? 63  ASN A CB  1 
ATOM   421  C CG  . ASN A 1 56  ? -10.128 -17.373 2.459   1.00 28.77 ? 63  ASN A CG  1 
ATOM   422  O OD1 . ASN A 1 56  ? -10.497 -18.517 2.446   1.00 29.51 ? 63  ASN A OD1 1 
ATOM   423  N ND2 . ASN A 1 56  ? -10.134 -16.620 3.583   1.00 23.40 ? 63  ASN A ND2 1 
ATOM   424  N N   . GLY A 1 57  ? -6.259  -16.405 -0.450  1.00 24.25 ? 64  GLY A N   1 
ATOM   425  C CA  . GLY A 1 57  ? -5.605  -16.407 -1.736  1.00 24.65 ? 64  GLY A CA  1 
ATOM   426  C C   . GLY A 1 57  ? -5.698  -15.168 -2.600  1.00 24.34 ? 64  GLY A C   1 
ATOM   427  O O   . GLY A 1 57  ? -5.460  -15.227 -3.831  1.00 23.09 ? 64  GLY A O   1 
ATOM   428  N N   . ALA A 1 58  ? -6.008  -14.030 -1.966  1.00 22.57 ? 65  ALA A N   1 
ATOM   429  C CA  . ALA A 1 58  ? -5.892  -12.766 -2.646  1.00 21.00 ? 65  ALA A CA  1 
ATOM   430  C C   . ALA A 1 58  ? -4.391  -12.524 -2.946  1.00 19.32 ? 65  ALA A C   1 
ATOM   431  O O   . ALA A 1 58  ? -3.554  -12.648 -2.067  1.00 20.28 ? 65  ALA A O   1 
ATOM   432  C CB  . ALA A 1 58  ? -6.460  -11.646 -1.810  1.00 21.39 ? 65  ALA A CB  1 
ATOM   433  N N   . ASP A 1 59  ? -4.088  -12.205 -4.191  1.00 18.91 ? 66  ASP A N   1 
ATOM   434  C CA  . ASP A 1 59  ? -2.701  -11.893 -4.631  1.00 20.24 ? 66  ASP A CA  1 
ATOM   435  C C   . ASP A 1 59  ? -2.379  -10.431 -4.204  1.00 19.54 ? 66  ASP A C   1 
ATOM   436  O O   . ASP A 1 59  ? -2.984  -9.518  -4.748  1.00 21.95 ? 66  ASP A O   1 
ATOM   437  C CB  . ASP A 1 59  ? -2.677  -12.027 -6.180  1.00 19.46 ? 66  ASP A CB  1 
ATOM   438  C CG  . ASP A 1 59  ? -1.294  -11.735 -6.801  1.00 25.63 ? 66  ASP A CG  1 
ATOM   439  O OD1 . ASP A 1 59  ? -0.348  -11.352 -6.067  1.00 27.00 ? 66  ASP A OD1 1 
ATOM   440  O OD2 . ASP A 1 59  ? -1.165  -11.875 -8.029  1.00 28.01 ? 66  ASP A OD2 1 
ATOM   441  N N   . PRO A 1 60  ? -1.437  -10.218 -3.238  1.00 21.39 ? 67  PRO A N   1 
ATOM   442  C CA  . PRO A 1 60  ? -1.187  -8.874  -2.734  1.00 22.11 ? 67  PRO A CA  1 
ATOM   443  C C   . PRO A 1 60  ? -0.295  -8.064  -3.719  1.00 23.56 ? 67  PRO A C   1 
ATOM   444  O O   . PRO A 1 60  ? -0.112  -6.844  -3.561  1.00 22.58 ? 67  PRO A O   1 
ATOM   445  C CB  . PRO A 1 60  ? -0.535  -9.140  -1.379  1.00 23.15 ? 67  PRO A CB  1 
ATOM   446  C CG  . PRO A 1 60  ? 0.268   -10.422 -1.586  1.00 22.93 ? 67  PRO A CG  1 
ATOM   447  C CD  . PRO A 1 60  ? -0.675  -11.229 -2.474  1.00 20.05 ? 67  PRO A CD  1 
ATOM   448  N N   . GLN A 1 61  ? 0.171   -8.728  -4.780  1.00 23.44 ? 68  GLN A N   1 
ATOM   449  C CA  . GLN A 1 61  ? 1.128   -8.126  -5.709  1.00 26.40 ? 68  GLN A CA  1 
ATOM   450  C C   . GLN A 1 61  ? 0.481   -7.806  -7.040  1.00 26.80 ? 68  GLN A C   1 
ATOM   451  O O   . GLN A 1 61  ? 1.093   -7.240  -7.960  1.00 26.53 ? 68  GLN A O   1 
ATOM   452  C CB  . GLN A 1 61  ? 2.306   -9.111  -5.926  1.00 27.78 ? 68  GLN A CB  1 
ATOM   453  C CG  . GLN A 1 61  ? 3.072   -9.473  -4.648  1.00 31.91 ? 68  GLN A CG  1 
ATOM   454  C CD  . GLN A 1 61  ? 4.565   -9.590  -4.920  1.00 38.58 ? 68  GLN A CD  1 
ATOM   455  O OE1 . GLN A 1 61  ? 5.034   -10.662 -5.303  1.00 37.47 ? 68  GLN A OE1 1 
ATOM   456  N NE2 . GLN A 1 61  ? 5.315   -8.454  -4.772  1.00 36.67 ? 68  GLN A NE2 1 
ATOM   457  N N   . LEU A 1 62  ? -0.798  -8.122  -7.153  1.00 26.06 ? 69  LEU A N   1 
ATOM   458  C CA  . LEU A 1 62  ? -1.504  -7.843  -8.361  1.00 25.95 ? 69  LEU A CA  1 
ATOM   459  C C   . LEU A 1 62  ? -1.570  -6.319  -8.476  1.00 26.46 ? 69  LEU A C   1 
ATOM   460  O O   . LEU A 1 62  ? -1.732  -5.645  -7.466  1.00 27.84 ? 69  LEU A O   1 
ATOM   461  C CB  . LEU A 1 62  ? -2.859  -8.553  -8.315  1.00 26.47 ? 69  LEU A CB  1 
ATOM   462  C CG  . LEU A 1 62  ? -3.683  -8.724  -9.585  1.00 29.79 ? 69  LEU A CG  1 
ATOM   463  C CD1 . LEU A 1 62  ? -2.831  -9.147  -10.751 1.00 36.01 ? 69  LEU A CD1 1 
ATOM   464  C CD2 . LEU A 1 62  ? -4.737  -9.774  -9.289  1.00 32.12 ? 69  LEU A CD2 1 
ATOM   465  N N   . LEU A 1 63  ? -1.311  -5.736  -9.653  1.00 24.25 ? 70  LEU A N   1 
ATOM   466  C CA  . LEU A 1 63  ? -1.326  -4.280  -9.714  1.00 24.99 ? 70  LEU A CA  1 
ATOM   467  C C   . LEU A 1 63  ? -2.469  -3.739  -10.545 1.00 25.73 ? 70  LEU A C   1 
ATOM   468  O O   . LEU A 1 63  ? -2.918  -4.409  -11.453 1.00 24.73 ? 70  LEU A O   1 
ATOM   469  C CB  . LEU A 1 63  ? -0.010  -3.719  -10.261 1.00 25.19 ? 70  LEU A CB  1 
ATOM   470  C CG  . LEU A 1 63  ? 1.260   -4.198  -9.608  1.00 25.40 ? 70  LEU A CG  1 
ATOM   471  C CD1 . LEU A 1 63  ? 2.423   -3.747  -10.440 1.00 28.75 ? 70  LEU A CD1 1 
ATOM   472  C CD2 . LEU A 1 63  ? 1.417   -3.710  -8.112  1.00 24.75 ? 70  LEU A CD2 1 
ATOM   473  N N   . GLY A 1 64  ? -2.868  -2.505  -10.292 1.00 24.66 ? 71  GLY A N   1 
ATOM   474  C CA  . GLY A 1 64  ? -3.984  -1.886  -10.989 1.00 27.06 ? 71  GLY A CA  1 
ATOM   475  C C   . GLY A 1 64  ? -3.545  -1.474  -12.369 1.00 28.73 ? 71  GLY A C   1 
ATOM   476  O O   . GLY A 1 64  ? -2.397  -1.728  -12.770 1.00 27.79 ? 71  GLY A O   1 
ATOM   477  N N   . LYS A 1 65  ? -4.437  -0.802  -13.076 1.00 30.99 ? 72  LYS A N   1 
ATOM   478  C CA  . LYS A 1 65  ? -4.154  -0.428  -14.462 1.00 32.46 ? 72  LYS A CA  1 
ATOM   479  C C   . LYS A 1 65  ? -2.998  0.547   -14.631 1.00 32.80 ? 72  LYS A C   1 
ATOM   480  O O   . LYS A 1 65  ? -2.333  0.532   -15.677 1.00 33.15 ? 72  LYS A O   1 
ATOM   481  C CB  . LYS A 1 65  ? -5.403  0.119   -15.145 1.00 34.62 ? 72  LYS A CB  1 
ATOM   482  C CG  . LYS A 1 65  ? -6.135  -0.943  -15.918 1.00 36.66 ? 72  LYS A CG  1 
ATOM   483  C CD  . LYS A 1 65  ? -6.932  -0.308  -17.002 1.00 43.47 ? 72  LYS A CD  1 
ATOM   484  C CE  . LYS A 1 65  ? -8.148  -1.130  -17.297 1.00 42.72 ? 72  LYS A CE  1 
ATOM   485  N NZ  . LYS A 1 65  ? -9.239  -0.166  -17.443 1.00 44.81 ? 72  LYS A NZ  1 
ATOM   486  N N   . GLY A 1 66  ? -2.771  1.389   -13.618 1.00 31.39 ? 73  GLY A N   1 
ATOM   487  C CA  . GLY A 1 66  ? -1.616  2.260   -13.567 1.00 31.34 ? 73  GLY A CA  1 
ATOM   488  C C   . GLY A 1 66  ? -0.526  1.758   -12.630 1.00 30.12 ? 73  GLY A C   1 
ATOM   489  O O   . GLY A 1 66  ? 0.298   2.531   -12.158 1.00 31.33 ? 73  GLY A O   1 
ATOM   490  N N   . ARG A 1 67  ? -0.511  0.449   -12.400 1.00 29.22 ? 74  ARG A N   1 
ATOM   491  C CA  . ARG A 1 67  ? 0.466   -0.212  -11.543 1.00 28.04 ? 74  ARG A CA  1 
ATOM   492  C C   . ARG A 1 67  ? 0.329   0.155   -10.042 1.00 25.74 ? 74  ARG A C   1 
ATOM   493  O O   . ARG A 1 67  ? 1.242   -0.077  -9.285  1.00 25.21 ? 74  ARG A O   1 
ATOM   494  C CB  . ARG A 1 67  ? 1.925   -0.106  -12.121 1.00 28.35 ? 74  ARG A CB  1 
ATOM   495  C CG  . ARG A 1 67  ? 2.045   -0.787  -13.517 1.00 31.29 ? 74  ARG A CG  1 
ATOM   496  C CD  . ARG A 1 67  ? 3.426   -1.374  -13.988 1.00 37.89 ? 74  ARG A CD  1 
ATOM   497  N NE  . ARG A 1 67  ? 4.185   -2.071  -12.964 1.00 37.46 ? 74  ARG A NE  1 
ATOM   498  C CZ  . ARG A 1 67  ? 4.903   -1.403  -12.060 1.00 42.81 ? 74  ARG A CZ  1 
ATOM   499  N NH1 . ARG A 1 67  ? 4.937   -0.087  -12.132 1.00 44.37 ? 74  ARG A NH1 1 
ATOM   500  N NH2 . ARG A 1 67  ? 5.589   -2.014  -11.109 1.00 44.72 ? 74  ARG A NH2 1 
ATOM   501  N N   . GLU A 1 68  ? -0.833  0.669   -9.616  1.00 25.38 ? 75  GLU A N   1 
ATOM   502  C CA  . GLU A 1 68  ? -1.171  0.874   -8.164  1.00 24.42 ? 75  GLU A CA  1 
ATOM   503  C C   . GLU A 1 68  ? -1.221  -0.455  -7.422  1.00 21.91 ? 75  GLU A C   1 
ATOM   504  O O   . GLU A 1 68  ? -1.682  -1.475  -7.959  1.00 20.21 ? 75  GLU A O   1 
ATOM   505  C CB  . GLU A 1 68  ? -2.534  1.548   -7.980  1.00 25.39 ? 75  GLU A CB  1 
ATOM   506  C CG  . GLU A 1 68  ? -2.796  2.742   -8.862  1.00 30.90 ? 75  GLU A CG  1 
ATOM   507  C CD  . GLU A 1 68  ? -3.364  2.379   -10.255 1.00 33.34 ? 75  GLU A CD  1 
ATOM   508  O OE1 . GLU A 1 68  ? -3.217  1.229   -10.750 1.00 33.49 ? 75  GLU A OE1 1 
ATOM   509  O OE2 . GLU A 1 68  ? -3.946  3.283   -10.864 1.00 33.69 ? 75  GLU A OE2 1 
ATOM   510  N N   . SER A 1 69  ? -0.728  -0.463  -6.195  1.00 19.62 ? 76  SER A N   1 
ATOM   511  C CA  . SER A 1 69  ? -0.740  -1.680  -5.413  1.00 19.54 ? 76  SER A CA  1 
ATOM   512  C C   . SER A 1 69  ? -1.624  -1.538  -4.168  1.00 17.87 ? 76  SER A C   1 
ATOM   513  O O   . SER A 1 69  ? -1.905  -0.413  -3.736  1.00 16.24 ? 76  SER A O   1 
ATOM   514  C CB  . SER A 1 69  ? 0.695   -2.091  -5.055  1.00 19.27 ? 76  SER A CB  1 
ATOM   515  O OG  . SER A 1 69  ? 1.387   -1.112  -4.277  1.00 22.40 ? 76  SER A OG  1 
ATOM   516  N N   . ALA A 1 70  ? -2.047  -2.654  -3.595  1.00 15.62 ? 77  ALA A N   1 
ATOM   517  C CA  . ALA A 1 70  ? -2.750  -2.568  -2.301  1.00 17.63 ? 77  ALA A CA  1 
ATOM   518  C C   . ALA A 1 70  ? -1.835  -1.869  -1.269  1.00 17.51 ? 77  ALA A C   1 
ATOM   519  O O   . ALA A 1 70  ? -2.316  -1.119  -0.398  1.00 16.51 ? 77  ALA A O   1 
ATOM   520  C CB  . ALA A 1 70  ? -3.172  -3.943  -1.830  1.00 17.18 ? 77  ALA A CB  1 
ATOM   521  N N   . LEU A 1 71  ? -0.528  -2.174  -1.333  1.00 15.77 ? 78  LEU A N   1 
ATOM   522  C CA  . LEU A 1 71  ? 0.417   -1.535  -0.427  1.00 16.50 ? 78  LEU A CA  1 
ATOM   523  C C   . LEU A 1 71  ? 0.438   -0.018  -0.584  1.00 15.84 ? 78  LEU A C   1 
ATOM   524  O O   . LEU A 1 71  ? 0.344   0.744   0.440   1.00 16.25 ? 78  LEU A O   1 
ATOM   525  C CB  . LEU A 1 71  ? 1.839   -2.118  -0.592  1.00 15.87 ? 78  LEU A CB  1 
ATOM   526  C CG  . LEU A 1 71  ? 2.905   -1.452  0.337   1.00 13.98 ? 78  LEU A CG  1 
ATOM   527  C CD1 . LEU A 1 71  ? 2.666   -1.711  1.782   1.00 17.30 ? 78  LEU A CD1 1 
ATOM   528  C CD2 . LEU A 1 71  ? 4.213   -2.108  -0.058  1.00 14.58 ? 78  LEU A CD2 1 
ATOM   529  N N   . SER A 1 72  ? 0.618   0.458   -1.808  1.00 16.65 ? 79  SER A N   1 
ATOM   530  C CA  . SER A 1 72  ? 0.633   1.951   -2.018  1.00 16.68 ? 79  SER A CA  1 
ATOM   531  C C   . SER A 1 72  ? -0.699  2.624   -1.559  1.00 17.96 ? 79  SER A C   1 
ATOM   532  O O   . SER A 1 72  ? -0.675  3.729   -0.968  1.00 16.51 ? 79  SER A O   1 
ATOM   533  C CB  . SER A 1 72  ? 1.055   2.359   -3.439  1.00 18.04 ? 79  SER A CB  1 
ATOM   534  O OG  . SER A 1 72  ? 0.068   1.878   -4.386  1.00 23.97 ? 79  SER A OG  1 
ATOM   535  N N   . LEU A 1 73  ? -1.849  1.963   -1.783  1.00 14.94 ? 80  LEU A N   1 
ATOM   536  C CA  . LEU A 1 73  ? -3.143  2.528   -1.349  1.00 15.44 ? 80  LEU A CA  1 
ATOM   537  C C   . LEU A 1 73  ? -3.196  2.617   0.195   1.00 15.29 ? 80  LEU A C   1 
ATOM   538  O O   . LEU A 1 73  ? -3.586  3.656   0.802   1.00 17.08 ? 80  LEU A O   1 
ATOM   539  C CB  . LEU A 1 73  ? -4.246  1.600   -1.882  1.00 13.22 ? 80  LEU A CB  1 
ATOM   540  C CG  . LEU A 1 73  ? -4.599  1.754   -3.363  1.00 14.17 ? 80  LEU A CG  1 
ATOM   541  C CD1 . LEU A 1 73  ? -5.500  0.562   -3.863  1.00 16.15 ? 80  LEU A CD1 1 
ATOM   542  C CD2 . LEU A 1 73  ? -5.267  3.114   -3.658  1.00 17.39 ? 80  LEU A CD2 1 
ATOM   543  N N   . ALA A 1 74  ? -2.741  1.556   0.851   1.00 15.11 ? 81  ALA A N   1 
ATOM   544  C CA  . ALA A 1 74  ? -2.721  1.565   2.346   1.00 15.24 ? 81  ALA A CA  1 
ATOM   545  C C   . ALA A 1 74  ? -1.711  2.580   2.899   1.00 16.08 ? 81  ALA A C   1 
ATOM   546  O O   . ALA A 1 74  ? -2.035  3.280   3.892   1.00 16.31 ? 81  ALA A O   1 
ATOM   547  C CB  . ALA A 1 74  ? -2.454  0.233   2.894   1.00 13.98 ? 81  ALA A CB  1 
ATOM   548  N N   . CYS A 1 75  ? -0.527  2.659   2.277   1.00 16.24 ? 82  CYS A N   1 
ATOM   549  C CA  . CYS A 1 75  ? 0.503   3.657   2.670   1.00 17.77 ? 82  CYS A CA  1 
ATOM   550  C C   . CYS A 1 75  ? -0.016  5.067   2.527   1.00 18.76 ? 82  CYS A C   1 
ATOM   551  O O   . CYS A 1 75  ? 0.216   5.925   3.406   1.00 20.46 ? 82  CYS A O   1 
ATOM   552  C CB  . CYS A 1 75  ? 1.810   3.480   1.879   1.00 16.76 ? 82  CYS A CB  1 
ATOM   553  S SG  . CYS A 1 75  ? 2.644   2.002   2.385   1.00 20.58 ? 82  CYS A SG  1 
ATOM   554  N N   . SER A 1 76  ? -0.775  5.324   1.469   1.00 18.94 ? 83  SER A N   1 
ATOM   555  C CA  . SER A 1 76  ? -1.184  6.681   1.197   1.00 20.11 ? 83  SER A CA  1 
ATOM   556  C C   . SER A 1 76  ? -2.172  7.213   2.250   1.00 20.35 ? 83  SER A C   1 
ATOM   557  O O   . SER A 1 76  ? -2.256  8.436   2.440   1.00 19.05 ? 83  SER A O   1 
ATOM   558  C CB  . SER A 1 76  ? -1.725  6.821   -0.210  1.00 20.03 ? 83  SER A CB  1 
ATOM   559  O OG  . SER A 1 76  ? -3.029  6.296   -0.345  1.00 24.48 ? 83  SER A OG  1 
ATOM   560  N N   . LYS A 1 77  ? -2.859  6.299   2.934   1.00 20.13 ? 84  LYS A N   1 
ATOM   561  C CA  . LYS A 1 77  ? -3.843  6.639   3.968   1.00 21.10 ? 84  LYS A CA  1 
ATOM   562  C C   . LYS A 1 77  ? -3.307  6.421   5.369   1.00 21.45 ? 84  LYS A C   1 
ATOM   563  O O   . LYS A 1 77  ? -4.022  6.660   6.367   1.00 18.92 ? 84  LYS A O   1 
ATOM   564  C CB  . LYS A 1 77  ? -5.064  5.732   3.807   1.00 22.88 ? 84  LYS A CB  1 
ATOM   565  C CG  . LYS A 1 77  ? -5.859  5.958   2.548   1.00 25.50 ? 84  LYS A CG  1 
ATOM   566  C CD  . LYS A 1 77  ? -6.514  7.323   2.663   1.00 33.87 ? 84  LYS A CD  1 
ATOM   567  C CE  . LYS A 1 77  ? -7.650  7.434   1.637   1.00 37.18 ? 84  LYS A CE  1 
ATOM   568  N NZ  . LYS A 1 77  ? -8.830  8.172   2.191   1.00 37.69 ? 84  LYS A NZ  1 
ATOM   569  N N   . GLY A 1 78  ? -2.096  5.871   5.458   1.00 20.12 ? 85  GLY A N   1 
ATOM   570  C CA  . GLY A 1 78  ? -1.495  5.558   6.762   1.00 21.72 ? 85  GLY A CA  1 
ATOM   571  C C   . GLY A 1 78  ? -2.154  4.420   7.520   1.00 22.13 ? 85  GLY A C   1 
ATOM   572  O O   . GLY A 1 78  ? -2.151  4.413   8.760   1.00 20.30 ? 85  GLY A O   1 
ATOM   573  N N   . TYR A 1 79  ? -2.719  3.445   6.776   1.00 21.09 ? 86  TYR A N   1 
ATOM   574  C CA  . TYR A 1 79  ? -3.339  2.281   7.398   1.00 19.94 ? 86  TYR A CA  1 
ATOM   575  C C   . TYR A 1 79  ? -2.305  1.242   7.813   1.00 21.56 ? 86  TYR A C   1 
ATOM   576  O O   . TYR A 1 79  ? -2.076  0.253   7.104   1.00 20.38 ? 86  TYR A O   1 
ATOM   577  C CB  . TYR A 1 79  ? -4.392  1.683   6.434   1.00 20.54 ? 86  TYR A CB  1 
ATOM   578  C CG  . TYR A 1 79  ? -5.566  2.582   6.223   1.00 19.82 ? 86  TYR A CG  1 
ATOM   579  C CD1 . TYR A 1 79  ? -6.058  3.376   7.278   1.00 23.14 ? 86  TYR A CD1 1 
ATOM   580  C CD2 . TYR A 1 79  ? -6.252  2.601   5.009   1.00 20.76 ? 86  TYR A CD2 1 
ATOM   581  C CE1 . TYR A 1 79  ? -7.165  4.240   7.098   1.00 23.48 ? 86  TYR A CE1 1 
ATOM   582  C CE2 . TYR A 1 79  ? -7.371  3.449   4.829   1.00 19.97 ? 86  TYR A CE2 1 
ATOM   583  C CZ  . TYR A 1 79  ? -7.816  4.253   5.882   1.00 26.26 ? 86  TYR A CZ  1 
ATOM   584  O OH  . TYR A 1 79  ? -8.918  5.087   5.706   1.00 24.14 ? 86  TYR A OH  1 
ATOM   585  N N   . THR A 1 80  ? -1.654  1.442   8.967   1.00 21.61 ? 87  THR A N   1 
ATOM   586  C CA  . THR A 1 80  ? -0.409  0.718   9.182   1.00 22.96 ? 87  THR A CA  1 
ATOM   587  C C   . THR A 1 80  ? -0.640  -0.732  9.557   1.00 22.32 ? 87  THR A C   1 
ATOM   588  O O   . THR A 1 80  ? 0.228   -1.519  9.326   1.00 21.34 ? 87  THR A O   1 
ATOM   589  C CB  . THR A 1 80  ? 0.570   1.412   10.219  1.00 25.39 ? 87  THR A CB  1 
ATOM   590  O OG1 . THR A 1 80  ? -0.158  1.794   11.371  1.00 27.77 ? 87  THR A OG1 1 
ATOM   591  C CG2 . THR A 1 80  ? 1.191   2.761   9.633   1.00 26.92 ? 87  THR A CG2 1 
ATOM   592  N N   . ASP A 1 81  ? -1.779  -1.087  10.159  1.00 20.60 ? 88  ASP A N   1 
ATOM   593  C CA  . ASP A 1 81  ? -2.025  -2.523  10.398  1.00 22.33 ? 88  ASP A CA  1 
ATOM   594  C C   . ASP A 1 81  ? -2.094  -3.270  9.077   1.00 20.71 ? 88  ASP A C   1 
ATOM   595  O O   . ASP A 1 81  ? -1.592  -4.405  8.935   1.00 20.77 ? 88  ASP A O   1 
ATOM   596  C CB  . ASP A 1 81  ? -3.324  -2.775  11.174  1.00 22.30 ? 88  ASP A CB  1 
ATOM   597  C CG  . ASP A 1 81  ? -3.282  -2.176  12.591  1.00 30.47 ? 88  ASP A CG  1 
ATOM   598  O OD1 . ASP A 1 81  ? -2.160  -1.992  13.101  1.00 32.12 ? 88  ASP A OD1 1 
ATOM   599  O OD2 . ASP A 1 81  ? -4.377  -1.893  13.160  1.00 38.03 ? 88  ASP A OD2 1 
ATOM   600  N N   . ILE A 1 82  ? -2.734  -2.643  8.111   1.00 19.47 ? 89  ILE A N   1 
ATOM   601  C CA  . ILE A 1 82  ? -2.861  -3.244  6.770   1.00 18.83 ? 89  ILE A CA  1 
ATOM   602  C C   . ILE A 1 82  ? -1.487  -3.250  6.069   1.00 19.72 ? 89  ILE A C   1 
ATOM   603  O O   . ILE A 1 82  ? -1.082  -4.239  5.440   1.00 17.66 ? 89  ILE A O   1 
ATOM   604  C CB  . ILE A 1 82  ? -3.900  -2.437  5.965   1.00 17.55 ? 89  ILE A CB  1 
ATOM   605  C CG1 . ILE A 1 82  ? -5.314  -2.735  6.510   1.00 15.27 ? 89  ILE A CG1 1 
ATOM   606  C CG2 . ILE A 1 82  ? -3.870  -2.805  4.438   1.00 16.83 ? 89  ILE A CG2 1 
ATOM   607  C CD1 . ILE A 1 82  ? -6.395  -1.834  5.852   1.00 13.89 ? 89  ILE A CD1 1 
ATOM   608  N N   . VAL A 1 83  ? -0.759  -2.139  6.165   1.00 19.28 ? 90  VAL A N   1 
ATOM   609  C CA  . VAL A 1 83  ? 0.591   -2.124  5.575   1.00 19.05 ? 90  VAL A CA  1 
ATOM   610  C C   . VAL A 1 83  ? 1.450   -3.312  6.162   1.00 21.01 ? 90  VAL A C   1 
ATOM   611  O O   . VAL A 1 83  ? 2.158   -4.048  5.406   1.00 21.60 ? 90  VAL A O   1 
ATOM   612  C CB  . VAL A 1 83  ? 1.306   -0.781  5.862   1.00 18.78 ? 90  VAL A CB  1 
ATOM   613  C CG1 . VAL A 1 83  ? 2.824   -0.913  5.464   1.00 15.37 ? 90  VAL A CG1 1 
ATOM   614  C CG2 . VAL A 1 83  ? 0.658   0.325   5.105   1.00 14.23 ? 90  VAL A CG2 1 
ATOM   615  N N   . LYS A 1 84  ? 1.380   -3.501  7.481   1.00 22.26 ? 91  LYS A N   1 
ATOM   616  C CA  . LYS A 1 84  ? 2.052   -4.660  8.135   1.00 23.58 ? 91  LYS A CA  1 
ATOM   617  C C   . LYS A 1 84  ? 1.640   -6.006  7.562   1.00 22.87 ? 91  LYS A C   1 
ATOM   618  O O   . LYS A 1 84  ? 2.496   -6.818  7.194   1.00 22.41 ? 91  LYS A O   1 
ATOM   619  C CB  . LYS A 1 84  ? 1.860   -4.660  9.653   1.00 23.78 ? 91  LYS A CB  1 
ATOM   620  C CG  . LYS A 1 84  ? 2.653   -5.793  10.291  1.00 27.69 ? 91  LYS A CG  1 
ATOM   621  C CD  . LYS A 1 84  ? 2.578   -5.746  11.818  1.00 36.33 ? 91  LYS A CD  1 
ATOM   622  C CE  . LYS A 1 84  ? 3.663   -6.632  12.418  1.00 39.58 ? 91  LYS A CE  1 
ATOM   623  N NZ  . LYS A 1 84  ? 4.956   -6.311  11.750  1.00 46.14 ? 91  LYS A NZ  1 
ATOM   624  N N   . MET A 1 85  ? 0.329   -6.246  7.421   1.00 21.93 ? 92  MET A N   1 
ATOM   625  C CA  . MET A 1 85  ? -0.104  -7.546  6.913   1.00 22.20 ? 92  MET A CA  1 
ATOM   626  C C   . MET A 1 85  ? 0.415   -7.785  5.511   1.00 21.56 ? 92  MET A C   1 
ATOM   627  O O   . MET A 1 85  ? 0.871   -8.876  5.167   1.00 20.37 ? 92  MET A O   1 
ATOM   628  C CB  . MET A 1 85  ? -1.640  -7.616  6.908   1.00 24.03 ? 92  MET A CB  1 
ATOM   629  C CG  . MET A 1 85  ? -2.279  -7.631  8.316   1.00 24.75 ? 92  MET A CG  1 
ATOM   630  S SD  . MET A 1 85  ? -4.057  -7.939  8.031   1.00 30.17 ? 92  MET A SD  1 
ATOM   631  C CE  . MET A 1 85  ? -4.612  -6.252  8.019   1.00 24.64 ? 92  MET A CE  1 
ATOM   632  N N   . LEU A 1 86  ? 0.349   -6.743  4.679   1.00 21.37 ? 93  LEU A N   1 
ATOM   633  C CA  . LEU A 1 86  ? 0.906   -6.801  3.346   1.00 20.47 ? 93  LEU A CA  1 
ATOM   634  C C   . LEU A 1 86  ? 2.454   -6.990  3.284   1.00 22.39 ? 93  LEU A C   1 
ATOM   635  O O   . LEU A 1 86  ? 2.945   -7.823  2.498   1.00 22.14 ? 93  LEU A O   1 
ATOM   636  C CB  . LEU A 1 86  ? 0.451   -5.593  2.549   1.00 18.67 ? 93  LEU A CB  1 
ATOM   637  C CG  . LEU A 1 86  ? -1.049  -5.420  2.235   1.00 18.86 ? 93  LEU A CG  1 
ATOM   638  C CD1 . LEU A 1 86  ? -1.236  -4.026  1.678   1.00 16.22 ? 93  LEU A CD1 1 
ATOM   639  C CD2 . LEU A 1 86  ? -1.551  -6.449  1.202   1.00 12.80 ? 93  LEU A CD2 1 
ATOM   640  N N   . LEU A 1 87  ? 3.215   -6.214  4.060   1.00 22.53 ? 94  LEU A N   1 
ATOM   641  C CA  . LEU A 1 87  ? 4.686   -6.453  4.150   1.00 23.76 ? 94  LEU A CA  1 
ATOM   642  C C   . LEU A 1 87  ? 5.007   -7.892  4.553   1.00 25.59 ? 94  LEU A C   1 
ATOM   643  O O   . LEU A 1 87  ? 5.920   -8.516  4.001   1.00 26.04 ? 94  LEU A O   1 
ATOM   644  C CB  . LEU A 1 87  ? 5.302   -5.501  5.186   1.00 23.47 ? 94  LEU A CB  1 
ATOM   645  C CG  . LEU A 1 87  ? 5.235   -4.039  4.767   1.00 21.05 ? 94  LEU A CG  1 
ATOM   646  C CD1 . LEU A 1 87  ? 5.813   -3.056  5.776   1.00 22.35 ? 94  LEU A CD1 1 
ATOM   647  C CD2 . LEU A 1 87  ? 5.905   -3.907  3.430   1.00 24.75 ? 94  LEU A CD2 1 
ATOM   648  N N   . ASP A 1 88  ? 4.239   -8.415  5.503   1.00 27.35 ? 95  ASP A N   1 
ATOM   649  C CA  . ASP A 1 88  ? 4.387   -9.797  5.969   1.00 30.46 ? 95  ASP A CA  1 
ATOM   650  C C   . ASP A 1 88  ? 4.167   -10.846 4.834   1.00 31.46 ? 95  ASP A C   1 
ATOM   651  O O   . ASP A 1 88  ? 4.669   -11.962 4.924   1.00 32.02 ? 95  ASP A O   1 
ATOM   652  C CB  . ASP A 1 88  ? 3.500   -10.062 7.226   1.00 30.41 ? 95  ASP A CB  1 
ATOM   653  C CG  . ASP A 1 88  ? 4.040   -9.350  8.520   1.00 33.85 ? 95  ASP A CG  1 
ATOM   654  O OD1 . ASP A 1 88  ? 5.203   -8.870  8.551   1.00 36.49 ? 95  ASP A OD1 1 
ATOM   655  O OD2 . ASP A 1 88  ? 3.294   -9.245  9.505   1.00 32.39 ? 95  ASP A OD2 1 
ATOM   656  N N   . CYS A 1 89  ? 3.465   -10.479 3.761   1.00 33.09 ? 96  CYS A N   1 
ATOM   657  C CA  . CYS A 1 89  ? 3.325   -11.326 2.539   1.00 35.14 ? 96  CYS A CA  1 
ATOM   658  C C   . CYS A 1 89  ? 4.490   -11.285 1.580   1.00 35.68 ? 96  CYS A C   1 
ATOM   659  O O   . CYS A 1 89  ? 4.521   -12.029 0.574   1.00 37.62 ? 96  CYS A O   1 
ATOM   660  C CB  . CYS A 1 89  ? 2.089   -10.933 1.752   1.00 36.29 ? 96  CYS A CB  1 
ATOM   661  S SG  . CYS A 1 89  ? 0.676   -11.254 2.693   1.00 39.14 ? 96  CYS A SG  1 
ATOM   662  N N   . GLY A 1 90  ? 5.448   -10.418 1.872   1.00 35.96 ? 97  GLY A N   1 
ATOM   663  C CA  . GLY A 1 90  ? 6.642   -10.279 1.061   1.00 34.88 ? 97  GLY A CA  1 
ATOM   664  C C   . GLY A 1 90  ? 6.456   -9.486  -0.213  1.00 34.33 ? 97  GLY A C   1 
ATOM   665  O O   . GLY A 1 90  ? 7.208   -9.700  -1.186  1.00 34.63 ? 97  GLY A O   1 
ATOM   666  N N   . VAL A 1 91  ? 5.484   -8.567  -0.236  1.00 32.34 ? 98  VAL A N   1 
ATOM   667  C CA  . VAL A 1 91  ? 5.271   -7.727  -1.423  1.00 30.54 ? 98  VAL A CA  1 
ATOM   668  C C   . VAL A 1 91  ? 6.523   -6.894  -1.730  1.00 30.86 ? 98  VAL A C   1 
ATOM   669  O O   . VAL A 1 91  ? 7.357   -6.687  -0.849  1.00 29.99 ? 98  VAL A O   1 
ATOM   670  C CB  . VAL A 1 91  ? 4.056   -6.763  -1.288  1.00 30.28 ? 98  VAL A CB  1 
ATOM   671  C CG1 . VAL A 1 91  ? 2.780   -7.547  -1.027  1.00 28.66 ? 98  VAL A CG1 1 
ATOM   672  C CG2 . VAL A 1 91  ? 4.290   -5.763  -0.184  1.00 28.08 ? 98  VAL A CG2 1 
ATOM   673  N N   . ASP A 1 92  ? 6.655   -6.439  -2.971  1.00 30.19 ? 99  ASP A N   1 
ATOM   674  C CA  . ASP A 1 92  ? 7.741   -5.516  -3.315  1.00 32.38 ? 99  ASP A CA  1 
ATOM   675  C C   . ASP A 1 92  ? 7.464   -4.141  -2.655  1.00 32.09 ? 99  ASP A C   1 
ATOM   676  O O   . ASP A 1 92  ? 6.515   -3.427  -3.027  1.00 31.15 ? 99  ASP A O   1 
ATOM   677  C CB  . ASP A 1 92  ? 7.909   -5.377  -4.825  1.00 32.88 ? 99  ASP A CB  1 
ATOM   678  C CG  . ASP A 1 92  ? 9.161   -4.523  -5.235  1.00 36.18 ? 99  ASP A CG  1 
ATOM   679  O OD1 . ASP A 1 92  ? 9.878   -3.939  -4.380  1.00 40.55 ? 99  ASP A OD1 1 
ATOM   680  O OD2 . ASP A 1 92  ? 9.438   -4.455  -6.443  1.00 37.36 ? 99  ASP A OD2 1 
ATOM   681  N N   . VAL A 1 93  ? 8.277   -3.803  -1.652  1.00 31.01 ? 100 VAL A N   1 
ATOM   682  C CA  . VAL A 1 93  ? 8.102   -2.516  -0.958  1.00 31.92 ? 100 VAL A CA  1 
ATOM   683  C C   . VAL A 1 93  ? 8.533   -1.285  -1.765  1.00 31.79 ? 100 VAL A C   1 
ATOM   684  O O   . VAL A 1 93  ? 8.198   -0.148  -1.334  1.00 31.96 ? 100 VAL A O   1 
ATOM   685  C CB  . VAL A 1 93  ? 8.822   -2.433  0.413   1.00 31.93 ? 100 VAL A CB  1 
ATOM   686  C CG1 . VAL A 1 93  ? 8.266   -3.445  1.378   1.00 34.47 ? 100 VAL A CG1 1 
ATOM   687  C CG2 . VAL A 1 93  ? 10.421  -2.504  0.229   1.00 32.29 ? 100 VAL A CG2 1 
ATOM   688  N N   . ASN A 1 94  ? 9.290   -1.512  -2.857  1.00 31.37 ? 101 ASN A N   1 
ATOM   689  C CA  . ASN A 1 94  ? 9.735   -0.492  -3.808  1.00 31.99 ? 101 ASN A CA  1 
ATOM   690  C C   . ASN A 1 94  ? 8.985   -0.425  -5.148  1.00 33.34 ? 101 ASN A C   1 
ATOM   691  O O   . ASN A 1 94  ? 9.507   0.139   -6.130  1.00 32.12 ? 101 ASN A O   1 
ATOM   692  C CB  . ASN A 1 94  ? 11.257  -0.587  -4.024  1.00 32.38 ? 101 ASN A CB  1 
ATOM   693  C CG  . ASN A 1 94  ? 12.021  -0.261  -2.745  1.00 29.98 ? 101 ASN A CG  1 
ATOM   694  O OD1 . ASN A 1 94  ? 11.765  0.759   -2.127  1.00 28.95 ? 101 ASN A OD1 1 
ATOM   695  N ND2 . ASN A 1 94  ? 12.897  -1.144  -2.321  1.00 27.59 ? 101 ASN A ND2 1 
ATOM   696  N N   . GLU A 1 95  ? 7.758   -0.975  -5.181  1.00 33.57 ? 102 GLU A N   1 
ATOM   697  C CA  . GLU A 1 95  ? 6.919   -0.948  -6.407  1.00 35.63 ? 102 GLU A CA  1 
ATOM   698  C C   . GLU A 1 95  ? 6.857   0.489   -6.993  1.00 34.30 ? 102 GLU A C   1 
ATOM   699  O O   . GLU A 1 95  ? 6.296   1.356   -6.342  1.00 34.19 ? 102 GLU A O   1 
ATOM   700  C CB  . GLU A 1 95  ? 5.467   -1.409  -6.092  1.00 35.98 ? 102 GLU A CB  1 
ATOM   701  C CG  . GLU A 1 95  ? 4.941   -2.830  -6.585  1.00 41.32 ? 102 GLU A CG  1 
ATOM   702  C CD  . GLU A 1 95  ? 5.466   -3.313  -7.947  1.00 43.05 ? 102 GLU A CD  1 
ATOM   703  O OE1 . GLU A 1 95  ? 5.521   -4.548  -8.147  1.00 46.96 ? 102 GLU A OE1 1 
ATOM   704  O OE2 . GLU A 1 95  ? 5.823   -2.494  -8.824  1.00 44.35 ? 102 GLU A OE2 1 
ATOM   705  N N   . TYR A 1 96  ? 7.444   0.758   -8.168  1.00 34.41 ? 103 TYR A N   1 
ATOM   706  C CA  . TYR A 1 96  ? 7.308   2.084   -8.810  1.00 33.95 ? 103 TYR A CA  1 
ATOM   707  C C   . TYR A 1 96  ? 6.070   2.071   -9.720  1.00 34.22 ? 103 TYR A C   1 
ATOM   708  O O   . TYR A 1 96  ? 5.973   1.183   -10.572 1.00 34.48 ? 103 TYR A O   1 
ATOM   709  C CB  . TYR A 1 96  ? 8.592   2.509   -9.589  1.00 34.78 ? 103 TYR A CB  1 
ATOM   710  N N   . ASP A 1 97  ? 5.128   3.013   -9.578  1.00 32.76 ? 104 ASP A N   1 
ATOM   711  C CA  . ASP A 1 97  ? 3.917   3.046   -10.459 1.00 32.30 ? 104 ASP A CA  1 
ATOM   712  C C   . ASP A 1 97  ? 3.928   4.066   -11.639 1.00 32.13 ? 104 ASP A C   1 
ATOM   713  O O   . ASP A 1 97  ? 4.932   4.737   -11.842 1.00 32.40 ? 104 ASP A O   1 
ATOM   714  C CB  . ASP A 1 97  ? 2.620   3.122   -9.654  1.00 32.39 ? 104 ASP A CB  1 
ATOM   715  C CG  . ASP A 1 97  ? 2.381   4.491   -9.040  1.00 34.51 ? 104 ASP A CG  1 
ATOM   716  O OD1 . ASP A 1 97  ? 1.808   4.565   -7.931  1.00 33.87 ? 104 ASP A OD1 1 
ATOM   717  O OD2 . ASP A 1 97  ? 2.746   5.494   -9.676  1.00 35.54 ? 104 ASP A OD2 1 
ATOM   718  N N   . TRP A 1 98  ? 2.820   4.159   -12.391 1.00 32.79 ? 105 TRP A N   1 
ATOM   719  C CA  . TRP A 1 98  ? 2.699   5.016   -13.627 1.00 31.84 ? 105 TRP A CA  1 
ATOM   720  C C   . TRP A 1 98  ? 2.141   6.437   -13.370 1.00 33.57 ? 105 TRP A C   1 
ATOM   721  O O   . TRP A 1 98  ? 2.163   7.298   -14.261 1.00 35.14 ? 105 TRP A O   1 
ATOM   722  C CB  . TRP A 1 98  ? 1.857   4.352   -14.740 1.00 30.19 ? 105 TRP A CB  1 
ATOM   723  C CG  . TRP A 1 98  ? 2.457   3.137   -15.296 1.00 23.90 ? 105 TRP A CG  1 
ATOM   724  C CD1 . TRP A 1 98  ? 3.730   2.667   -15.071 1.00 22.49 ? 105 TRP A CD1 1 
ATOM   725  C CD2 . TRP A 1 98  ? 1.818   2.189   -16.155 1.00 23.81 ? 105 TRP A CD2 1 
ATOM   726  N NE1 . TRP A 1 98  ? 3.927   1.477   -15.761 1.00 23.04 ? 105 TRP A NE1 1 
ATOM   727  C CE2 . TRP A 1 98  ? 2.771   1.165   -16.436 1.00 20.29 ? 105 TRP A CE2 1 
ATOM   728  C CE3 . TRP A 1 98  ? 0.539   2.113   -16.742 1.00 28.62 ? 105 TRP A CE3 1 
ATOM   729  C CZ2 . TRP A 1 98  ? 2.472   0.053   -17.244 1.00 27.14 ? 105 TRP A CZ2 1 
ATOM   730  C CZ3 . TRP A 1 98  ? 0.246   1.009   -17.577 1.00 27.89 ? 105 TRP A CZ3 1 
ATOM   731  C CH2 . TRP A 1 98  ? 1.221   -0.015  -17.802 1.00 29.50 ? 105 TRP A CH2 1 
ATOM   732  N N   . ASN A 1 99  ? 1.624   6.696   -12.171 1.00 34.98 ? 106 ASN A N   1 
ATOM   733  C CA  . ASN A 1 99  ? 1.499   8.085   -11.723 1.00 34.88 ? 106 ASN A CA  1 
ATOM   734  C C   . ASN A 1 99  ? 2.810   8.522   -10.997 1.00 35.42 ? 106 ASN A C   1 
ATOM   735  O O   . ASN A 1 99  ? 2.787   9.497   -10.247 1.00 35.95 ? 106 ASN A O   1 
ATOM   736  C CB  . ASN A 1 99  ? 0.257   8.246   -10.832 1.00 34.91 ? 106 ASN A CB  1 
ATOM   737  N N   . GLY A 1 100 ? 3.933   7.816   -11.236 1.00 35.45 ? 107 GLY A N   1 
ATOM   738  C CA  . GLY A 1 100 ? 5.276   8.120   -10.637 1.00 35.42 ? 107 GLY A CA  1 
ATOM   739  C C   . GLY A 1 100 ? 5.619   7.647   -9.184  1.00 35.71 ? 107 GLY A C   1 
ATOM   740  O O   . GLY A 1 100 ? 6.788   7.657   -8.788  1.00 37.45 ? 107 GLY A O   1 
ATOM   741  N N   . GLY A 1 101 ? 4.632   7.188   -8.403  1.00 34.96 ? 108 GLY A N   1 
ATOM   742  C CA  . GLY A 1 101 ? 4.834   6.881   -6.936  1.00 32.87 ? 108 GLY A CA  1 
ATOM   743  C C   . GLY A 1 101 ? 5.503   5.558   -6.523  1.00 31.40 ? 108 GLY A C   1 
ATOM   744  O O   . GLY A 1 101 ? 5.556   4.599   -7.318  1.00 31.22 ? 108 GLY A O   1 
ATOM   745  N N   . THR A 1 102 ? 6.060   5.526   -5.302  1.00 28.44 ? 109 THR A N   1 
ATOM   746  C CA  . THR A 1 102 ? 6.437   4.301   -4.561  1.00 24.32 ? 109 THR A CA  1 
ATOM   747  C C   . THR A 1 102 ? 5.670   4.298   -3.204  1.00 22.40 ? 109 THR A C   1 
ATOM   748  O O   . THR A 1 102 ? 5.198   5.367   -2.763  1.00 19.89 ? 109 THR A O   1 
ATOM   749  C CB  . THR A 1 102 ? 7.873   4.259   -4.207  1.00 26.33 ? 109 THR A CB  1 
ATOM   750  O OG1 . THR A 1 102 ? 8.176   5.456   -3.444  1.00 26.42 ? 109 THR A OG1 1 
ATOM   751  C CG2 . THR A 1 102 ? 8.790   4.119   -5.482  1.00 23.69 ? 109 THR A CG2 1 
ATOM   752  N N   . PRO A 1 103 ? 5.512   3.118   -2.559  1.00 21.57 ? 110 PRO A N   1 
ATOM   753  C CA  . PRO A 1 103 ? 4.746   3.143   -1.297  1.00 19.36 ? 110 PRO A CA  1 
ATOM   754  C C   . PRO A 1 103 ? 5.357   4.194   -0.353  1.00 19.48 ? 110 PRO A C   1 
ATOM   755  O O   . PRO A 1 103 ? 4.617   4.902   0.343   1.00 17.03 ? 110 PRO A O   1 
ATOM   756  C CB  . PRO A 1 103 ? 4.946   1.741   -0.760  1.00 20.27 ? 110 PRO A CB  1 
ATOM   757  C CG  . PRO A 1 103 ? 4.900   0.883   -2.039  1.00 18.83 ? 110 PRO A CG  1 
ATOM   758  C CD  . PRO A 1 103 ? 5.633   1.732   -3.084  1.00 21.32 ? 110 PRO A CD  1 
ATOM   759  N N   . LEU A 1 104 ? 6.697   4.277   -0.310  1.00 18.59 ? 111 LEU A N   1 
ATOM   760  C CA  . LEU A 1 104 ? 7.314   5.276   0.607   1.00 18.67 ? 111 LEU A CA  1 
ATOM   761  C C   . LEU A 1 104 ? 6.947   6.721   0.252   1.00 16.53 ? 111 LEU A C   1 
ATOM   762  O O   . LEU A 1 104 ? 6.652   7.528   1.133   1.00 18.03 ? 111 LEU A O   1 
ATOM   763  C CB  . LEU A 1 104 ? 8.849   5.078   0.686   1.00 20.04 ? 111 LEU A CB  1 
ATOM   764  C CG  . LEU A 1 104 ? 9.531   6.001   1.711   1.00 22.14 ? 111 LEU A CG  1 
ATOM   765  C CD1 . LEU A 1 104 ? 9.096   5.764   3.150   1.00 25.16 ? 111 LEU A CD1 1 
ATOM   766  C CD2 . LEU A 1 104 ? 11.086  5.751   1.557   1.00 26.36 ? 111 LEU A CD2 1 
ATOM   767  N N   . LEU A 1 105 ? 6.987   7.089   -1.008  1.00 15.92 ? 112 LEU A N   1 
ATOM   768  C CA  . LEU A 1 105 ? 6.546   8.446   -1.411  1.00 16.76 ? 112 LEU A CA  1 
ATOM   769  C C   . LEU A 1 105 ? 5.071   8.786   -0.997  1.00 17.90 ? 112 LEU A C   1 
ATOM   770  O O   . LEU A 1 105 ? 4.763   9.915   -0.610  1.00 15.73 ? 112 LEU A O   1 
ATOM   771  C CB  . LEU A 1 105 ? 6.657   8.628   -2.893  1.00 17.10 ? 112 LEU A CB  1 
ATOM   772  N N   . TYR A 1 106 ? 4.153   7.849   -1.157  1.00 16.52 ? 113 TYR A N   1 
ATOM   773  C CA  . TYR A 1 106 ? 2.780   8.082   -0.625  1.00 16.77 ? 113 TYR A CA  1 
ATOM   774  C C   . TYR A 1 106 ? 2.666   8.244   0.886   1.00 16.35 ? 113 TYR A C   1 
ATOM   775  O O   . TYR A 1 106 ? 1.867   9.071   1.382   1.00 17.14 ? 113 TYR A O   1 
ATOM   776  C CB  . TYR A 1 106 ? 1.851   6.955   -1.062  1.00 17.32 ? 113 TYR A CB  1 
ATOM   777  C CG  . TYR A 1 106 ? 1.701   6.903   -2.556  1.00 22.36 ? 113 TYR A CG  1 
ATOM   778  C CD1 . TYR A 1 106 ? 2.074   5.753   -3.272  1.00 25.29 ? 113 TYR A CD1 1 
ATOM   779  C CD2 . TYR A 1 106 ? 1.210   8.017   -3.271  1.00 27.48 ? 113 TYR A CD2 1 
ATOM   780  C CE1 . TYR A 1 106 ? 1.974   5.712   -4.666  1.00 26.86 ? 113 TYR A CE1 1 
ATOM   781  C CE2 . TYR A 1 106 ? 1.043   7.964   -4.671  1.00 29.14 ? 113 TYR A CE2 1 
ATOM   782  C CZ  . TYR A 1 106 ? 1.429   6.813   -5.357  1.00 31.10 ? 113 TYR A CZ  1 
ATOM   783  O OH  . TYR A 1 106 ? 1.296   6.785   -6.742  1.00 32.19 ? 113 TYR A OH  1 
ATOM   784  N N   . ALA A 1 107 ? 3.416   7.430   1.621   1.00 16.01 ? 114 ALA A N   1 
ATOM   785  C CA  . ALA A 1 107 ? 3.438   7.497   3.100   1.00 15.49 ? 114 ALA A CA  1 
ATOM   786  C C   . ALA A 1 107 ? 4.022   8.897   3.454   1.00 16.58 ? 114 ALA A C   1 
ATOM   787  O O   . ALA A 1 107 ? 3.537   9.603   4.359   1.00 16.15 ? 114 ALA A O   1 
ATOM   788  C CB  . ALA A 1 107 ? 4.333   6.382   3.648   1.00 15.34 ? 114 ALA A CB  1 
ATOM   789  N N   . VAL A 1 108 ? 5.058   9.311   2.722   1.00 16.36 ? 115 VAL A N   1 
ATOM   790  C CA  . VAL A 1 108 ? 5.591   10.696  2.930   1.00 16.19 ? 115 VAL A CA  1 
ATOM   791  C C   . VAL A 1 108 ? 4.576   11.801  2.570   1.00 17.68 ? 115 VAL A C   1 
ATOM   792  O O   . VAL A 1 108 ? 4.358   12.763  3.375   1.00 16.87 ? 115 VAL A O   1 
ATOM   793  C CB  . VAL A 1 108 ? 6.979   10.888  2.184   1.00 14.98 ? 115 VAL A CB  1 
ATOM   794  C CG1 . VAL A 1 108 ? 7.435   12.378  2.236   1.00 18.48 ? 115 VAL A CG1 1 
ATOM   795  C CG2 . VAL A 1 108 ? 8.051   9.966   2.790   1.00 16.01 ? 115 VAL A CG2 1 
ATOM   796  N N   A HIS A 1 109 ? 3.923   11.697  1.407   0.50 17.07 ? 116 HIS A N   1 
ATOM   797  N N   B HIS A 1 109 ? 3.966   11.684  1.381   0.50 17.58 ? 116 HIS A N   1 
ATOM   798  C CA  A HIS A 1 109 ? 2.969   12.727  1.037   0.50 17.89 ? 116 HIS A CA  1 
ATOM   799  C CA  B HIS A 1 109 ? 2.940   12.612  0.941   0.50 18.78 ? 116 HIS A CA  1 
ATOM   800  C C   A HIS A 1 109 ? 1.825   12.899  2.043   0.50 17.93 ? 116 HIS A C   1 
ATOM   801  C C   B HIS A 1 109 ? 1.937   12.907  2.084   0.50 18.50 ? 116 HIS A C   1 
ATOM   802  O O   A HIS A 1 109 ? 1.193   13.941  2.083   0.50 18.68 ? 116 HIS A O   1 
ATOM   803  O O   B HIS A 1 109 ? 1.565   14.061  2.299   0.50 19.21 ? 116 HIS A O   1 
ATOM   804  C CB  A HIS A 1 109 ? 2.366   12.535  -0.353  0.50 17.64 ? 116 HIS A CB  1 
ATOM   805  C CB  B HIS A 1 109 ? 2.190   12.097  -0.314  0.50 18.91 ? 116 HIS A CB  1 
ATOM   806  C CG  A HIS A 1 109 ? 1.484   13.672  -0.768  0.50 19.36 ? 116 HIS A CG  1 
ATOM   807  C CG  B HIS A 1 109 ? 2.766   12.561  -1.631  0.50 23.61 ? 116 HIS A CG  1 
ATOM   808  N ND1 A HIS A 1 109 ? 1.829   14.990  -0.538  0.50 23.93 ? 116 HIS A ND1 1 
ATOM   809  N ND1 B HIS A 1 109 ? 2.510   13.812  -2.157  0.50 22.14 ? 116 HIS A ND1 1 
ATOM   810  C CD2 A HIS A 1 109 ? 0.253   13.702  -1.328  0.50 22.28 ? 116 HIS A CD2 1 
ATOM   811  C CD2 B HIS A 1 109 ? 3.532   11.919  -2.552  0.50 24.01 ? 116 HIS A CD2 1 
ATOM   812  C CE1 A HIS A 1 109 ? 0.861   15.779  -0.956  0.50 21.52 ? 116 HIS A CE1 1 
ATOM   813  C CE1 B HIS A 1 109 ? 3.147   13.945  -3.311  0.50 25.56 ? 116 HIS A CE1 1 
ATOM   814  N NE2 A HIS A 1 109 ? -0.108  15.025  -1.443  0.50 21.99 ? 116 HIS A NE2 1 
ATOM   815  N NE2 B HIS A 1 109 ? 3.759   12.804  -3.584  0.50 26.01 ? 116 HIS A NE2 1 
ATOM   816  N N   . GLY A 1 110 ? 1.542   11.875  2.815   1.00 17.64 ? 117 GLY A N   1 
ATOM   817  C CA  . GLY A 1 110 ? 0.470   11.974  3.808   1.00 18.82 ? 117 GLY A CA  1 
ATOM   818  C C   . GLY A 1 110 ? 1.009   12.220  5.216   1.00 18.12 ? 117 GLY A C   1 
ATOM   819  O O   . GLY A 1 110 ? 0.232   12.240  6.178   1.00 16.44 ? 117 GLY A O   1 
ATOM   820  N N   . ASN A 1 111 ? 2.325   12.422  5.333   1.00 18.93 ? 118 ASN A N   1 
ATOM   821  C CA  . ASN A 1 111 ? 2.969   12.603  6.662   1.00 19.48 ? 118 ASN A CA  1 
ATOM   822  C C   . ASN A 1 111 ? 2.624   11.449  7.635   1.00 18.61 ? 118 ASN A C   1 
ATOM   823  O O   . ASN A 1 111 ? 2.295   11.624  8.830   1.00 19.02 ? 118 ASN A O   1 
ATOM   824  C CB  . ASN A 1 111 ? 2.600   13.992  7.222   1.00 20.55 ? 118 ASN A CB  1 
ATOM   825  C CG  . ASN A 1 111 ? 3.446   14.397  8.403   1.00 21.73 ? 118 ASN A CG  1 
ATOM   826  O OD1 . ASN A 1 111 ? 4.551   13.915  8.555   1.00 20.14 ? 118 ASN A OD1 1 
ATOM   827  N ND2 . ASN A 1 111 ? 2.931   15.322  9.242   1.00 20.69 ? 118 ASN A ND2 1 
ATOM   828  N N   . HIS A 1 112 ? 2.716   10.243  7.119   1.00 18.30 ? 119 HIS A N   1 
ATOM   829  C CA  . HIS A 1 112 ? 2.457   9.035   7.915   1.00 18.80 ? 119 HIS A CA  1 
ATOM   830  C C   . HIS A 1 112 ? 3.758   8.473   8.451   1.00 19.40 ? 119 HIS A C   1 
ATOM   831  O O   . HIS A 1 112 ? 4.298   7.536   7.912   1.00 19.41 ? 119 HIS A O   1 
ATOM   832  C CB  . HIS A 1 112 ? 1.689   7.992   7.076   1.00 18.55 ? 119 HIS A CB  1 
ATOM   833  C CG  . HIS A 1 112 ? 0.385   8.516   6.556   1.00 19.13 ? 119 HIS A CG  1 
ATOM   834  N ND1 . HIS A 1 112 ? -0.609  8.982   7.387   1.00 21.01 ? 119 HIS A ND1 1 
ATOM   835  C CD2 . HIS A 1 112 ? -0.100  8.619   5.300   1.00 18.91 ? 119 HIS A CD2 1 
ATOM   836  C CE1 . HIS A 1 112 ? -1.644  9.377   6.665   1.00 16.90 ? 119 HIS A CE1 1 
ATOM   837  N NE2 . HIS A 1 112 ? -1.337  9.222   5.391   1.00 20.64 ? 119 HIS A NE2 1 
ATOM   838  N N   . VAL A 1 113 ? 4.244   9.047   9.549   1.00 20.58 ? 120 VAL A N   1 
ATOM   839  C CA  . VAL A 1 113 ? 5.579   8.720   10.037  1.00 23.12 ? 120 VAL A CA  1 
ATOM   840  C C   . VAL A 1 113 ? 5.760   7.260   10.403  1.00 22.05 ? 120 VAL A C   1 
ATOM   841  O O   . VAL A 1 113 ? 6.786   6.644   10.088  1.00 23.05 ? 120 VAL A O   1 
ATOM   842  C CB  . VAL A 1 113 ? 5.952   9.594   11.273  1.00 23.89 ? 120 VAL A CB  1 
ATOM   843  C CG1 . VAL A 1 113 ? 7.383   9.290   11.671  1.00 26.40 ? 120 VAL A CG1 1 
ATOM   844  C CG2 . VAL A 1 113 ? 5.876   11.082  10.885  1.00 28.11 ? 120 VAL A CG2 1 
ATOM   845  N N   . LYS A 1 114 ? 4.772   6.710   11.122  1.00 23.84 ? 121 LYS A N   1 
ATOM   846  C CA  . LYS A 1 114 ? 4.837   5.297   11.525  1.00 25.07 ? 121 LYS A CA  1 
ATOM   847  C C   . LYS A 1 114 ? 4.938   4.394   10.316  1.00 24.87 ? 121 LYS A C   1 
ATOM   848  O O   . LYS A 1 114 ? 5.653   3.414   10.313  1.00 23.74 ? 121 LYS A O   1 
ATOM   849  C CB  . LYS A 1 114 ? 3.605   4.902   12.361  1.00 26.51 ? 121 LYS A CB  1 
ATOM   850  C CG  . LYS A 1 114 ? 3.787   3.549   13.081  1.00 30.90 ? 121 LYS A CG  1 
ATOM   851  C CD  . LYS A 1 114 ? 2.610   3.212   14.067  1.00 37.43 ? 121 LYS A CD  1 
ATOM   852  N N   . CYS A 1 115 ? 4.134   4.709   9.308   1.00 24.78 ? 122 CYS A N   1 
ATOM   853  C CA  . CYS A 1 115 ? 4.219   4.070   8.035   1.00 24.42 ? 122 CYS A CA  1 
ATOM   854  C C   . CYS A 1 115 ? 5.585   4.195   7.369   1.00 23.58 ? 122 CYS A C   1 
ATOM   855  O O   . CYS A 1 115 ? 6.130   3.198   6.891   1.00 20.75 ? 122 CYS A O   1 
ATOM   856  C CB  . CYS A 1 115 ? 3.192   4.670   7.126   1.00 26.32 ? 122 CYS A CB  1 
ATOM   857  S SG  . CYS A 1 115 ? 2.664   3.397   6.023   1.00 36.84 ? 122 CYS A SG  1 
ATOM   858  N N   . VAL A 1 116 ? 6.120   5.419   7.303   1.00 21.50 ? 123 VAL A N   1 
ATOM   859  C CA  . VAL A 1 116 ? 7.482   5.599   6.786   1.00 21.64 ? 123 VAL A CA  1 
ATOM   860  C C   . VAL A 1 116 ? 8.501   4.710   7.572   1.00 22.24 ? 123 VAL A C   1 
ATOM   861  O O   . VAL A 1 116 ? 9.293   4.003   6.955   1.00 22.90 ? 123 VAL A O   1 
ATOM   862  C CB  . VAL A 1 116 ? 7.920   7.081   6.825   1.00 22.50 ? 123 VAL A CB  1 
ATOM   863  C CG1 . VAL A 1 116 ? 9.400   7.209   6.470   1.00 21.80 ? 123 VAL A CG1 1 
ATOM   864  C CG2 . VAL A 1 116 ? 7.042   7.952   5.916   1.00 20.45 ? 123 VAL A CG2 1 
ATOM   865  N N   . LYS A 1 117 ? 8.478   4.729   8.909   1.00 24.03 ? 124 LYS A N   1 
ATOM   866  C CA  . LYS A 1 117 ? 9.401   3.873   9.681   1.00 24.97 ? 124 LYS A CA  1 
ATOM   867  C C   . LYS A 1 117 ? 9.253   2.404   9.309   1.00 24.96 ? 124 LYS A C   1 
ATOM   868  O O   . LYS A 1 117 ? 10.216  1.709   9.073   1.00 24.16 ? 124 LYS A O   1 
ATOM   869  C CB  . LYS A 1 117 ? 9.128   3.964   11.162  1.00 25.78 ? 124 LYS A CB  1 
ATOM   870  C CG  . LYS A 1 117 ? 9.744   5.155   11.811  1.00 32.15 ? 124 LYS A CG  1 
ATOM   871  C CD  . LYS A 1 117 ? 9.422   5.171   13.300  1.00 39.94 ? 124 LYS A CD  1 
ATOM   872  C CE  . LYS A 1 117 ? 8.511   6.333   13.639  1.00 44.31 ? 124 LYS A CE  1 
ATOM   873  N NZ  . LYS A 1 117 ? 9.353   7.453   14.110  1.00 45.99 ? 124 LYS A NZ  1 
ATOM   874  N N   . MET A 1 118 ? 8.002   1.931   9.256   1.00 24.58 ? 125 MET A N   1 
ATOM   875  C CA  . MET A 1 118 ? 7.732   0.544   8.914   1.00 25.17 ? 125 MET A CA  1 
ATOM   876  C C   . MET A 1 118 ? 8.249   0.181   7.535   1.00 24.90 ? 125 MET A C   1 
ATOM   877  O O   . MET A 1 118 ? 8.875   -0.892  7.369   1.00 24.00 ? 125 MET A O   1 
ATOM   878  C CB  . MET A 1 118 ? 6.216   0.259   9.068   1.00 25.63 ? 125 MET A CB  1 
ATOM   879  C CG  . MET A 1 118 ? 5.807   -1.161  8.951   1.00 27.67 ? 125 MET A CG  1 
ATOM   880  S SD  . MET A 1 118 ? 4.007   -1.336  9.344   1.00 35.99 ? 125 MET A SD  1 
ATOM   881  C CE  . MET A 1 118 ? 3.744   0.251   10.186  1.00 24.33 ? 125 MET A CE  1 
ATOM   882  N N   . LEU A 1 119 ? 8.048   1.059   6.539   1.00 21.83 ? 126 LEU A N   1 
ATOM   883  C CA  . LEU A 1 119 ? 8.581   0.783   5.197   1.00 22.42 ? 126 LEU A CA  1 
ATOM   884  C C   . LEU A 1 119 ? 10.143  0.699   5.140   1.00 22.81 ? 126 LEU A C   1 
ATOM   885  O O   . LEU A 1 119 ? 10.689  -0.268  4.604   1.00 23.06 ? 126 LEU A O   1 
ATOM   886  C CB  . LEU A 1 119 ? 8.060   1.805   4.160   1.00 21.76 ? 126 LEU A CB  1 
ATOM   887  C CG  . LEU A 1 119 ? 6.541   1.673   3.924   1.00 20.70 ? 126 LEU A CG  1 
ATOM   888  C CD1 . LEU A 1 119 ? 6.016   2.920   3.247   1.00 21.07 ? 126 LEU A CD1 1 
ATOM   889  C CD2 . LEU A 1 119 ? 6.242   0.453   3.030   1.00 21.95 ? 126 LEU A CD2 1 
ATOM   890  N N   . LEU A 1 120 ? 10.822  1.704   5.674   1.00 23.34 ? 127 LEU A N   1 
ATOM   891  C CA  . LEU A 1 120 ? 12.315  1.690   5.761   1.00 24.79 ? 127 LEU A CA  1 
ATOM   892  C C   . LEU A 1 120 ? 12.815  0.409   6.443   1.00 27.16 ? 127 LEU A C   1 
ATOM   893  O O   . LEU A 1 120 ? 13.762  -0.221  5.973   1.00 28.35 ? 127 LEU A O   1 
ATOM   894  C CB  . LEU A 1 120 ? 12.825  2.938   6.495   1.00 24.29 ? 127 LEU A CB  1 
ATOM   895  C CG  . LEU A 1 120 ? 12.551  4.240   5.719   1.00 19.61 ? 127 LEU A CG  1 
ATOM   896  C CD1 . LEU A 1 120 ? 12.696  5.473   6.615   1.00 23.49 ? 127 LEU A CD1 1 
ATOM   897  C CD2 . LEU A 1 120 ? 13.439  4.310   4.511   1.00 18.98 ? 127 LEU A CD2 1 
ATOM   898  N N   . GLU A 1 121 ? 12.126  -0.003  7.507   1.00 29.78 ? 128 GLU A N   1 
ATOM   899  C CA  . GLU A 1 121 ? 12.490  -1.203  8.260   1.00 32.93 ? 128 GLU A CA  1 
ATOM   900  C C   . GLU A 1 121 ? 12.351  -2.484  7.442   1.00 32.65 ? 128 GLU A C   1 
ATOM   901  O O   . GLU A 1 121 ? 13.038  -3.463  7.743   1.00 33.12 ? 128 GLU A O   1 
ATOM   902  C CB  . GLU A 1 121 ? 11.746  -1.307  9.598   1.00 33.81 ? 128 GLU A CB  1 
ATOM   903  C CG  . GLU A 1 121 ? 12.134  -0.224  10.663  1.00 40.80 ? 128 GLU A CG  1 
ATOM   904  C CD  . GLU A 1 121 ? 11.165  -0.187  11.856  1.00 47.13 ? 128 GLU A CD  1 
ATOM   905  O OE1 . GLU A 1 121 ? 10.162  -0.956  11.855  1.00 51.20 ? 128 GLU A OE1 1 
ATOM   906  O OE2 . GLU A 1 121 ? 11.387  0.623   12.796  1.00 49.57 ? 128 GLU A OE2 1 
ATOM   907  N N   . SER A 1 122 ? 11.507  -2.455  6.399   1.00 32.66 ? 129 SER A N   1 
ATOM   908  C CA  . SER A 1 122 ? 11.291  -3.547  5.435   1.00 32.28 ? 129 SER A CA  1 
ATOM   909  C C   . SER A 1 122 ? 11.993  -3.384  4.103   1.00 31.38 ? 129 SER A C   1 
ATOM   910  O O   . SER A 1 122 ? 11.688  -4.121  3.166   1.00 31.78 ? 129 SER A O   1 
ATOM   911  C CB  . SER A 1 122 ? 9.794   -3.770  5.121   1.00 32.67 ? 129 SER A CB  1 
ATOM   912  O OG  . SER A 1 122 ? 9.137   -4.346  6.227   1.00 36.76 ? 129 SER A OG  1 
ATOM   913  N N   . GLY A 1 123 ? 12.913  -2.440  3.996   1.00 30.35 ? 130 GLY A N   1 
ATOM   914  C CA  . GLY A 1 123 ? 13.737  -2.322  2.784   1.00 28.84 ? 130 GLY A CA  1 
ATOM   915  C C   . GLY A 1 123 ? 13.389  -1.230  1.804   1.00 26.77 ? 130 GLY A C   1 
ATOM   916  O O   . GLY A 1 123 ? 13.944  -1.189  0.686   1.00 27.16 ? 130 GLY A O   1 
ATOM   917  N N   . ALA A 1 124 ? 12.443  -0.354  2.165   1.00 24.77 ? 131 ALA A N   1 
ATOM   918  C CA  . ALA A 1 124 ? 12.075  0.705   1.233   1.00 23.88 ? 131 ALA A CA  1 
ATOM   919  C C   . ALA A 1 124 ? 13.295  1.615   1.046   1.00 22.81 ? 131 ALA A C   1 
ATOM   920  O O   . ALA A 1 124 ? 13.973  1.923   1.981   1.00 22.93 ? 131 ALA A O   1 
ATOM   921  C CB  . ALA A 1 124 ? 10.926  1.539   1.771   1.00 23.33 ? 131 ALA A CB  1 
ATOM   922  N N   . ASP A 1 125 ? 13.518  2.060   -0.177  1.00 23.82 ? 132 ASP A N   1 
ATOM   923  C CA  . ASP A 1 125 ? 14.672  2.890   -0.513  1.00 21.82 ? 132 ASP A CA  1 
ATOM   924  C C   . ASP A 1 125 ? 14.201  4.342   -0.655  1.00 22.00 ? 132 ASP A C   1 
ATOM   925  O O   . ASP A 1 125 ? 13.449  4.669   -1.600  1.00 20.62 ? 132 ASP A O   1 
ATOM   926  C CB  . ASP A 1 125 ? 15.283  2.317   -1.773  1.00 22.98 ? 132 ASP A CB  1 
ATOM   927  C CG  . ASP A 1 125 ? 16.525  3.056   -2.222  1.00 24.96 ? 132 ASP A CG  1 
ATOM   928  O OD1 . ASP A 1 125 ? 16.819  4.151   -1.720  1.00 24.57 ? 132 ASP A OD1 1 
ATOM   929  O OD2 . ASP A 1 125 ? 17.191  2.518   -3.108  1.00 27.45 ? 132 ASP A OD2 1 
ATOM   930  N N   . PRO A 1 126 ? 14.575  5.210   0.319   1.00 21.44 ? 133 PRO A N   1 
ATOM   931  C CA  . PRO A 1 126 ? 14.125  6.625   0.279   1.00 21.41 ? 133 PRO A CA  1 
ATOM   932  C C   . PRO A 1 126 ? 14.775  7.469   -0.816  1.00 21.01 ? 133 PRO A C   1 
ATOM   933  O O   . PRO A 1 126 ? 14.353  8.623   -1.034  1.00 22.42 ? 133 PRO A O   1 
ATOM   934  C CB  . PRO A 1 126 ? 14.500  7.150   1.658   1.00 21.91 ? 133 PRO A CB  1 
ATOM   935  C CG  . PRO A 1 126 ? 15.654  6.244   2.088   1.00 21.95 ? 133 PRO A CG  1 
ATOM   936  C CD  . PRO A 1 126 ? 15.481  4.937   1.455   1.00 21.60 ? 133 PRO A CD  1 
ATOM   937  N N   . THR A 1 127 ? 15.798  6.946   -1.493  1.00 19.69 ? 134 THR A N   1 
ATOM   938  C CA  . THR A 1 127 ? 16.466  7.810   -2.479  1.00 20.96 ? 134 THR A CA  1 
ATOM   939  C C   . THR A 1 127 ? 16.195  7.404   -3.913  1.00 21.85 ? 134 THR A C   1 
ATOM   940  O O   . THR A 1 127 ? 16.792  7.927   -4.863  1.00 20.69 ? 134 THR A O   1 
ATOM   941  C CB  . THR A 1 127 ? 17.975  7.958   -2.207  1.00 21.02 ? 134 THR A CB  1 
ATOM   942  O OG1 . THR A 1 127 ? 18.590  6.654   -2.183  1.00 21.77 ? 134 THR A OG1 1 
ATOM   943  C CG2 . THR A 1 127 ? 18.142  8.630   -0.806  1.00 20.48 ? 134 THR A CG2 1 
ATOM   944  N N   . ILE A 1 128 ? 15.215  6.504   -4.061  1.00 22.12 ? 135 ILE A N   1 
ATOM   945  C CA  . ILE A 1 128 ? 14.692  6.232   -5.394  1.00 23.44 ? 135 ILE A CA  1 
ATOM   946  C C   . ILE A 1 128 ? 14.098  7.544   -5.933  1.00 22.77 ? 135 ILE A C   1 
ATOM   947  O O   . ILE A 1 128 ? 13.408  8.265   -5.198  1.00 23.11 ? 135 ILE A O   1 
ATOM   948  C CB  . ILE A 1 128 ? 13.620  5.094   -5.348  1.00 23.82 ? 135 ILE A CB  1 
ATOM   949  C CG1 . ILE A 1 128 ? 14.286  3.717   -5.239  1.00 26.52 ? 135 ILE A CG1 1 
ATOM   950  C CG2 . ILE A 1 128 ? 12.652  5.197   -6.598  1.00 27.09 ? 135 ILE A CG2 1 
ATOM   951  C CD1 . ILE A 1 128 ? 13.267  2.601   -4.886  1.00 26.31 ? 135 ILE A CD1 1 
ATOM   952  N N   . GLU A 1 129 ? 14.385  7.862   -7.202  1.00 22.28 ? 136 GLU A N   1 
ATOM   953  C CA  . GLU A 1 129 ? 13.923  9.094   -7.773  1.00 22.40 ? 136 GLU A CA  1 
ATOM   954  C C   . GLU A 1 129 ? 12.761  8.921   -8.759  1.00 22.84 ? 136 GLU A C   1 
ATOM   955  O O   . GLU A 1 129 ? 12.621  7.858   -9.450  1.00 22.08 ? 136 GLU A O   1 
ATOM   956  C CB  . GLU A 1 129 ? 15.053  9.901   -8.386  1.00 23.65 ? 136 GLU A CB  1 
ATOM   957  C CG  . GLU A 1 129 ? 16.176  10.307  -7.418  1.00 21.72 ? 136 GLU A CG  1 
ATOM   958  C CD  . GLU A 1 129 ? 17.366  10.975  -8.128  1.00 24.27 ? 136 GLU A CD  1 
ATOM   959  O OE1 . GLU A 1 129 ? 17.277  11.218  -9.350  1.00 20.62 ? 136 GLU A OE1 1 
ATOM   960  O OE2 . GLU A 1 129 ? 18.396  11.278  -7.457  1.00 27.02 ? 136 GLU A OE2 1 
ATOM   961  N N   . THR A 1 130 ? 11.939  9.953   -8.813  1.00 22.20 ? 137 THR A N   1 
ATOM   962  C CA  . THR A 1 130 ? 10.903  10.055  -9.868  1.00 24.58 ? 137 THR A CA  1 
ATOM   963  C C   . THR A 1 130 ? 11.551  10.426  -11.211 1.00 25.33 ? 137 THR A C   1 
ATOM   964  O O   . THR A 1 130 ? 12.763  10.742  -11.292 1.00 22.13 ? 137 THR A O   1 
ATOM   965  C CB  . THR A 1 130 ? 9.874   11.161  -9.539  1.00 24.74 ? 137 THR A CB  1 
ATOM   966  O OG1 . THR A 1 130 ? 10.546  12.427  -9.609  1.00 29.60 ? 137 THR A OG1 1 
ATOM   967  C CG2 . THR A 1 130 ? 9.307   10.998  -8.149  1.00 25.67 ? 137 THR A CG2 1 
ATOM   968  N N   . ASP A 1 131 ? 10.734  10.483  -12.270 1.00 25.42 ? 138 ASP A N   1 
ATOM   969  C CA  . ASP A 1 131 ? 11.249  10.887  -13.575 1.00 27.80 ? 138 ASP A CA  1 
ATOM   970  C C   . ASP A 1 131 ? 11.827  12.334  -13.562 1.00 29.18 ? 138 ASP A C   1 
ATOM   971  O O   . ASP A 1 131 ? 12.818  12.632  -14.270 1.00 30.00 ? 138 ASP A O   1 
ATOM   972  C CB  . ASP A 1 131 ? 10.199  10.667  -14.715 1.00 27.47 ? 138 ASP A CB  1 
ATOM   973  C CG  . ASP A 1 131 ? 10.774  10.998  -16.140 1.00 30.05 ? 138 ASP A CG  1 
ATOM   974  O OD1 . ASP A 1 131 ? 11.922  10.616  -16.539 1.00 28.10 ? 138 ASP A OD1 1 
ATOM   975  O OD2 . ASP A 1 131 ? 10.085  11.698  -16.873 1.00 29.71 ? 138 ASP A OD2 1 
ATOM   976  N N   . SER A 1 132 ? 11.286  13.210  -12.706 1.00 30.63 ? 139 SER A N   1 
ATOM   977  C CA  . SER A 1 132 ? 11.841  14.578  -12.596 1.00 30.84 ? 139 SER A CA  1 
ATOM   978  C C   . SER A 1 132 ? 12.987  14.686  -11.596 1.00 31.08 ? 139 SER A C   1 
ATOM   979  O O   . SER A 1 132 ? 13.531  15.775  -11.389 1.00 30.98 ? 139 SER A O   1 
ATOM   980  C CB  . SER A 1 132 ? 10.757  15.567  -12.238 1.00 31.18 ? 139 SER A CB  1 
ATOM   981  O OG  . SER A 1 132 ? 10.271  15.257  -10.972 1.00 32.57 ? 139 SER A OG  1 
ATOM   982  N N   . GLY A 1 133 ? 13.403  13.555  -11.012 1.00 29.79 ? 140 GLY A N   1 
ATOM   983  C CA  . GLY A 1 133 ? 14.689  13.515  -10.289 1.00 28.37 ? 140 GLY A CA  1 
ATOM   984  C C   . GLY A 1 133 ? 14.624  13.812  -8.793  1.00 27.16 ? 140 GLY A C   1 
ATOM   985  O O   . GLY A 1 133 ? 15.669  13.967  -8.166  1.00 26.87 ? 140 GLY A O   1 
ATOM   986  N N   . TYR A 1 134 ? 13.426  13.859  -8.222  1.00 25.28 ? 141 TYR A N   1 
ATOM   987  C CA  . TYR A 1 134 ? 13.290  13.962  -6.762  1.00 25.69 ? 141 TYR A CA  1 
ATOM   988  C C   . TYR A 1 134 ? 12.978  12.643  -6.038  1.00 24.63 ? 141 TYR A C   1 
ATOM   989  O O   . TYR A 1 134 ? 12.448  11.727  -6.636  1.00 23.23 ? 141 TYR A O   1 
ATOM   990  C CB  . TYR A 1 134 ? 12.284  15.039  -6.338  1.00 26.55 ? 141 TYR A CB  1 
ATOM   991  C CG  . TYR A 1 134 ? 10.793  14.742  -6.516  1.00 27.30 ? 141 TYR A CG  1 
ATOM   992  C CD1 . TYR A 1 134 ? 10.074  14.028  -5.547  1.00 30.89 ? 141 TYR A CD1 1 
ATOM   993  C CD2 . TYR A 1 134 ? 10.096  15.255  -7.611  1.00 31.89 ? 141 TYR A CD2 1 
ATOM   994  C CE1 . TYR A 1 134 ? 8.689   13.786  -5.688  1.00 32.32 ? 141 TYR A CE1 1 
ATOM   995  C CE2 . TYR A 1 134 ? 8.707   15.029  -7.780  1.00 31.57 ? 141 TYR A CE2 1 
ATOM   996  C CZ  . TYR A 1 134 ? 8.020   14.289  -6.816  1.00 33.20 ? 141 TYR A CZ  1 
ATOM   997  O OH  . TYR A 1 134 ? 6.671   14.067  -6.956  1.00 34.95 ? 141 TYR A OH  1 
ATOM   998  N N   . ASN A 1 135 ? 13.367  12.570  -4.760  1.00 21.80 ? 142 ASN A N   1 
ATOM   999  C CA  . ASN A 1 135 ? 13.203  11.386  -3.952  1.00 21.02 ? 142 ASN A CA  1 
ATOM   1000 C C   . ASN A 1 135 ? 12.287  11.701  -2.749  1.00 20.24 ? 142 ASN A C   1 
ATOM   1001 O O   . ASN A 1 135 ? 11.831  12.849  -2.628  1.00 19.95 ? 142 ASN A O   1 
ATOM   1002 C CB  . ASN A 1 135 ? 14.585  10.846  -3.539  1.00 21.55 ? 142 ASN A CB  1 
ATOM   1003 C CG  . ASN A 1 135 ? 15.311  11.763  -2.632  1.00 20.08 ? 142 ASN A CG  1 
ATOM   1004 O OD1 . ASN A 1 135 ? 14.692  12.402  -1.796  1.00 21.36 ? 142 ASN A OD1 1 
ATOM   1005 N ND2 . ASN A 1 135 ? 16.652  11.826  -2.762  1.00 17.75 ? 142 ASN A ND2 1 
ATOM   1006 N N   . SER A 1 136 ? 12.011  10.692  -1.919  1.00 20.55 ? 143 SER A N   1 
ATOM   1007 C CA  . SER A 1 136 ? 11.217  10.793  -0.670  1.00 22.95 ? 143 SER A CA  1 
ATOM   1008 C C   . SER A 1 136 ? 11.705  11.865  0.308   1.00 20.55 ? 143 SER A C   1 
ATOM   1009 O O   . SER A 1 136 ? 10.905  12.546  0.963   1.00 19.20 ? 143 SER A O   1 
ATOM   1010 C CB  . SER A 1 136 ? 11.288  9.463   0.073   1.00 23.10 ? 143 SER A CB  1 
ATOM   1011 O OG  . SER A 1 136 ? 10.590  8.516   -0.712  1.00 33.00 ? 143 SER A OG  1 
ATOM   1012 N N   . MET A 1 137 ? 13.018  11.960  0.453   1.00 21.64 ? 144 MET A N   1 
ATOM   1013 C CA  . MET A 1 137 ? 13.613  13.055  1.336   1.00 22.02 ? 144 MET A CA  1 
ATOM   1014 C C   . MET A 1 137 ? 13.281  14.440  0.757   1.00 21.24 ? 144 MET A C   1 
ATOM   1015 O O   . MET A 1 137 ? 12.820  15.357  1.471   1.00 20.39 ? 144 MET A O   1 
ATOM   1016 C CB  . MET A 1 137 ? 15.147  12.847  1.495   1.00 22.07 ? 144 MET A CB  1 
ATOM   1017 C CG  . MET A 1 137 ? 15.840  13.936  2.371   1.00 25.49 ? 144 MET A CG  1 
ATOM   1018 S SD  . MET A 1 137 ? 15.042  13.998  4.007   1.00 28.35 ? 144 MET A SD  1 
ATOM   1019 C CE  . MET A 1 137 ? 16.331  14.898  4.932   1.00 33.92 ? 144 MET A CE  1 
ATOM   1020 N N   . ASP A 1 138 ? 13.489  14.600  -0.556  1.00 21.64 ? 145 ASP A N   1 
ATOM   1021 C CA  . ASP A 1 138 ? 13.152  15.822  -1.236  1.00 20.76 ? 145 ASP A CA  1 
ATOM   1022 C C   . ASP A 1 138 ? 11.704  16.212  -1.023  1.00 21.64 ? 145 ASP A C   1 
ATOM   1023 O O   . ASP A 1 138 ? 11.380  17.400  -0.773  1.00 20.49 ? 145 ASP A O   1 
ATOM   1024 C CB  . ASP A 1 138 ? 13.347  15.656  -2.744  1.00 22.55 ? 145 ASP A CB  1 
ATOM   1025 C CG  . ASP A 1 138 ? 14.806  15.492  -3.169  1.00 25.99 ? 145 ASP A CG  1 
ATOM   1026 O OD1 . ASP A 1 138 ? 15.740  16.026  -2.507  1.00 24.80 ? 145 ASP A OD1 1 
ATOM   1027 O OD2 . ASP A 1 138 ? 15.012  14.808  -4.209  1.00 22.15 ? 145 ASP A OD2 1 
ATOM   1028 N N   . LEU A 1 139 ? 10.812  15.225  -1.112  1.00 19.88 ? 146 LEU A N   1 
ATOM   1029 C CA  . LEU A 1 139 ? 9.396   15.501  -0.894  1.00 20.81 ? 146 LEU A CA  1 
ATOM   1030 C C   . LEU A 1 139 ? 9.090   15.988  0.542   1.00 19.70 ? 146 LEU A C   1 
ATOM   1031 O O   . LEU A 1 139 ? 8.376   16.995  0.758   1.00 21.64 ? 146 LEU A O   1 
ATOM   1032 C CB  . LEU A 1 139 ? 8.578   14.237  -1.202  1.00 19.79 ? 146 LEU A CB  1 
ATOM   1033 C CG  . LEU A 1 139 ? 7.034   14.394  -1.106  1.00 20.08 ? 146 LEU A CG  1 
ATOM   1034 C CD1 . LEU A 1 139 ? 6.496   15.404  -2.079  1.00 22.21 ? 146 LEU A CD1 1 
ATOM   1035 C CD2 . LEU A 1 139 ? 6.424   13.022  -1.384  1.00 22.87 ? 146 LEU A CD2 1 
ATOM   1036 N N   . ALA A 1 140 ? 9.655   15.302  1.491   1.00 19.17 ? 147 ALA A N   1 
ATOM   1037 C CA  . ALA A 1 140 ? 9.502   15.612  2.913   1.00 20.42 ? 147 ALA A CA  1 
ATOM   1038 C C   . ALA A 1 140 ? 10.025  17.015  3.257   1.00 20.86 ? 147 ALA A C   1 
ATOM   1039 O O   . ALA A 1 140 ? 9.411   17.758  4.076   1.00 21.41 ? 147 ALA A O   1 
ATOM   1040 C CB  . ALA A 1 140 ? 10.242  14.586  3.729   1.00 18.95 ? 147 ALA A CB  1 
ATOM   1041 N N   . VAL A 1 141 ? 11.119  17.385  2.585   1.00 22.03 ? 148 VAL A N   1 
ATOM   1042 C CA  . VAL A 1 141 ? 11.751  18.687  2.801   1.00 23.03 ? 148 VAL A CA  1 
ATOM   1043 C C   . VAL A 1 141 ? 10.865  19.714  2.220   1.00 23.17 ? 148 VAL A C   1 
ATOM   1044 O O   . VAL A 1 141 ? 10.578  20.700  2.880   1.00 24.14 ? 148 VAL A O   1 
ATOM   1045 C CB  . VAL A 1 141 ? 13.179  18.760  2.195   1.00 21.88 ? 148 VAL A CB  1 
ATOM   1046 C CG1 . VAL A 1 141 ? 13.603  20.257  1.940   1.00 25.43 ? 148 VAL A CG1 1 
ATOM   1047 C CG2 . VAL A 1 141 ? 14.143  18.003  3.107   1.00 23.04 ? 148 VAL A CG2 1 
ATOM   1048 N N   . ALA A 1 142 ? 10.348  19.483  1.025   1.00 22.80 ? 149 ALA A N   1 
ATOM   1049 C CA  . ALA A 1 142 ? 9.485   20.476  0.406   1.00 23.00 ? 149 ALA A CA  1 
ATOM   1050 C C   . ALA A 1 142 ? 8.160   20.705  1.129   1.00 23.07 ? 149 ALA A C   1 
ATOM   1051 O O   . ALA A 1 142 ? 7.705   21.836  1.188   1.00 21.76 ? 149 ALA A O   1 
ATOM   1052 C CB  . ALA A 1 142 ? 9.237   20.179  -1.071  1.00 23.15 ? 149 ALA A CB  1 
ATOM   1053 N N   . LEU A 1 143 ? 7.554   19.649  1.667   1.00 22.46 ? 150 LEU A N   1 
ATOM   1054 C CA  . LEU A 1 143 ? 6.307   19.749  2.427   1.00 22.12 ? 150 LEU A CA  1 
ATOM   1055 C C   . LEU A 1 143 ? 6.550   20.272  3.858   1.00 23.18 ? 150 LEU A C   1 
ATOM   1056 O O   . LEU A 1 143 ? 5.594   20.723  4.531   1.00 23.21 ? 150 LEU A O   1 
ATOM   1057 C CB  . LEU A 1 143 ? 5.605   18.377  2.450   1.00 23.60 ? 150 LEU A CB  1 
ATOM   1058 C CG  . LEU A 1 143 ? 5.094   17.991  1.039   1.00 22.65 ? 150 LEU A CG  1 
ATOM   1059 C CD1 . LEU A 1 143 ? 4.474   16.593  1.035   1.00 24.33 ? 150 LEU A CD1 1 
ATOM   1060 C CD2 . LEU A 1 143 ? 4.080   19.006  0.624   1.00 27.50 ? 150 LEU A CD2 1 
ATOM   1061 N N   . GLY A 1 144 ? 7.814   20.179  4.308   1.00 22.28 ? 151 GLY A N   1 
ATOM   1062 C CA  . GLY A 1 144 ? 8.245   20.599  5.667   1.00 22.53 ? 151 GLY A CA  1 
ATOM   1063 C C   . GLY A 1 144 ? 7.841   19.599  6.743   1.00 23.04 ? 151 GLY A C   1 
ATOM   1064 O O   . GLY A 1 144 ? 7.539   19.991  7.898   1.00 23.01 ? 151 GLY A O   1 
ATOM   1065 N N   . TYR A 1 145 ? 7.759   18.305  6.371   1.00 21.33 ? 152 TYR A N   1 
ATOM   1066 C CA  . TYR A 1 145 ? 7.380   17.262  7.320   1.00 21.51 ? 152 TYR A CA  1 
ATOM   1067 C C   . TYR A 1 145 ? 8.595   16.882  8.143   1.00 22.95 ? 152 TYR A C   1 
ATOM   1068 O O   . TYR A 1 145 ? 9.304   15.926  7.779   1.00 21.51 ? 152 TYR A O   1 
ATOM   1069 C CB  . TYR A 1 145 ? 6.791   16.004  6.604   1.00 20.62 ? 152 TYR A CB  1 
ATOM   1070 C CG  . TYR A 1 145 ? 5.452   16.246  5.974   1.00 20.48 ? 152 TYR A CG  1 
ATOM   1071 C CD1 . TYR A 1 145 ? 4.557   17.191  6.513   1.00 19.80 ? 152 TYR A CD1 1 
ATOM   1072 C CD2 . TYR A 1 145 ? 5.050   15.525  4.834   1.00 21.07 ? 152 TYR A CD2 1 
ATOM   1073 C CE1 . TYR A 1 145 ? 3.311   17.413  5.931   1.00 24.60 ? 152 TYR A CE1 1 
ATOM   1074 C CE2 . TYR A 1 145 ? 3.806   15.756  4.262   1.00 20.60 ? 152 TYR A CE2 1 
ATOM   1075 C CZ  . TYR A 1 145 ? 2.966   16.720  4.802   1.00 23.19 ? 152 TYR A CZ  1 
ATOM   1076 O OH  . TYR A 1 145 ? 1.747   16.938  4.212   1.00 26.96 ? 152 TYR A OH  1 
ATOM   1077 N N   . ARG A 1 146 ? 8.857   17.628  9.237   1.00 23.30 ? 153 ARG A N   1 
ATOM   1078 C CA  . ARG A 1 146 ? 10.196  17.478  9.882   1.00 25.22 ? 153 ARG A CA  1 
ATOM   1079 C C   . ARG A 1 146 ? 10.414  16.122  10.543  1.00 24.85 ? 153 ARG A C   1 
ATOM   1080 O O   . ARG A 1 146 ? 11.539  15.634  10.501  1.00 25.67 ? 153 ARG A O   1 
ATOM   1081 C CB  . ARG A 1 146 ? 10.500  18.575  10.894  1.00 26.90 ? 153 ARG A CB  1 
ATOM   1082 C CG  . ARG A 1 146 ? 9.693   19.830  10.743  1.00 32.77 ? 153 ARG A CG  1 
ATOM   1083 C CD  . ARG A 1 146 ? 10.220  20.867  9.789   1.00 40.21 ? 153 ARG A CD  1 
ATOM   1084 N NE  . ARG A 1 146 ? 9.125   21.815  9.579   1.00 45.11 ? 153 ARG A NE  1 
ATOM   1085 C CZ  . ARG A 1 146 ? 9.026   22.702  8.593   1.00 48.98 ? 153 ARG A CZ  1 
ATOM   1086 N NH1 . ARG A 1 146 ? 7.937   23.423  8.506   1.00 47.84 ? 153 ARG A NH1 1 
ATOM   1087 N NH2 . ARG A 1 146 ? 9.997   22.854  7.681   1.00 54.38 ? 153 ARG A NH2 1 
ATOM   1088 N N   . SER A 1 147 ? 9.385   15.531  11.188  1.00 23.92 ? 154 SER A N   1 
ATOM   1089 C CA  . SER A 1 147 ? 9.593   14.198  11.815  1.00 23.79 ? 154 SER A CA  1 
ATOM   1090 C C   . SER A 1 147 ? 9.944   13.139  10.759  1.00 23.98 ? 154 SER A C   1 
ATOM   1091 O O   . SER A 1 147 ? 10.783  12.255  10.990  1.00 22.37 ? 154 SER A O   1 
ATOM   1092 C CB  . SER A 1 147 ? 8.362   13.712  12.583  1.00 25.20 ? 154 SER A CB  1 
ATOM   1093 O OG  . SER A 1 147 ? 8.017   14.545  13.670  1.00 25.81 ? 154 SER A OG  1 
ATOM   1094 N N   . VAL A 1 148 ? 9.227   13.184  9.635   1.00 22.95 ? 155 VAL A N   1 
ATOM   1095 C CA  . VAL A 1 148 ? 9.536   12.332  8.496   1.00 23.25 ? 155 VAL A CA  1 
ATOM   1096 C C   . VAL A 1 148 ? 11.015  12.536  8.056   1.00 24.43 ? 155 VAL A C   1 
ATOM   1097 O O   . VAL A 1 148 ? 11.705  11.551  7.846   1.00 25.64 ? 155 VAL A O   1 
ATOM   1098 C CB  . VAL A 1 148 ? 8.594   12.567  7.307   1.00 22.73 ? 155 VAL A CB  1 
ATOM   1099 C CG1 . VAL A 1 148 ? 9.087   11.797  6.073   1.00 20.95 ? 155 VAL A CG1 1 
ATOM   1100 C CG2 . VAL A 1 148 ? 7.134   12.067  7.656   1.00 21.77 ? 155 VAL A CG2 1 
ATOM   1101 N N   . GLN A 1 149 ? 11.457  13.798  7.911   1.00 24.47 ? 156 GLN A N   1 
ATOM   1102 C CA  . GLN A 1 149 ? 12.821  14.099  7.472   1.00 25.23 ? 156 GLN A CA  1 
ATOM   1103 C C   . GLN A 1 149 ? 13.802  13.462  8.440   1.00 25.92 ? 156 GLN A C   1 
ATOM   1104 O O   . GLN A 1 149 ? 14.747  12.801  8.009   1.00 24.57 ? 156 GLN A O   1 
ATOM   1105 C CB  . GLN A 1 149 ? 13.063  15.591  7.412   1.00 26.15 ? 156 GLN A CB  1 
ATOM   1106 C CG  . GLN A 1 149 ? 12.249  16.347  6.346   1.00 26.42 ? 156 GLN A CG  1 
ATOM   1107 C CD  . GLN A 1 149 ? 12.340  17.867  6.533   1.00 31.13 ? 156 GLN A CD  1 
ATOM   1108 O OE1 . GLN A 1 149 ? 11.341  18.606  6.404   1.00 27.55 ? 156 GLN A OE1 1 
ATOM   1109 N NE2 . GLN A 1 149 ? 13.548  18.341  6.844   1.00 28.02 ? 156 GLN A NE2 1 
ATOM   1110 N N   . GLN A 1 150 ? 13.524  13.605  9.751   1.00 26.11 ? 157 GLN A N   1 
ATOM   1111 C CA  . GLN A 1 150 ? 14.397  13.025  10.777  1.00 26.23 ? 157 GLN A CA  1 
ATOM   1112 C C   . GLN A 1 150 ? 14.488  11.483  10.631  1.00 25.24 ? 157 GLN A C   1 
ATOM   1113 O O   . GLN A 1 150 ? 15.573  10.890  10.746  1.00 24.44 ? 157 GLN A O   1 
ATOM   1114 C CB  . GLN A 1 150 ? 13.945  13.483  12.182  1.00 27.30 ? 157 GLN A CB  1 
ATOM   1115 C CG  . GLN A 1 150 ? 14.444  12.581  13.339  1.00 29.98 ? 157 GLN A CG  1 
ATOM   1116 N N   . VAL A 1 151 ? 13.363  10.819  10.368  1.00 23.63 ? 158 VAL A N   1 
ATOM   1117 C CA  . VAL A 1 151 ? 13.358  9.346   10.209  1.00 23.69 ? 158 VAL A CA  1 
ATOM   1118 C C   . VAL A 1 151 ? 14.189  8.913   8.995   1.00 23.42 ? 158 VAL A C   1 
ATOM   1119 O O   . VAL A 1 151 ? 15.022  7.998   9.068   1.00 23.33 ? 158 VAL A O   1 
ATOM   1120 C CB  . VAL A 1 151 ? 11.917  8.792   10.049  1.00 24.48 ? 158 VAL A CB  1 
ATOM   1121 C CG1 . VAL A 1 151 ? 11.935  7.391   9.490   1.00 24.03 ? 158 VAL A CG1 1 
ATOM   1122 C CG2 . VAL A 1 151 ? 11.214  8.799   11.365  1.00 25.05 ? 158 VAL A CG2 1 
ATOM   1123 N N   . ILE A 1 152 ? 13.962  9.596   7.880   1.00 22.05 ? 159 ILE A N   1 
ATOM   1124 C CA  . ILE A 1 152 ? 14.727  9.324   6.654   1.00 22.33 ? 159 ILE A CA  1 
ATOM   1125 C C   . ILE A 1 152 ? 16.216  9.682   6.885   1.00 24.39 ? 159 ILE A C   1 
ATOM   1126 O O   . ILE A 1 152 ? 17.097  8.933   6.493   1.00 23.65 ? 159 ILE A O   1 
ATOM   1127 C CB  . ILE A 1 152 ? 14.158  10.068  5.458   1.00 21.77 ? 159 ILE A CB  1 
ATOM   1128 C CG1 . ILE A 1 152 ? 12.715  9.602   5.176   1.00 21.50 ? 159 ILE A CG1 1 
ATOM   1129 C CG2 . ILE A 1 152 ? 15.006  9.755   4.194   1.00 21.74 ? 159 ILE A CG2 1 
ATOM   1130 C CD1 . ILE A 1 152 ? 11.956  10.564  4.204   1.00 18.28 ? 159 ILE A CD1 1 
ATOM   1131 N N   . GLU A 1 153 ? 16.506  10.794  7.556   1.00 26.26 ? 160 GLU A N   1 
ATOM   1132 C CA  . GLU A 1 153 ? 17.954  11.092  7.701   1.00 30.10 ? 160 GLU A CA  1 
ATOM   1133 C C   . GLU A 1 153 ? 18.701  10.119  8.593   1.00 29.37 ? 160 GLU A C   1 
ATOM   1134 O O   . GLU A 1 153 ? 19.858  9.812   8.322   1.00 30.07 ? 160 GLU A O   1 
ATOM   1135 C CB  . GLU A 1 153 ? 18.274  12.559  7.980   1.00 30.93 ? 160 GLU A CB  1 
ATOM   1136 C CG  . GLU A 1 153 ? 17.784  13.085  9.247   1.00 38.14 ? 160 GLU A CG  1 
ATOM   1137 C CD  . GLU A 1 153 ? 18.002  14.602  9.395   1.00 47.90 ? 160 GLU A CD  1 
ATOM   1138 O OE1 . GLU A 1 153 ? 17.732  15.373  8.404   1.00 50.23 ? 160 GLU A OE1 1 
ATOM   1139 O OE2 . GLU A 1 153 ? 18.433  15.001  10.524  1.00 50.37 ? 160 GLU A OE2 1 
ATOM   1140 N N   . SER A 1 154 ? 18.034  9.583   9.608   1.00 29.56 ? 161 SER A N   1 
ATOM   1141 C CA  . SER A 1 154 ? 18.591  8.498   10.418  1.00 30.43 ? 161 SER A CA  1 
ATOM   1142 C C   . SER A 1 154 ? 18.927  7.250   9.623   1.00 29.71 ? 161 SER A C   1 
ATOM   1143 O O   . SER A 1 154 ? 19.935  6.570   9.878   1.00 28.94 ? 161 SER A O   1 
ATOM   1144 C CB  . SER A 1 154 ? 17.605  8.086   11.516  1.00 31.78 ? 161 SER A CB  1 
ATOM   1145 O OG  . SER A 1 154 ? 17.425  9.161   12.410  1.00 35.23 ? 161 SER A OG  1 
ATOM   1146 N N   . HIS A 1 155 ? 18.032  6.894   8.701   1.00 28.88 ? 162 HIS A N   1 
ATOM   1147 C CA  . HIS A 1 155 ? 18.258  5.792   7.779   1.00 27.58 ? 162 HIS A CA  1 
ATOM   1148 C C   . HIS A 1 155 ? 19.456  6.025   6.847   1.00 26.68 ? 162 HIS A C   1 
ATOM   1149 O O   . HIS A 1 155 ? 20.279  5.121   6.627   1.00 26.95 ? 162 HIS A O   1 
ATOM   1150 C CB  . HIS A 1 155 ? 16.972  5.533   6.957   1.00 28.44 ? 162 HIS A CB  1 
ATOM   1151 C CG  . HIS A 1 155 ? 17.078  4.414   5.957   1.00 28.46 ? 162 HIS A CG  1 
ATOM   1152 N ND1 . HIS A 1 155 ? 16.789  3.094   6.273   1.00 32.93 ? 162 HIS A ND1 1 
ATOM   1153 C CD2 . HIS A 1 155 ? 17.361  4.429   4.629   1.00 28.05 ? 162 HIS A CD2 1 
ATOM   1154 C CE1 . HIS A 1 155 ? 16.937  2.348   5.188   1.00 32.53 ? 162 HIS A CE1 1 
ATOM   1155 N NE2 . HIS A 1 155 ? 17.284  3.133   4.178   1.00 27.75 ? 162 HIS A NE2 1 
ATOM   1156 N N   . LEU A 1 156 ? 19.558  7.219   6.290   1.00 26.10 ? 163 LEU A N   1 
ATOM   1157 C CA  . LEU A 1 156 ? 20.676  7.498   5.422   1.00 27.47 ? 163 LEU A CA  1 
ATOM   1158 C C   . LEU A 1 156 ? 22.033  7.544   6.169   1.00 28.87 ? 163 LEU A C   1 
ATOM   1159 O O   . LEU A 1 156 ? 23.052  7.176   5.603   1.00 28.52 ? 163 LEU A O   1 
ATOM   1160 C CB  . LEU A 1 156 ? 20.460  8.806   4.696   1.00 27.55 ? 163 LEU A CB  1 
ATOM   1161 C CG  . LEU A 1 156 ? 19.233  8.845   3.776   1.00 29.02 ? 163 LEU A CG  1 
ATOM   1162 C CD1 . LEU A 1 156 ? 19.061  10.262  3.287   1.00 33.25 ? 163 LEU A CD1 1 
ATOM   1163 C CD2 . LEU A 1 156 ? 19.375  7.873   2.629   1.00 30.73 ? 163 LEU A CD2 1 
ATOM   1164 N N   . LEU A 1 157 ? 22.019  8.022   7.422   1.00 29.97 ? 164 LEU A N   1 
ATOM   1165 C CA  . LEU A 1 157 ? 23.198  7.960   8.321   1.00 31.72 ? 164 LEU A CA  1 
ATOM   1166 C C   . LEU A 1 157 ? 23.717  6.523   8.466   1.00 32.21 ? 164 LEU A C   1 
ATOM   1167 O O   . LEU A 1 157 ? 24.942  6.264   8.394   1.00 31.78 ? 164 LEU A O   1 
ATOM   1168 C CB  . LEU A 1 157 ? 22.822  8.540   9.681   1.00 30.37 ? 164 LEU A CB  1 
ATOM   1169 C CG  . LEU A 1 157 ? 23.837  8.788   10.776  1.00 36.70 ? 164 LEU A CG  1 
ATOM   1170 C CD1 . LEU A 1 157 ? 23.611  10.171  11.386  1.00 40.08 ? 164 LEU A CD1 1 
ATOM   1171 C CD2 . LEU A 1 157 ? 23.724  7.702   11.830  1.00 41.16 ? 164 LEU A CD2 1 
ATOM   1172 N N   . LYS A 1 158 ? 22.798  5.580   8.665   1.00 33.34 ? 165 LYS A N   1 
ATOM   1173 C CA  . LYS A 1 158 ? 23.165  4.161   8.770   1.00 35.78 ? 165 LYS A CA  1 
ATOM   1174 C C   . LYS A 1 158 ? 23.809  3.651   7.482   1.00 36.89 ? 165 LYS A C   1 
ATOM   1175 O O   . LYS A 1 158 ? 24.658  2.744   7.541   1.00 37.77 ? 165 LYS A O   1 
ATOM   1176 C CB  . LYS A 1 158 ? 21.968  3.280   9.140   1.00 35.52 ? 165 LYS A CB  1 
ATOM   1177 C CG  . LYS A 1 158 ? 21.614  3.241   10.635  1.00 36.48 ? 165 LYS A CG  1 
ATOM   1178 C CD  . LYS A 1 158 ? 20.588  2.100   10.908  1.00 38.55 ? 165 LYS A CD  1 
ATOM   1179 N N   . LEU A 1 159 ? 23.405  4.215   6.337   1.00 38.36 ? 166 LEU A N   1 
ATOM   1180 C CA  . LEU A 1 159 ? 23.988  3.844   5.009   1.00 39.80 ? 166 LEU A CA  1 
ATOM   1181 C C   . LEU A 1 159 ? 25.461  4.289   4.821   1.00 40.90 ? 166 LEU A C   1 
ATOM   1182 O O   . LEU A 1 159 ? 26.184  3.733   3.992   1.00 40.53 ? 166 LEU A O   1 
ATOM   1183 C CB  . LEU A 1 159 ? 23.130  4.354   3.834   1.00 39.00 ? 166 LEU A CB  1 
ATOM   1184 C CG  . LEU A 1 159 ? 21.738  3.772   3.501   1.00 37.73 ? 166 LEU A CG  1 
ATOM   1185 C CD1 . LEU A 1 159 ? 21.058  4.558   2.365   1.00 35.49 ? 166 LEU A CD1 1 
ATOM   1186 C CD2 . LEU A 1 159 ? 21.751  2.259   3.178   1.00 38.50 ? 166 LEU A CD2 1 
ATOM   1187 N N   . LEU A 1 160 ? 25.885  5.284   5.596   1.00 43.21 ? 167 LEU A N   1 
ATOM   1188 C CA  . LEU A 1 160 ? 27.281  5.729   5.668   1.00 45.44 ? 167 LEU A CA  1 
ATOM   1189 C C   . LEU A 1 160 ? 28.333  4.690   6.144   1.00 47.96 ? 167 LEU A C   1 
ATOM   1190 O O   . LEU A 1 160 ? 29.543  4.906   5.987   1.00 48.50 ? 167 LEU A O   1 
ATOM   1191 C CB  . LEU A 1 160 ? 27.377  7.012   6.496   1.00 45.03 ? 167 LEU A CB  1 
ATOM   1192 C CG  . LEU A 1 160 ? 27.164  8.351   5.798   1.00 45.28 ? 167 LEU A CG  1 
ATOM   1193 C CD1 . LEU A 1 160 ? 27.455  9.517   6.746   1.00 44.71 ? 167 LEU A CD1 1 
ATOM   1194 C CD2 . LEU A 1 160 ? 28.076  8.440   4.589   1.00 47.28 ? 167 LEU A CD2 1 
ATOM   1195 N N   . GLN A 1 161 ? 27.897  3.572   6.728   1.00 50.40 ? 168 GLN A N   1 
ATOM   1196 C CA  . GLN A 1 161 ? 28.739  2.366   6.768   1.00 52.88 ? 168 GLN A CA  1 
ATOM   1197 C C   . GLN A 1 161 ? 28.106  1.251   5.868   1.00 53.97 ? 168 GLN A C   1 
ATOM   1198 O O   . GLN A 1 161 ? 27.130  0.631   6.311   1.00 54.61 ? 168 GLN A O   1 
ATOM   1199 C CB  . GLN A 1 161 ? 28.934  1.892   8.225   1.00 53.19 ? 168 GLN A CB  1 
ATOM   1200 N N   . ASN A 1 162 ? 28.582  0.972   4.636   1.00 55.15 ? 169 ASN A N   1 
ATOM   1201 C CA  . ASN A 1 162 ? 29.709  1.606   3.883   1.00 56.47 ? 169 ASN A CA  1 
ATOM   1202 C C   . ASN A 1 162 ? 31.092  1.581   4.575   1.00 56.94 ? 169 ASN A C   1 
ATOM   1203 O O   . ASN A 1 162 ? 31.872  0.637   4.381   1.00 57.47 ? 169 ASN A O   1 
ATOM   1204 C CB  . ASN A 1 162 ? 29.336  3.014   3.343   1.00 56.35 ? 169 ASN A CB  1 
ATOM   1205 C CG  . ASN A 1 162 ? 30.404  3.613   2.412   1.00 57.13 ? 169 ASN A CG  1 
ATOM   1206 O OD1 . ASN A 1 162 ? 31.188  2.887   1.788   1.00 58.95 ? 169 ASN A OD1 1 
ATOM   1207 N ND2 . ASN A 1 162 ? 30.420  4.946   2.306   1.00 54.91 ? 169 ASN A ND2 1 
HETATM 1208 O O   . HOH B 2 .   ? -12.429 -16.678 -5.235  1.00 23.29 ? 2   HOH A O   1 
HETATM 1209 O O   . HOH B 2 .   ? 12.329  7.843   -2.854  1.00 29.76 ? 3   HOH A O   1 
HETATM 1210 O O   . HOH B 2 .   ? -8.186  -9.412  -4.070  1.00 18.40 ? 4   HOH A O   1 
HETATM 1211 O O   . HOH B 2 .   ? -0.386  10.047  0.579   1.00 26.34 ? 5   HOH A O   1 
HETATM 1212 O O   . HOH B 2 .   ? 6.646   14.952  9.814   1.00 15.98 ? 6   HOH A O   1 
HETATM 1213 O O   . HOH B 2 .   ? 18.141  10.386  -4.807  1.00 16.89 ? 170 HOH A O   1 
HETATM 1214 O O   . HOH B 2 .   ? 1.533   6.336   10.022  1.00 25.53 ? 171 HOH A O   1 
HETATM 1215 O O   . HOH B 2 .   ? 8.628   2.519   -1.142  1.00 25.69 ? 172 HOH A O   1 
HETATM 1216 O O   . HOH B 2 .   ? 3.518   -3.814  -3.603  1.00 34.46 ? 173 HOH A O   1 
HETATM 1217 O O   . HOH B 2 .   ? -4.950  -0.287  9.105   1.00 22.37 ? 174 HOH A O   1 
HETATM 1218 O O   . HOH B 2 .   ? -14.974 -19.853 -10.870 1.00 28.72 ? 175 HOH A O   1 
HETATM 1219 O O   . HOH B 2 .   ? -9.836  -14.707 -8.785  1.00 26.30 ? 176 HOH A O   1 
HETATM 1220 O O   . HOH B 2 .   ? 13.367  22.594  9.027   1.00 40.42 ? 177 HOH A O   1 
HETATM 1221 O O   . HOH B 2 .   ? -4.432  -6.845  -5.080  1.00 21.22 ? 178 HOH A O   1 
HETATM 1222 O O   . HOH B 2 .   ? -2.839  -14.582 -0.024  1.00 25.75 ? 179 HOH A O   1 
HETATM 1223 O O   . HOH B 2 .   ? 17.210  13.806  -5.679  1.00 24.00 ? 180 HOH A O   1 
HETATM 1224 O O   . HOH B 2 .   ? 18.168  2.551   1.153   1.00 35.61 ? 181 HOH A O   1 
HETATM 1225 O O   . HOH B 2 .   ? -2.002  -5.247  -4.956  1.00 20.13 ? 182 HOH A O   1 
HETATM 1226 O O   . HOH B 2 .   ? -11.680 -4.490  10.472  1.00 29.88 ? 183 HOH A O   1 
HETATM 1227 O O   . HOH B 2 .   ? -0.607  12.534  8.784   1.00 32.16 ? 184 HOH A O   1 
HETATM 1228 O O   . HOH B 2 .   ? 15.037  10.874  -12.869 1.00 32.66 ? 185 HOH A O   1 
HETATM 1229 O O   . HOH B 2 .   ? 15.665  2.329   8.858   1.00 41.11 ? 186 HOH A O   1 
HETATM 1230 O O   . HOH B 2 .   ? 0.522   16.636  8.604   1.00 28.81 ? 187 HOH A O   1 
HETATM 1231 O O   . HOH B 2 .   ? 0.873   -4.555  -2.365  1.00 20.84 ? 188 HOH A O   1 
HETATM 1232 O O   . HOH B 2 .   ? -23.014 -15.412 -2.862  1.00 37.02 ? 189 HOH A O   1 
HETATM 1233 O O   . HOH B 2 .   ? 6.187   1.892   12.871  1.00 44.77 ? 190 HOH A O   1 
HETATM 1234 O O   . HOH B 2 .   ? -12.982 -5.075  7.875   1.00 27.22 ? 191 HOH A O   1 
HETATM 1235 O O   . HOH B 2 .   ? -0.189  -7.288  -11.804 1.00 25.11 ? 192 HOH A O   1 
HETATM 1236 O O   . HOH B 2 .   ? 3.751   2.499   -6.047  1.00 26.45 ? 193 HOH A O   1 
HETATM 1237 O O   . HOH B 2 .   ? 5.962   -4.252  9.288   1.00 40.48 ? 194 HOH A O   1 
HETATM 1238 O O   . HOH B 2 .   ? 13.032  19.485  -1.681  1.00 22.99 ? 195 HOH A O   1 
HETATM 1239 O O   . HOH B 2 .   ? -20.592 -20.380 -1.135  1.00 29.81 ? 196 HOH A O   1 
HETATM 1240 O O   . HOH B 2 .   ? -2.757  -11.284 7.084   1.00 27.43 ? 197 HOH A O   1 
HETATM 1241 O O   . HOH B 2 .   ? -3.664  10.560  4.156   1.00 26.92 ? 198 HOH A O   1 
HETATM 1242 O O   . HOH B 2 .   ? -0.552  9.026   10.135  1.00 28.97 ? 199 HOH A O   1 
HETATM 1243 O O   . HOH B 2 .   ? 15.484  18.747  -0.690  1.00 36.22 ? 200 HOH A O   1 
HETATM 1244 O O   . HOH B 2 .   ? 2.680   7.999   12.496  1.00 40.66 ? 201 HOH A O   1 
HETATM 1245 O O   . HOH B 2 .   ? -22.890 1.146   -3.112  1.00 25.82 ? 202 HOH A O   1 
HETATM 1246 O O   . HOH B 2 .   ? -20.813 -0.598  -5.556  1.00 36.54 ? 203 HOH A O   1 
HETATM 1247 O O   . HOH B 2 .   ? -5.675  -9.417  -5.255  1.00 27.27 ? 204 HOH A O   1 
HETATM 1248 O O   . HOH B 2 .   ? -0.044  -4.540  13.286  1.00 36.56 ? 205 HOH A O   1 
HETATM 1249 O O   . HOH B 2 .   ? -1.469  -5.929  11.258  1.00 28.96 ? 206 HOH A O   1 
HETATM 1250 O O   . HOH B 2 .   ? -17.842 -19.891 -10.531 1.00 36.08 ? 207 HOH A O   1 
HETATM 1251 O O   . HOH B 2 .   ? 0.892   13.048  11.030  1.00 35.91 ? 208 HOH A O   1 
HETATM 1252 O O   . HOH B 2 .   ? -16.128 1.293   4.263   1.00 38.12 ? 209 HOH A O   1 
HETATM 1253 O O   . HOH B 2 .   ? 6.675   3.582   15.248  1.00 46.93 ? 210 HOH A O   1 
HETATM 1254 O O   . HOH B 2 .   ? -14.936 -17.806 1.507   1.00 23.67 ? 211 HOH A O   1 
HETATM 1255 O O   . HOH B 2 .   ? -1.921  -1.907  15.722  1.00 42.27 ? 212 HOH A O   1 
HETATM 1256 O O   . HOH B 2 .   ? -13.317 -19.771 0.389   1.00 43.29 ? 213 HOH A O   1 
# 
